data_5HNA
#
_entry.id   5HNA
#
_cell.length_a   107.447
_cell.length_b   108.616
_cell.length_c   140.668
_cell.angle_alpha   90.000
_cell.angle_beta   90.000
_cell.angle_gamma   90.000
#
_symmetry.space_group_name_H-M   'P 21 21 21'
#
loop_
_entity.id
_entity.type
_entity.pdbx_description
1 polymer 'Farnesyl pyrophosphate synthase, putative'
2 non-polymer '4-chloro-2-{[3-(decyloxy)-5-hydroxybenzyl]oxy}-5-sulfamoylbenzoic acid'
3 water water
#
_entity_poly.entity_id   1
_entity_poly.type   'polypeptide(L)'
_entity_poly.pdbx_seq_one_letter_code
;MKETNSEEADSGLAFFRNMYDKYRDAFLSHLNEYSLEEEIKEHISKYYKLLFDYNCLGGKNNRGILVILIYEYVKNRDIN
SSEWEKAACLAWCIEILQAAFLVADDIMDKGEMRRNKYCWYLLKDVETKNAVNDVLLLYNSIYKLIEIYLRNESCYVDVI
ATFRDATLKTIIGQHLDTNIFSDKYSDAHREIDVNNINVPEQPVIDINMINFGVYKNIVIHKTAYYSFFLPIVCGMLLAG
IAVDNLIYKKIEDISMLMGEYFQIHDDYLDIFGDSTKTGKVGSDIQNNKLTWPLIKTFELCSEPDKIKIVKNYGKNNLAC
VKVIDSLYEQYKIRKHYESYEKAQKAKILSAINELHHEGIEYVLKYLLEILFTGV
;
_entity_poly.pdbx_strand_id   A,B,C,D
#
loop_
_chem_comp.id
_chem_comp.type
_chem_comp.name
_chem_comp.formula
63D non-polymer '4-chloro-2-{[3-(decyloxy)-5-hydroxybenzyl]oxy}-5-sulfamoylbenzoic acid' 'C24 H32 Cl N O7 S'
#
# COMPACT_ATOMS: atom_id res chain seq x y z
N LEU A 13 -39.10 -2.18 31.82
CA LEU A 13 -38.51 -0.86 31.65
C LEU A 13 -37.15 -0.99 30.95
N ALA A 14 -36.05 -1.04 31.74
CA ALA A 14 -34.73 -1.33 31.18
C ALA A 14 -34.60 -2.81 30.66
N PHE A 15 -35.71 -3.56 30.69
CA PHE A 15 -35.87 -4.84 30.00
C PHE A 15 -35.56 -4.75 28.51
N PHE A 16 -35.40 -3.54 27.97
CA PHE A 16 -35.21 -3.36 26.54
C PHE A 16 -33.94 -4.04 26.06
N ARG A 17 -33.03 -4.39 26.98
CA ARG A 17 -31.96 -5.31 26.64
C ARG A 17 -32.51 -6.60 26.06
N ASN A 18 -33.67 -7.05 26.53
CA ASN A 18 -34.24 -8.32 26.10
C ASN A 18 -34.88 -8.24 24.72
N MET A 19 -35.31 -7.05 24.30
CA MET A 19 -36.09 -6.91 23.07
C MET A 19 -35.22 -6.80 21.82
N TYR A 20 -33.90 -6.77 21.98
CA TYR A 20 -33.00 -6.60 20.85
C TYR A 20 -33.24 -7.67 19.78
N ASP A 21 -33.39 -8.93 20.20
CA ASP A 21 -33.46 -10.01 19.22
C ASP A 21 -34.69 -9.89 18.32
N LYS A 22 -35.76 -9.30 18.83
CA LYS A 22 -36.98 -9.22 18.05
C LYS A 22 -36.98 -8.04 17.08
N TYR A 23 -36.39 -6.90 17.45
CA TYR A 23 -36.27 -5.81 16.49
C TYR A 23 -35.26 -6.18 15.41
N ARG A 24 -34.17 -6.86 15.78
CA ARG A 24 -33.21 -7.33 14.79
C ARG A 24 -33.83 -8.36 13.85
N ASP A 25 -34.61 -9.31 14.39
CA ASP A 25 -35.25 -10.30 13.54
C ASP A 25 -36.36 -9.69 12.69
N ALA A 26 -37.02 -8.65 13.20
CA ALA A 26 -38.00 -7.90 12.41
C ALA A 26 -37.38 -7.36 11.13
N PHE A 27 -36.24 -6.69 11.26
CA PHE A 27 -35.58 -6.19 10.06
C PHE A 27 -35.10 -7.34 9.19
N LEU A 28 -34.51 -8.38 9.80
CA LEU A 28 -33.93 -9.44 8.99
C LEU A 28 -34.98 -10.14 8.13
N SER A 29 -36.22 -10.25 8.59
CA SER A 29 -37.24 -10.91 7.78
C SER A 29 -37.85 -9.98 6.74
N HIS A 30 -37.63 -8.66 6.84
CA HIS A 30 -37.92 -7.81 5.68
C HIS A 30 -37.01 -8.17 4.52
N LEU A 31 -35.71 -8.33 4.79
CA LEU A 31 -34.79 -8.83 3.77
C LEU A 31 -35.16 -10.23 3.32
N ASN A 32 -35.63 -11.08 4.25
CA ASN A 32 -35.82 -12.48 3.91
C ASN A 32 -37.02 -12.73 3.01
N GLU A 33 -37.83 -11.72 2.68
CA GLU A 33 -38.92 -11.91 1.73
C GLU A 33 -38.64 -11.24 0.40
N TYR A 34 -37.37 -10.90 0.13
CA TYR A 34 -36.96 -10.46 -1.20
C TYR A 34 -37.02 -11.62 -2.18
N SER A 35 -37.15 -11.29 -3.46
CA SER A 35 -37.15 -12.31 -4.53
C SER A 35 -35.71 -12.71 -4.83
N LEU A 36 -35.23 -13.69 -4.08
CA LEU A 36 -33.88 -14.22 -4.23
C LEU A 36 -33.93 -15.73 -4.02
N GLU A 37 -32.97 -16.43 -4.63
CA GLU A 37 -32.87 -17.87 -4.44
C GLU A 37 -32.78 -18.23 -2.96
N GLU A 38 -33.06 -19.48 -2.61
CA GLU A 38 -33.10 -19.84 -1.21
C GLU A 38 -31.70 -19.89 -0.60
N GLU A 39 -30.69 -20.30 -1.38
CA GLU A 39 -29.33 -20.33 -0.87
C GLU A 39 -28.76 -18.92 -0.74
N ILE A 40 -29.10 -18.01 -1.67
CA ILE A 40 -28.67 -16.62 -1.56
C ILE A 40 -29.26 -15.98 -0.31
N LYS A 41 -30.54 -16.28 -0.02
CA LYS A 41 -31.23 -15.70 1.15
C LYS A 41 -30.53 -16.04 2.46
N GLU A 42 -29.94 -17.22 2.56
CA GLU A 42 -29.41 -17.62 3.86
C GLU A 42 -28.02 -17.04 4.09
N HIS A 43 -27.27 -16.78 3.00
CA HIS A 43 -26.00 -16.08 3.11
C HIS A 43 -26.21 -14.65 3.58
N ILE A 44 -27.17 -13.96 2.97
CA ILE A 44 -27.49 -12.59 3.38
C ILE A 44 -27.84 -12.56 4.87
N SER A 45 -28.73 -13.44 5.32
CA SER A 45 -29.15 -13.34 6.70
C SER A 45 -28.02 -13.71 7.66
N LYS A 46 -27.12 -14.59 7.27
CA LYS A 46 -25.98 -14.90 8.13
C LYS A 46 -25.03 -13.71 8.25
N TYR A 47 -24.80 -12.98 7.17
CA TYR A 47 -23.89 -11.84 7.23
C TYR A 47 -24.49 -10.68 8.02
N TYR A 48 -25.76 -10.36 7.76
CA TYR A 48 -26.35 -9.20 8.42
C TYR A 48 -26.71 -9.48 9.87
N LYS A 49 -26.93 -10.74 10.24
CA LYS A 49 -27.00 -11.05 11.66
C LYS A 49 -25.70 -10.63 12.35
N LEU A 50 -24.57 -11.04 11.80
CA LEU A 50 -23.29 -10.65 12.39
C LEU A 50 -23.07 -9.15 12.31
N LEU A 51 -23.56 -8.50 11.26
CA LEU A 51 -23.38 -7.05 11.18
C LEU A 51 -24.01 -6.37 12.38
N PHE A 52 -25.30 -6.64 12.63
CA PHE A 52 -25.98 -6.05 13.77
C PHE A 52 -25.34 -6.45 15.10
N ASP A 53 -25.08 -7.75 15.28
CA ASP A 53 -24.62 -8.20 16.59
C ASP A 53 -23.23 -7.66 16.90
N TYR A 54 -22.35 -7.62 15.92
CA TYR A 54 -20.99 -7.12 16.15
C TYR A 54 -20.98 -5.63 16.54
N ASN A 55 -21.92 -4.82 16.03
CA ASN A 55 -21.80 -3.37 16.16
C ASN A 55 -22.92 -2.68 16.96
N CYS A 56 -24.01 -3.34 17.28
CA CYS A 56 -24.99 -2.73 18.17
C CYS A 56 -24.83 -3.18 19.61
N LEU A 57 -24.05 -4.22 19.85
CA LEU A 57 -23.85 -4.79 21.17
C LEU A 57 -22.45 -4.48 21.66
N GLY A 58 -22.28 -4.49 22.99
CA GLY A 58 -21.02 -4.22 23.62
C GLY A 58 -20.87 -2.81 24.12
N GLY A 59 -21.74 -1.90 23.70
CA GLY A 59 -21.73 -0.57 24.26
C GLY A 59 -22.52 -0.48 25.55
N LYS A 60 -22.45 0.71 26.18
CA LYS A 60 -23.16 0.97 27.42
C LYS A 60 -24.64 1.25 27.20
N ASN A 61 -25.05 1.59 25.98
CA ASN A 61 -26.46 1.82 25.61
C ASN A 61 -27.05 3.03 26.32
N ASN A 62 -26.22 4.04 26.55
CA ASN A 62 -26.69 5.24 27.24
C ASN A 62 -27.76 5.94 26.42
N ARG A 63 -27.60 6.01 25.10
CA ARG A 63 -28.62 6.69 24.32
C ARG A 63 -29.91 5.89 24.30
N GLY A 64 -29.82 4.58 24.12
CA GLY A 64 -31.03 3.77 24.14
C GLY A 64 -31.78 3.88 25.45
N ILE A 65 -31.05 3.83 26.57
CA ILE A 65 -31.67 3.89 27.89
C ILE A 65 -32.37 5.21 28.10
N LEU A 66 -31.78 6.30 27.60
CA LEU A 66 -32.35 7.64 27.77
C LEU A 66 -33.73 7.76 27.14
N VAL A 67 -33.97 7.07 26.03
CA VAL A 67 -35.29 7.09 25.42
C VAL A 67 -36.30 6.41 26.33
N ILE A 68 -35.95 5.23 26.84
CA ILE A 68 -36.89 4.46 27.66
C ILE A 68 -37.25 5.22 28.92
N LEU A 69 -36.23 5.78 29.59
CA LEU A 69 -36.49 6.53 30.83
C LEU A 69 -37.38 7.74 30.58
N ILE A 70 -37.01 8.60 29.63
CA ILE A 70 -37.79 9.81 29.40
C ILE A 70 -39.22 9.45 29.07
N TYR A 71 -39.43 8.35 28.35
CA TYR A 71 -40.77 7.93 28.00
C TYR A 71 -41.58 7.59 29.25
N GLU A 72 -40.98 6.81 30.15
CA GLU A 72 -41.64 6.40 31.39
C GLU A 72 -41.89 7.60 32.33
N TYR A 73 -40.94 8.52 32.45
CA TYR A 73 -41.07 9.65 33.37
C TYR A 73 -41.79 10.85 32.77
N VAL A 74 -42.25 10.79 31.53
CA VAL A 74 -43.29 11.70 31.06
C VAL A 74 -44.66 11.00 31.02
N LYS A 75 -44.71 9.71 31.35
CA LYS A 75 -45.96 8.95 31.52
C LYS A 75 -46.71 8.89 30.19
N ASP A 78 -47.80 4.25 33.73
CA ASP A 78 -49.14 4.05 33.17
C ASP A 78 -49.09 3.37 31.79
N ILE A 79 -48.14 2.47 31.59
CA ILE A 79 -47.62 2.13 30.26
C ILE A 79 -47.93 0.68 29.93
N ASN A 80 -48.62 0.46 28.81
CA ASN A 80 -48.96 -0.92 28.48
C ASN A 80 -47.88 -1.59 27.63
N SER A 81 -48.05 -2.88 27.41
CA SER A 81 -47.04 -3.68 26.71
C SER A 81 -46.86 -3.23 25.27
N SER A 82 -47.96 -2.86 24.61
CA SER A 82 -47.86 -2.39 23.23
C SER A 82 -47.05 -1.10 23.15
N GLU A 83 -47.25 -0.18 24.11
CA GLU A 83 -46.49 1.06 24.06
C GLU A 83 -45.01 0.82 24.34
N TRP A 84 -44.66 -0.17 25.16
CA TRP A 84 -43.24 -0.42 25.37
C TRP A 84 -42.57 -0.94 24.10
N GLU A 85 -43.31 -1.70 23.28
CA GLU A 85 -42.75 -2.24 22.05
C GLU A 85 -42.41 -1.13 21.06
N LYS A 86 -43.15 -0.03 21.10
CA LYS A 86 -42.81 1.12 20.28
C LYS A 86 -41.60 1.86 20.84
N ALA A 87 -41.63 2.17 22.14
CA ALA A 87 -40.55 2.95 22.73
C ALA A 87 -39.21 2.23 22.63
N ALA A 88 -39.20 0.90 22.89
CA ALA A 88 -37.95 0.16 22.77
C ALA A 88 -37.48 0.03 21.31
N CYS A 89 -38.39 0.15 20.34
CA CYS A 89 -37.96 0.28 18.95
C CYS A 89 -37.15 1.56 18.74
N LEU A 90 -37.69 2.70 19.21
CA LEU A 90 -36.93 3.94 19.09
C LEU A 90 -35.60 3.87 19.83
N ALA A 91 -35.54 3.09 20.90
CA ALA A 91 -34.30 2.97 21.67
C ALA A 91 -33.22 2.21 20.90
N TRP A 92 -33.58 1.11 20.23
CA TRP A 92 -32.61 0.38 19.44
C TRP A 92 -32.31 1.06 18.11
N CYS A 93 -33.30 1.75 17.54
CA CYS A 93 -33.03 2.63 16.41
C CYS A 93 -31.88 3.58 16.72
N ILE A 94 -31.84 4.15 17.93
CA ILE A 94 -30.72 5.06 18.17
C ILE A 94 -29.46 4.26 18.45
N GLU A 95 -29.61 3.05 18.97
CA GLU A 95 -28.42 2.21 19.11
C GLU A 95 -27.92 1.73 17.77
N ILE A 96 -28.82 1.49 16.80
CA ILE A 96 -28.33 1.16 15.47
C ILE A 96 -27.68 2.38 14.86
N LEU A 97 -28.28 3.56 15.05
CA LEU A 97 -27.68 4.79 14.57
C LEU A 97 -26.24 4.88 15.03
N GLN A 98 -25.99 4.59 16.30
CA GLN A 98 -24.61 4.64 16.75
C GLN A 98 -23.78 3.49 16.22
N ALA A 99 -24.38 2.38 15.83
CA ALA A 99 -23.59 1.38 15.12
C ALA A 99 -23.08 1.97 13.81
N ALA A 100 -23.97 2.61 13.05
CA ALA A 100 -23.56 3.17 11.77
C ALA A 100 -22.49 4.24 11.94
N PHE A 101 -22.62 5.08 12.98
CA PHE A 101 -21.65 6.13 13.24
C PHE A 101 -20.27 5.58 13.60
N LEU A 102 -20.19 4.38 14.19
CA LEU A 102 -18.88 3.81 14.46
C LEU A 102 -18.21 3.27 13.22
N VAL A 103 -18.89 2.35 12.54
CA VAL A 103 -18.33 1.78 11.31
C VAL A 103 -17.75 2.91 10.49
N ALA A 104 -18.46 4.04 10.44
CA ALA A 104 -18.03 5.20 9.65
C ALA A 104 -16.91 5.97 10.35
N ASP A 105 -17.05 6.28 11.63
CA ASP A 105 -15.95 6.96 12.31
C ASP A 105 -14.67 6.14 12.25
N ASP A 106 -14.77 4.82 12.35
CA ASP A 106 -13.54 4.03 12.38
C ASP A 106 -12.89 3.95 11.01
N ILE A 107 -13.66 3.98 9.91
CA ILE A 107 -13.05 4.04 8.58
C ILE A 107 -12.26 5.34 8.43
N MET A 108 -12.91 6.46 8.76
CA MET A 108 -12.33 7.77 8.48
C MET A 108 -11.13 8.09 9.36
N ASP A 109 -11.09 7.59 10.60
CA ASP A 109 -9.97 7.84 11.48
C ASP A 109 -8.97 6.70 11.51
N LYS A 110 -9.14 5.67 10.68
CA LYS A 110 -8.32 4.46 10.68
C LYS A 110 -8.21 3.87 12.10
N GLY A 111 -9.35 3.55 12.69
CA GLY A 111 -9.35 2.98 14.01
C GLY A 111 -8.76 1.58 14.05
N GLU A 112 -8.35 1.15 15.24
CA GLU A 112 -7.85 -0.20 15.45
C GLU A 112 -8.82 -1.04 16.26
N MET A 113 -9.25 -0.52 17.40
CA MET A 113 -10.10 -1.24 18.34
C MET A 113 -11.32 -0.39 18.64
N ARG A 114 -12.49 -0.99 18.59
CA ARG A 114 -13.72 -0.33 19.01
C ARG A 114 -14.50 -1.27 19.93
N ARG A 115 -14.70 -0.87 21.18
CA ARG A 115 -15.42 -1.68 22.17
C ARG A 115 -14.72 -3.02 22.40
N ASN A 116 -13.40 -2.97 22.55
CA ASN A 116 -12.55 -4.11 22.89
C ASN A 116 -12.47 -5.17 21.80
N LYS A 117 -13.05 -4.92 20.63
CA LYS A 117 -12.93 -5.79 19.47
C LYS A 117 -12.26 -5.00 18.36
N TYR A 118 -11.85 -5.74 17.32
CA TYR A 118 -11.36 -5.12 16.10
C TYR A 118 -12.45 -4.25 15.48
N CYS A 119 -12.04 -3.15 14.85
CA CYS A 119 -13.00 -2.36 14.09
C CYS A 119 -13.52 -3.17 12.92
N TRP A 120 -14.80 -2.99 12.60
CA TRP A 120 -15.47 -3.82 11.61
C TRP A 120 -14.76 -3.79 10.26
N TYR A 121 -14.45 -2.61 9.73
CA TYR A 121 -13.79 -2.51 8.43
C TYR A 121 -12.42 -3.22 8.38
N LEU A 122 -11.83 -3.52 9.54
CA LEU A 122 -10.51 -4.09 9.51
C LEU A 122 -10.51 -5.59 9.28
N LEU A 123 -11.66 -6.25 9.40
CA LEU A 123 -11.70 -7.69 9.25
C LEU A 123 -11.54 -8.06 7.80
N LYS A 124 -10.83 -9.13 7.53
CA LYS A 124 -10.52 -9.45 6.15
C LYS A 124 -11.74 -9.97 5.38
N ASP A 125 -12.78 -10.46 6.08
CA ASP A 125 -14.03 -10.87 5.45
C ASP A 125 -14.95 -9.69 5.15
N VAL A 126 -14.55 -8.47 5.44
CA VAL A 126 -15.45 -7.36 5.20
C VAL A 126 -14.67 -6.23 4.54
N GLU A 127 -13.55 -5.82 5.13
CA GLU A 127 -12.69 -4.78 4.56
C GLU A 127 -13.42 -3.44 4.42
N THR A 128 -12.85 -2.49 3.66
CA THR A 128 -13.49 -1.18 3.51
C THR A 128 -14.70 -1.24 2.58
N LYS A 129 -14.65 -2.06 1.52
CA LYS A 129 -15.75 -2.10 0.55
C LYS A 129 -17.05 -2.56 1.19
N ASN A 130 -17.02 -3.59 2.05
CA ASN A 130 -18.27 -3.94 2.71
C ASN A 130 -18.64 -2.94 3.81
N ALA A 131 -17.63 -2.36 4.49
CA ALA A 131 -17.94 -1.48 5.63
C ALA A 131 -18.74 -0.27 5.19
N VAL A 132 -18.31 0.41 4.11
CA VAL A 132 -19.06 1.55 3.58
C VAL A 132 -20.49 1.15 3.27
N ASN A 133 -20.66 0.02 2.60
CA ASN A 133 -22.01 -0.46 2.26
C ASN A 133 -22.81 -0.79 3.51
N ASP A 134 -22.14 -1.29 4.55
CA ASP A 134 -22.82 -1.61 5.80
C ASP A 134 -23.28 -0.38 6.59
N VAL A 135 -22.57 0.75 6.54
CA VAL A 135 -23.10 1.89 7.28
C VAL A 135 -24.40 2.39 6.64
N LEU A 136 -24.55 2.24 5.32
CA LEU A 136 -25.83 2.61 4.71
C LEU A 136 -26.94 1.61 5.02
N LEU A 137 -26.62 0.33 5.10
CA LEU A 137 -27.66 -0.61 5.49
C LEU A 137 -28.12 -0.33 6.92
N LEU A 138 -27.18 -0.19 7.85
CA LEU A 138 -27.54 0.10 9.23
C LEU A 138 -28.32 1.41 9.34
N TYR A 139 -27.83 2.46 8.69
CA TYR A 139 -28.55 3.72 8.73
C TYR A 139 -29.98 3.56 8.21
N ASN A 140 -30.17 2.81 7.13
CA ASN A 140 -31.48 2.72 6.53
C ASN A 140 -32.41 1.76 7.27
N SER A 141 -31.87 0.66 7.81
CA SER A 141 -32.66 -0.26 8.62
C SER A 141 -33.40 0.44 9.75
N ILE A 142 -32.85 1.55 10.26
CA ILE A 142 -33.52 2.34 11.28
C ILE A 142 -34.90 2.77 10.81
N TYR A 143 -34.98 3.27 9.60
CA TYR A 143 -36.25 3.80 9.12
C TYR A 143 -37.22 2.70 8.74
N LYS A 144 -36.74 1.51 8.41
CA LYS A 144 -37.65 0.39 8.27
C LYS A 144 -38.24 0.00 9.62
N LEU A 145 -37.42 -0.02 10.67
CA LEU A 145 -37.90 -0.40 12.00
C LEU A 145 -38.94 0.59 12.50
N ILE A 146 -38.65 1.89 12.35
CA ILE A 146 -39.59 2.91 12.79
C ILE A 146 -40.94 2.75 12.10
N GLU A 147 -40.91 2.39 10.81
CA GLU A 147 -42.16 2.19 10.08
C GLU A 147 -42.91 0.95 10.60
N ILE A 148 -42.26 -0.21 10.64
CA ILE A 148 -42.91 -1.42 11.14
C ILE A 148 -43.68 -1.17 12.43
N TYR A 149 -43.11 -0.39 13.37
CA TYR A 149 -43.71 -0.22 14.68
C TYR A 149 -44.45 1.11 14.86
N LEU A 150 -44.27 2.10 14.00
CA LEU A 150 -44.88 3.41 14.23
C LEU A 150 -45.61 4.00 13.03
N ARG A 151 -45.92 3.21 11.98
CA ARG A 151 -46.66 3.75 10.82
C ARG A 151 -47.88 4.52 11.26
N ASN A 152 -48.63 3.96 12.20
CA ASN A 152 -49.95 4.44 12.51
C ASN A 152 -49.99 5.29 13.75
N GLU A 153 -48.84 5.82 14.19
CA GLU A 153 -48.82 6.78 15.27
C GLU A 153 -48.82 8.19 14.72
N SER A 154 -49.37 9.11 15.50
CA SER A 154 -49.44 10.50 15.04
C SER A 154 -48.06 11.15 15.02
N CYS A 155 -47.18 10.77 15.95
CA CYS A 155 -45.81 11.28 15.97
C CYS A 155 -44.91 10.70 14.86
N TYR A 156 -45.43 9.85 13.97
CA TYR A 156 -44.56 9.08 13.07
C TYR A 156 -43.66 9.99 12.23
N VAL A 157 -44.24 11.00 11.59
CA VAL A 157 -43.46 11.87 10.71
C VAL A 157 -42.47 12.71 11.54
N ASP A 158 -42.89 13.16 12.73
CA ASP A 158 -42.00 13.96 13.57
C ASP A 158 -40.78 13.16 14.03
N VAL A 159 -40.96 11.86 14.27
CA VAL A 159 -39.85 10.99 14.64
C VAL A 159 -38.88 10.85 13.47
N ILE A 160 -39.37 10.52 12.26
CA ILE A 160 -38.44 10.35 11.13
C ILE A 160 -37.71 11.65 10.83
N ALA A 161 -38.38 12.79 10.99
CA ALA A 161 -37.68 14.05 10.74
C ALA A 161 -36.64 14.34 11.80
N THR A 162 -36.91 13.99 13.05
CA THR A 162 -35.91 14.23 14.09
C THR A 162 -34.66 13.38 13.86
N PHE A 163 -34.83 12.12 13.49
CA PHE A 163 -33.68 11.29 13.09
C PHE A 163 -32.94 11.89 11.89
N ARG A 164 -33.64 12.52 10.97
CA ARG A 164 -32.98 13.01 9.78
C ARG A 164 -32.21 14.29 10.07
N ASP A 165 -32.84 15.26 10.73
CA ASP A 165 -32.14 16.50 11.05
C ASP A 165 -31.04 16.28 12.09
N ALA A 166 -31.20 15.30 12.97
CA ALA A 166 -30.10 15.02 13.87
C ALA A 166 -28.93 14.45 13.08
N THR A 167 -29.20 13.45 12.24
CA THR A 167 -28.13 12.83 11.47
C THR A 167 -27.37 13.86 10.62
N LEU A 168 -28.10 14.78 9.98
CA LEU A 168 -27.47 15.82 9.19
C LEU A 168 -26.49 16.66 10.01
N LYS A 169 -26.90 17.05 11.23
CA LYS A 169 -26.00 17.85 12.05
C LYS A 169 -24.74 17.08 12.42
N THR A 170 -24.86 15.79 12.75
CA THR A 170 -23.64 15.11 13.11
C THR A 170 -22.80 14.81 11.88
N ILE A 171 -23.41 14.70 10.70
CA ILE A 171 -22.61 14.65 9.47
C ILE A 171 -21.77 15.93 9.31
N ILE A 172 -22.38 17.10 9.57
CA ILE A 172 -21.65 18.35 9.44
C ILE A 172 -20.56 18.45 10.49
N GLY A 173 -20.90 18.16 11.75
CA GLY A 173 -19.89 18.18 12.79
C GLY A 173 -18.74 17.23 12.49
N GLN A 174 -19.04 16.04 11.99
CA GLN A 174 -17.96 15.12 11.68
C GLN A 174 -17.12 15.62 10.51
N HIS A 175 -17.72 16.38 9.60
CA HIS A 175 -16.97 17.02 8.52
C HIS A 175 -15.99 18.07 9.08
N LEU A 176 -16.45 18.90 10.01
CA LEU A 176 -15.55 19.91 10.57
C LEU A 176 -14.46 19.27 11.38
N ASP A 177 -14.80 18.24 12.15
CA ASP A 177 -13.81 17.53 12.94
C ASP A 177 -12.71 16.94 12.08
N THR A 178 -13.05 16.56 10.84
CA THR A 178 -12.10 15.94 9.93
C THR A 178 -11.22 16.96 9.21
N ASN A 179 -11.73 18.17 8.94
CA ASN A 179 -11.07 19.10 8.05
C ASN A 179 -10.65 20.44 8.67
N ILE A 180 -10.95 20.69 9.96
CA ILE A 180 -10.67 22.01 10.54
C ILE A 180 -9.19 22.34 10.43
N PHE A 181 -8.31 21.34 10.44
CA PHE A 181 -6.88 21.59 10.28
C PHE A 181 -6.38 21.45 8.84
N SER A 182 -7.20 21.02 7.89
CA SER A 182 -6.66 20.84 6.55
C SER A 182 -6.54 22.19 5.83
N ASP A 183 -5.82 22.15 4.69
CA ASP A 183 -5.51 23.37 3.95
C ASP A 183 -6.76 24.07 3.42
N LYS A 184 -7.79 23.31 3.04
CA LYS A 184 -8.94 23.99 2.45
C LYS A 184 -9.69 24.86 3.45
N TYR A 185 -9.37 24.77 4.73
CA TYR A 185 -10.00 25.60 5.75
C TYR A 185 -9.07 26.73 6.21
N SER A 186 -8.07 27.08 5.42
CA SER A 186 -7.16 28.19 5.76
C SER A 186 -7.29 29.36 4.75
N ARG A 190 -9.07 29.56 0.20
CA ARG A 190 -8.49 28.75 -0.87
C ARG A 190 -9.58 28.14 -1.72
N GLU A 191 -9.24 27.05 -2.42
CA GLU A 191 -10.20 26.26 -3.18
C GLU A 191 -9.66 24.84 -3.31
N ILE A 192 -10.54 23.91 -3.70
CA ILE A 192 -10.17 22.51 -3.81
C ILE A 192 -9.68 22.22 -5.22
N ASP A 193 -8.49 21.62 -5.33
CA ASP A 193 -7.92 21.24 -6.62
C ASP A 193 -8.58 19.94 -7.09
N VAL A 194 -9.34 20.03 -8.17
CA VAL A 194 -9.99 18.86 -8.76
C VAL A 194 -9.04 18.26 -9.79
N ASN A 195 -7.79 18.76 -9.83
CA ASN A 195 -6.75 18.12 -10.61
C ASN A 195 -5.77 17.31 -9.77
N ASN A 196 -5.70 17.56 -8.47
CA ASN A 196 -4.70 16.92 -7.62
C ASN A 196 -5.25 15.60 -7.09
N ILE A 197 -4.61 14.51 -7.51
CA ILE A 197 -4.88 13.19 -6.97
C ILE A 197 -3.53 12.59 -6.63
N ASN A 198 -2.49 13.42 -6.67
CA ASN A 198 -1.12 12.90 -6.58
C ASN A 198 -0.37 13.38 -5.36
N VAL A 199 -0.29 14.69 -5.13
CA VAL A 199 0.44 15.26 -4.01
C VAL A 199 -0.42 15.15 -2.77
N PRO A 200 -0.17 14.22 -1.85
CA PRO A 200 -1.01 14.09 -0.65
C PRO A 200 -0.75 15.21 0.35
N GLU A 201 -1.78 15.53 1.13
CA GLU A 201 -1.69 16.60 2.12
C GLU A 201 -1.06 16.02 3.38
N GLN A 202 0.07 16.59 3.80
CA GLN A 202 0.61 16.11 5.07
C GLN A 202 -0.11 16.81 6.23
N PRO A 203 -0.50 16.06 7.26
CA PRO A 203 -1.33 16.65 8.32
C PRO A 203 -0.53 17.61 9.19
N VAL A 204 -1.10 18.78 9.42
CA VAL A 204 -0.46 19.82 10.23
C VAL A 204 -1.51 20.52 11.07
N ILE A 205 -1.05 21.26 12.05
CA ILE A 205 -1.87 22.07 12.93
C ILE A 205 -2.05 23.47 12.34
N ASP A 206 -3.25 24.04 12.52
CA ASP A 206 -3.53 25.44 12.18
C ASP A 206 -3.86 26.17 13.47
N ILE A 207 -2.99 27.09 13.90
CA ILE A 207 -3.15 27.71 15.22
C ILE A 207 -4.38 28.61 15.26
N ASN A 208 -4.84 29.13 14.11
CA ASN A 208 -6.05 29.94 14.12
C ASN A 208 -7.28 29.17 14.56
N MET A 209 -7.25 27.85 14.51
CA MET A 209 -8.40 27.03 14.84
C MET A 209 -8.35 26.45 16.25
N ILE A 210 -7.32 26.76 17.03
CA ILE A 210 -7.19 26.19 18.38
C ILE A 210 -7.83 27.20 19.34
N ASN A 211 -9.16 27.17 19.40
CA ASN A 211 -9.90 28.00 20.32
C ASN A 211 -11.19 27.29 20.68
N PHE A 212 -11.82 27.71 21.80
CA PHE A 212 -13.03 27.05 22.27
C PHE A 212 -14.28 27.42 21.46
N GLY A 213 -14.30 28.60 20.85
CA GLY A 213 -15.40 28.90 19.94
C GLY A 213 -15.54 27.82 18.88
N VAL A 214 -14.45 27.54 18.17
CA VAL A 214 -14.51 26.58 17.07
C VAL A 214 -14.82 25.19 17.61
N TYR A 215 -14.17 24.80 18.69
CA TYR A 215 -14.36 23.46 19.24
C TYR A 215 -15.81 23.21 19.66
N LYS A 216 -16.45 24.21 20.31
CA LYS A 216 -17.87 24.08 20.65
C LYS A 216 -18.73 23.91 19.42
N ASN A 217 -18.35 24.56 18.31
CA ASN A 217 -19.07 24.35 17.06
C ASN A 217 -18.96 22.90 16.63
N ILE A 218 -17.74 22.37 16.62
CA ILE A 218 -17.54 21.00 16.20
C ILE A 218 -18.30 20.04 17.11
N VAL A 219 -18.05 20.13 18.41
CA VAL A 219 -18.55 19.13 19.34
C VAL A 219 -20.08 19.15 19.41
N ILE A 220 -20.68 20.33 19.50
CA ILE A 220 -22.14 20.40 19.54
C ILE A 220 -22.75 19.66 18.34
N HIS A 221 -22.19 19.84 17.15
CA HIS A 221 -22.81 19.20 16.01
C HIS A 221 -22.45 17.72 15.94
N LYS A 222 -21.19 17.39 16.15
CA LYS A 222 -20.71 16.00 16.09
C LYS A 222 -21.34 15.12 17.15
N THR A 223 -21.90 15.68 18.21
CA THR A 223 -22.21 14.84 19.37
C THR A 223 -23.54 15.19 20.04
N ALA A 224 -23.81 16.47 20.25
CA ALA A 224 -24.91 16.85 21.12
C ALA A 224 -26.27 16.46 20.56
N TYR A 225 -26.44 16.53 19.25
CA TYR A 225 -27.77 16.32 18.70
C TYR A 225 -28.18 14.85 18.74
N TYR A 226 -27.34 13.94 18.27
CA TYR A 226 -27.79 12.55 18.25
C TYR A 226 -27.57 11.87 19.58
N SER A 227 -26.64 12.34 20.39
CA SER A 227 -26.42 11.69 21.66
C SER A 227 -27.40 12.16 22.74
N PHE A 228 -27.89 13.41 22.64
CA PHE A 228 -28.79 13.89 23.69
C PHE A 228 -30.12 14.39 23.15
N PHE A 229 -30.10 15.40 22.27
CA PHE A 229 -31.36 15.98 21.81
C PHE A 229 -32.26 14.91 21.20
N LEU A 230 -31.71 14.07 20.32
CA LEU A 230 -32.54 13.10 19.62
C LEU A 230 -33.15 12.05 20.54
N PRO A 231 -32.40 11.34 21.40
CA PRO A 231 -33.07 10.36 22.27
C PRO A 231 -34.08 11.00 23.22
N ILE A 232 -33.86 12.24 23.66
CA ILE A 232 -34.84 12.87 24.53
C ILE A 232 -36.09 13.28 23.74
N VAL A 233 -35.90 13.94 22.58
CA VAL A 233 -37.03 14.32 21.73
C VAL A 233 -37.86 13.10 21.31
N CYS A 234 -37.20 11.98 21.02
CA CYS A 234 -37.98 10.79 20.66
C CYS A 234 -38.88 10.36 21.81
N GLY A 235 -38.33 10.33 23.03
CA GLY A 235 -39.15 10.04 24.21
C GLY A 235 -40.36 10.93 24.34
N MET A 236 -40.15 12.25 24.32
CA MET A 236 -41.25 13.20 24.44
C MET A 236 -42.24 13.06 23.28
N LEU A 237 -41.77 12.94 22.04
CA LEU A 237 -42.72 12.84 20.93
C LEU A 237 -43.65 11.65 21.11
N LEU A 238 -43.09 10.49 21.46
CA LEU A 238 -43.90 9.32 21.72
C LEU A 238 -44.92 9.57 22.82
N ALA A 239 -44.52 10.32 23.86
CA ALA A 239 -45.39 10.64 24.99
C ALA A 239 -46.47 11.69 24.67
N GLY A 240 -46.41 12.35 23.51
CA GLY A 240 -47.45 13.30 23.13
C GLY A 240 -47.23 14.76 23.51
N ILE A 241 -46.21 15.40 22.96
CA ILE A 241 -46.01 16.82 23.22
C ILE A 241 -45.28 17.51 22.06
N ASP A 244 -42.78 22.01 18.91
CA ASP A 244 -44.19 22.12 19.31
C ASP A 244 -44.28 23.07 20.53
N ASN A 245 -44.11 22.47 21.70
CA ASN A 245 -44.06 23.16 22.99
C ASN A 245 -42.69 23.77 23.23
N LEU A 246 -42.66 24.85 24.01
CA LEU A 246 -41.42 25.61 24.23
C LEU A 246 -40.40 24.85 25.08
N ILE A 247 -40.82 23.76 25.74
CA ILE A 247 -39.87 22.96 26.50
C ILE A 247 -38.81 22.36 25.58
N TYR A 248 -39.17 22.05 24.32
CA TYR A 248 -38.22 21.51 23.34
C TYR A 248 -37.04 22.43 23.11
N LYS A 249 -37.25 23.74 23.19
CA LYS A 249 -36.11 24.63 23.03
C LYS A 249 -35.20 24.55 24.24
N LYS A 250 -35.76 24.40 25.44
CA LYS A 250 -34.94 24.22 26.63
C LYS A 250 -34.13 22.92 26.57
N ILE A 251 -34.73 21.84 26.07
CA ILE A 251 -34.00 20.60 25.93
C ILE A 251 -32.83 20.78 24.97
N GLU A 252 -32.98 21.64 23.95
CA GLU A 252 -31.91 21.83 22.98
C GLU A 252 -30.66 22.44 23.63
N ASP A 253 -30.83 23.40 24.56
CA ASP A 253 -29.64 24.01 25.17
C ASP A 253 -29.04 23.12 26.25
N ILE A 254 -29.86 22.42 27.01
CA ILE A 254 -29.30 21.40 27.88
C ILE A 254 -28.45 20.46 27.04
N SER A 255 -29.04 19.93 25.96
CA SER A 255 -28.32 18.99 25.10
C SER A 255 -26.94 19.52 24.72
N MET A 256 -26.85 20.81 24.41
CA MET A 256 -25.59 21.36 23.96
C MET A 256 -24.58 21.41 25.09
N LEU A 257 -25.01 21.79 26.29
CA LEU A 257 -24.12 21.77 27.44
C LEU A 257 -23.66 20.35 27.75
N MET A 258 -24.54 19.36 27.57
CA MET A 258 -24.16 17.98 27.87
C MET A 258 -23.29 17.37 26.78
N GLY A 259 -23.44 17.82 25.54
CA GLY A 259 -22.56 17.32 24.48
C GLY A 259 -21.13 17.76 24.70
N GLU A 260 -20.93 19.05 24.97
CA GLU A 260 -19.61 19.55 25.35
C GLU A 260 -19.03 18.76 26.53
N TYR A 261 -19.80 18.66 27.61
CA TYR A 261 -19.36 17.93 28.80
C TYR A 261 -18.87 16.54 28.46
N PHE A 262 -19.56 15.87 27.53
CA PHE A 262 -19.34 14.47 27.27
C PHE A 262 -18.16 14.27 26.32
N GLN A 263 -18.07 15.08 25.29
CA GLN A 263 -16.90 15.02 24.41
C GLN A 263 -15.62 15.41 25.15
N ILE A 264 -15.68 16.47 25.97
CA ILE A 264 -14.48 16.87 26.71
C ILE A 264 -14.02 15.76 27.64
N HIS A 265 -14.94 15.08 28.31
CA HIS A 265 -14.56 13.92 29.09
C HIS A 265 -13.92 12.85 28.22
N ASP A 266 -14.55 12.54 27.07
CA ASP A 266 -13.97 11.63 26.10
C ASP A 266 -12.55 12.05 25.69
N ASP A 267 -12.35 13.33 25.39
CA ASP A 267 -11.01 13.82 25.06
C ASP A 267 -10.01 13.52 26.17
N TYR A 268 -10.43 13.70 27.41
CA TYR A 268 -9.54 13.52 28.55
C TYR A 268 -9.23 12.05 28.78
N LEU A 269 -10.14 11.17 28.39
CA LEU A 269 -9.86 9.74 28.47
C LEU A 269 -8.93 9.28 27.37
N ASP A 270 -8.92 9.97 26.21
CA ASP A 270 -8.05 9.57 25.10
C ASP A 270 -6.57 9.56 25.53
N ILE A 271 -6.17 10.52 26.36
CA ILE A 271 -4.81 10.53 26.90
C ILE A 271 -4.72 9.70 28.19
N PHE A 272 -5.76 9.68 29.02
CA PHE A 272 -5.80 8.85 30.24
C PHE A 272 -6.92 7.80 30.18
N ASP A 274 -6.15 4.25 28.17
CA ASP A 274 -6.34 2.94 28.77
C ASP A 274 -7.52 2.18 28.15
N SER A 275 -7.23 1.29 27.20
CA SER A 275 -8.29 0.61 26.46
C SER A 275 -9.02 -0.48 27.24
N THR A 276 -8.62 -0.76 28.49
CA THR A 276 -9.42 -1.67 29.31
C THR A 276 -10.82 -1.10 29.54
N LYS A 277 -10.89 0.14 30.01
CA LYS A 277 -12.16 0.77 30.35
C LYS A 277 -12.82 1.46 29.17
N THR A 278 -12.04 2.12 28.30
CA THR A 278 -12.64 2.81 27.16
C THR A 278 -12.93 1.87 25.99
N GLY A 279 -12.13 0.81 25.81
CA GLY A 279 -12.33 -0.11 24.70
C GLY A 279 -11.77 0.30 23.37
N LYS A 280 -10.98 1.38 23.30
CA LYS A 280 -10.41 1.84 22.03
C LYS A 280 -8.97 2.31 22.24
N VAL A 281 -8.21 2.35 21.15
CA VAL A 281 -6.81 2.77 21.19
C VAL A 281 -6.74 4.29 21.25
N SER A 283 -5.43 7.69 20.84
CA SER A 283 -4.88 7.99 19.51
C SER A 283 -5.15 9.41 18.94
N ASP A 284 -5.62 10.36 19.77
CA ASP A 284 -5.99 11.68 19.26
C ASP A 284 -4.77 12.48 18.81
N ILE A 285 -3.67 12.42 19.56
CA ILE A 285 -2.47 13.20 19.22
C ILE A 285 -1.94 12.79 17.86
N GLN A 286 -1.59 11.51 17.73
CA GLN A 286 -1.24 10.83 16.48
C GLN A 286 -2.12 11.25 15.31
N ASN A 287 -3.44 11.34 15.53
CA ASN A 287 -4.41 11.54 14.45
C ASN A 287 -4.74 13.01 14.19
N ASN A 288 -3.92 13.94 14.71
CA ASN A 288 -4.04 15.37 14.41
C ASN A 288 -5.40 15.96 14.78
N LYS A 289 -5.98 15.49 15.88
CA LYS A 289 -7.33 15.89 16.26
C LYS A 289 -7.34 17.19 17.08
N LEU A 290 -8.32 18.04 16.80
CA LEU A 290 -8.62 19.17 17.68
C LEU A 290 -9.30 18.66 18.95
N THR A 291 -8.59 18.67 20.09
CA THR A 291 -9.12 18.20 21.37
C THR A 291 -9.04 19.30 22.43
N TRP A 292 -9.84 19.12 23.48
CA TRP A 292 -9.79 20.03 24.61
C TRP A 292 -8.41 20.07 25.29
N PRO A 293 -7.75 18.95 25.62
CA PRO A 293 -6.36 19.05 26.12
C PRO A 293 -5.48 19.95 25.29
N LEU A 294 -5.52 19.82 23.96
CA LEU A 294 -4.73 20.68 23.09
C LEU A 294 -5.08 22.15 23.26
N ILE A 295 -6.38 22.47 23.26
CA ILE A 295 -6.77 23.87 23.34
C ILE A 295 -6.37 24.47 24.68
N LYS A 296 -6.71 23.79 25.77
CA LYS A 296 -6.33 24.25 27.10
C LYS A 296 -4.83 24.44 27.21
N THR A 297 -4.06 23.46 26.72
CA THR A 297 -2.62 23.54 26.81
C THR A 297 -2.08 24.72 26.03
N PHE A 298 -2.78 25.08 24.95
CA PHE A 298 -2.40 26.22 24.12
C PHE A 298 -2.69 27.54 24.81
N GLU A 299 -3.68 27.59 25.71
CA GLU A 299 -3.90 28.80 26.50
C GLU A 299 -2.79 28.98 27.54
N LEU A 300 -2.47 27.91 28.26
CA LEU A 300 -1.61 28.03 29.42
C LEU A 300 -0.13 28.16 29.08
N CYS A 301 0.29 27.78 27.88
CA CYS A 301 1.69 27.50 27.65
C CYS A 301 2.41 28.70 27.05
N SER A 302 3.73 28.73 27.29
CA SER A 302 4.66 29.71 26.74
C SER A 302 4.82 29.52 25.25
N GLU A 303 5.29 30.56 24.55
CA GLU A 303 5.32 30.33 23.11
C GLU A 303 6.48 29.47 22.62
N PRO A 304 7.59 29.25 23.37
CA PRO A 304 8.50 28.18 22.93
C PRO A 304 7.85 26.82 22.99
N ASP A 305 6.87 26.65 23.88
CA ASP A 305 6.13 25.40 23.95
C ASP A 305 5.02 25.34 22.92
N LYS A 306 4.49 26.49 22.50
CA LYS A 306 3.62 26.49 21.33
C LYS A 306 4.35 25.94 20.12
N ILE A 307 5.63 26.27 19.97
CA ILE A 307 6.40 25.83 18.82
C ILE A 307 6.67 24.34 18.90
N LYS A 308 6.88 23.80 20.11
CA LYS A 308 7.03 22.36 20.28
C LYS A 308 5.76 21.62 19.86
N ILE A 309 4.60 22.09 20.34
CA ILE A 309 3.32 21.50 19.94
C ILE A 309 3.23 21.40 18.42
N VAL A 310 3.30 22.55 17.73
CA VAL A 310 3.22 22.58 16.27
C VAL A 310 4.19 21.58 15.65
N LYS A 311 5.35 21.39 16.26
CA LYS A 311 6.36 20.50 15.68
C LYS A 311 6.07 19.03 15.94
N ASN A 312 5.29 18.72 16.97
CA ASN A 312 5.12 17.35 17.43
C ASN A 312 3.70 16.80 17.33
N TYR A 313 2.69 17.66 17.22
CA TYR A 313 1.32 17.17 17.12
C TYR A 313 1.05 16.57 15.74
N GLY A 314 0.26 15.50 15.72
CA GLY A 314 -0.17 14.92 14.47
C GLY A 314 0.84 14.05 13.76
N LYS A 315 1.88 13.61 14.45
CA LYS A 315 2.95 12.83 13.83
C LYS A 315 2.83 11.39 14.29
N ASN A 316 2.88 10.46 13.33
CA ASN A 316 2.89 9.03 13.62
C ASN A 316 4.30 8.60 14.03
N ASN A 317 4.68 9.00 15.24
CA ASN A 317 6.04 8.92 15.71
C ASN A 317 5.99 8.77 17.23
N LEU A 318 6.79 7.86 17.77
CA LEU A 318 6.69 7.60 19.20
C LEU A 318 7.33 8.72 20.03
N ALA A 319 8.45 9.27 19.59
CA ALA A 319 9.01 10.42 20.27
C ALA A 319 8.02 11.59 20.29
N CYS A 320 7.26 11.75 19.21
CA CYS A 320 6.48 12.97 19.06
C CYS A 320 5.29 12.99 20.02
N VAL A 321 4.58 11.87 20.18
CA VAL A 321 3.44 11.89 21.09
C VAL A 321 3.93 11.92 22.54
N LYS A 322 5.14 11.41 22.79
CA LYS A 322 5.71 11.52 24.13
C LYS A 322 6.01 12.97 24.51
N VAL A 323 6.35 13.81 23.52
CA VAL A 323 6.57 15.23 23.82
C VAL A 323 5.25 15.90 24.17
N ILE A 324 4.20 15.63 23.39
CA ILE A 324 2.88 16.19 23.65
C ILE A 324 2.34 15.70 24.98
N ASP A 325 2.53 14.40 25.29
CA ASP A 325 2.17 13.86 26.59
C ASP A 325 2.89 14.59 27.72
N SER A 326 4.21 14.73 27.60
CA SER A 326 4.96 15.49 28.58
C SER A 326 4.34 16.86 28.81
N LEU A 327 3.88 17.52 27.75
CA LEU A 327 3.33 18.86 27.90
C LEU A 327 2.00 18.83 28.64
N TYR A 328 1.17 17.82 28.39
CA TYR A 328 -0.08 17.74 29.15
C TYR A 328 0.20 17.54 30.63
N GLU A 329 1.15 16.67 30.97
CA GLU A 329 1.50 16.49 32.38
C GLU A 329 2.05 17.78 32.99
N GLN A 330 2.85 18.52 32.22
CA GLN A 330 3.58 19.65 32.78
C GLN A 330 2.65 20.83 33.06
N TYR A 331 1.69 21.08 32.18
CA TYR A 331 0.71 22.14 32.41
C TYR A 331 -0.50 21.66 33.19
N LYS A 332 -0.43 20.47 33.81
CA LYS A 332 -1.39 20.01 34.80
C LYS A 332 -2.81 19.93 34.22
N ILE A 333 -2.94 19.11 33.18
CA ILE A 333 -4.21 19.06 32.45
C ILE A 333 -5.27 18.36 33.27
N ARG A 334 -4.89 17.37 34.09
CA ARG A 334 -5.89 16.70 34.92
C ARG A 334 -6.47 17.66 35.95
N LYS A 335 -5.62 18.54 36.52
CA LYS A 335 -6.11 19.54 37.46
C LYS A 335 -7.10 20.49 36.79
N HIS A 336 -6.79 20.94 35.57
CA HIS A 336 -7.73 21.82 34.88
C HIS A 336 -8.98 21.10 34.42
N TYR A 337 -8.87 19.81 34.08
CA TYR A 337 -10.09 19.07 33.72
C TYR A 337 -11.02 18.97 34.91
N GLU A 338 -10.49 18.68 36.09
CA GLU A 338 -11.32 18.65 37.28
C GLU A 338 -12.05 19.98 37.49
N SER A 339 -11.37 21.11 37.25
CA SER A 339 -12.05 22.40 37.42
C SER A 339 -13.19 22.53 36.43
N TYR A 340 -12.87 22.39 35.12
CA TYR A 340 -13.91 22.47 34.10
C TYR A 340 -15.09 21.58 34.45
N GLU A 341 -14.81 20.31 34.75
CA GLU A 341 -15.84 19.32 35.02
C GLU A 341 -16.82 19.79 36.09
N LYS A 342 -16.33 20.44 37.15
CA LYS A 342 -17.21 20.88 38.23
C LYS A 342 -18.02 22.12 37.83
N ALA A 343 -17.40 23.05 37.14
CA ALA A 343 -18.14 24.26 36.75
C ALA A 343 -19.17 23.93 35.71
N GLN A 344 -18.83 23.06 34.76
CA GLN A 344 -19.78 22.69 33.71
C GLN A 344 -20.94 21.89 34.29
N LYS A 345 -20.63 20.92 35.16
CA LYS A 345 -21.68 20.15 35.82
C LYS A 345 -22.66 21.06 36.54
N ALA A 346 -22.15 22.12 37.16
CA ALA A 346 -23.03 23.05 37.86
C ALA A 346 -23.96 23.75 36.88
N LYS A 347 -23.40 24.28 35.79
CA LYS A 347 -24.22 24.99 34.82
C LYS A 347 -25.25 24.06 34.16
N ILE A 348 -24.97 22.75 34.08
CA ILE A 348 -25.97 21.84 33.53
C ILE A 348 -27.09 21.60 34.55
N LEU A 349 -26.73 21.39 35.82
CA LEU A 349 -27.75 21.25 36.86
C LEU A 349 -28.62 22.49 36.94
N SER A 350 -28.00 23.66 36.80
CA SER A 350 -28.75 24.91 36.84
C SER A 350 -29.73 25.00 35.67
N ALA A 351 -29.31 24.59 34.48
CA ALA A 351 -30.24 24.61 33.36
C ALA A 351 -31.35 23.57 33.54
N ILE A 352 -31.01 22.43 34.13
CA ILE A 352 -32.00 21.37 34.32
C ILE A 352 -33.16 21.86 35.16
N ASN A 353 -32.85 22.66 36.18
CA ASN A 353 -33.88 23.09 37.13
C ASN A 353 -34.81 24.14 36.54
N GLU A 354 -34.35 24.92 35.56
CA GLU A 354 -35.24 25.82 34.85
C GLU A 354 -36.19 25.09 33.91
N LEU A 355 -36.14 23.75 33.83
CA LEU A 355 -37.05 23.01 32.97
C LEU A 355 -38.50 23.12 33.43
N HIS A 356 -38.74 22.92 34.73
CA HIS A 356 -40.09 22.94 35.34
C HIS A 356 -40.90 21.73 34.89
N HIS A 357 -40.23 20.58 34.89
CA HIS A 357 -40.89 19.30 34.66
C HIS A 357 -40.15 18.30 35.53
N GLU A 358 -40.84 17.73 36.52
CA GLU A 358 -40.17 16.87 37.49
C GLU A 358 -39.60 15.61 36.83
N GLY A 359 -40.37 14.98 35.94
CA GLY A 359 -39.96 13.70 35.39
C GLY A 359 -38.70 13.78 34.55
N ILE A 360 -38.60 14.81 33.72
CA ILE A 360 -37.43 14.96 32.87
C ILE A 360 -36.21 15.38 33.69
N GLU A 361 -36.41 16.32 34.62
CA GLU A 361 -35.34 16.75 35.51
C GLU A 361 -34.66 15.57 36.19
N TYR A 362 -35.45 14.66 36.75
CA TYR A 362 -34.83 13.50 37.37
C TYR A 362 -34.01 12.69 36.36
N VAL A 363 -34.59 12.39 35.19
CA VAL A 363 -33.89 11.61 34.18
C VAL A 363 -32.57 12.27 33.81
N LEU A 364 -32.57 13.58 33.61
CA LEU A 364 -31.33 14.26 33.25
C LEU A 364 -30.34 14.28 34.41
N LYS A 365 -30.84 14.23 35.66
CA LYS A 365 -29.94 14.05 36.79
C LYS A 365 -29.35 12.65 36.83
N TYR A 366 -30.20 11.63 36.63
CA TYR A 366 -29.72 10.26 36.47
C TYR A 366 -28.66 10.16 35.37
N LEU A 367 -28.99 10.67 34.17
CA LEU A 367 -28.05 10.64 33.06
C LEU A 367 -26.74 11.35 33.40
N LEU A 368 -26.83 12.52 34.02
CA LEU A 368 -25.62 13.28 34.32
C LEU A 368 -24.74 12.57 35.36
N GLU A 369 -25.29 11.61 36.10
CA GLU A 369 -24.50 10.81 37.03
C GLU A 369 -23.98 9.54 36.39
N ILE A 370 -24.75 8.91 35.49
CA ILE A 370 -24.45 7.60 34.92
C ILE A 370 -23.73 7.72 33.58
N LEU A 371 -23.27 8.94 33.24
CA LEU A 371 -22.82 9.22 31.88
C LEU A 371 -21.58 8.42 31.49
N PHE A 372 -20.66 8.22 32.44
CA PHE A 372 -19.40 7.52 32.17
C PHE A 372 -19.43 6.07 32.64
N THR A 373 -20.58 5.55 33.02
CA THR A 373 -20.67 4.22 33.60
C THR A 373 -21.59 3.33 32.75
N LEU B 13 -41.12 20.74 -20.05
CA LEU B 13 -40.81 19.32 -19.93
C LEU B 13 -39.34 19.08 -19.52
N ALA B 14 -38.44 18.93 -20.50
CA ALA B 14 -37.03 18.67 -20.19
C ALA B 14 -36.25 19.94 -19.87
N PHE B 15 -36.94 21.05 -19.53
CA PHE B 15 -36.27 22.19 -18.90
C PHE B 15 -35.56 21.79 -17.62
N PHE B 16 -36.03 20.71 -16.98
CA PHE B 16 -35.50 20.07 -15.77
C PHE B 16 -34.04 20.39 -15.45
N ARG B 17 -33.18 20.48 -16.46
CA ARG B 17 -31.78 20.77 -16.19
C ARG B 17 -31.58 22.17 -15.59
N ASN B 18 -32.55 23.07 -15.74
CA ASN B 18 -32.39 24.43 -15.24
C ASN B 18 -32.75 24.56 -13.76
N MET B 19 -33.68 23.75 -13.24
CA MET B 19 -34.04 23.96 -11.84
C MET B 19 -33.04 23.36 -10.87
N TYR B 20 -31.96 22.76 -11.37
CA TYR B 20 -30.91 22.21 -10.51
C TYR B 20 -30.39 23.23 -9.51
N ASP B 21 -30.13 24.46 -9.97
CA ASP B 21 -29.57 25.50 -9.11
C ASP B 21 -30.47 25.78 -7.92
N LYS B 22 -31.80 25.70 -8.09
CA LYS B 22 -32.60 26.07 -6.93
C LYS B 22 -32.75 24.91 -5.94
N TYR B 23 -32.75 23.64 -6.40
CA TYR B 23 -32.80 22.56 -5.42
C TYR B 23 -31.47 22.38 -4.70
N ARG B 24 -30.34 22.64 -5.35
CA ARG B 24 -29.08 22.58 -4.61
C ARG B 24 -28.98 23.70 -3.59
N ASP B 25 -29.43 24.91 -3.96
CA ASP B 25 -29.30 26.05 -3.05
C ASP B 25 -30.33 26.00 -1.93
N ALA B 26 -31.49 25.39 -2.18
CA ALA B 26 -32.42 25.14 -1.10
C ALA B 26 -31.78 24.30 -0.01
N PHE B 27 -31.01 23.28 -0.40
CA PHE B 27 -30.40 22.47 0.64
C PHE B 27 -29.19 23.17 1.24
N LEU B 28 -28.39 23.88 0.43
CA LEU B 28 -27.26 24.61 0.99
C LEU B 28 -27.72 25.64 1.99
N SER B 29 -28.84 26.33 1.72
CA SER B 29 -29.28 27.36 2.64
C SER B 29 -29.80 26.77 3.94
N HIS B 30 -30.24 25.51 3.90
CA HIS B 30 -30.57 24.81 5.14
C HIS B 30 -29.33 24.59 6.00
N LEU B 31 -28.21 24.15 5.40
CA LEU B 31 -26.94 24.06 6.12
C LEU B 31 -26.55 25.37 6.75
N ASN B 32 -26.87 26.46 6.07
CA ASN B 32 -26.46 27.78 6.49
C ASN B 32 -27.31 28.33 7.62
N GLU B 33 -28.35 27.60 8.04
CA GLU B 33 -29.13 27.96 9.22
C GLU B 33 -28.51 27.41 10.52
N TYR B 34 -27.49 26.57 10.42
CA TYR B 34 -26.82 26.01 11.58
C TYR B 34 -26.10 27.09 12.37
N SER B 35 -26.02 26.90 13.68
CA SER B 35 -25.34 27.86 14.54
C SER B 35 -23.84 27.63 14.44
N LEU B 36 -23.19 28.37 13.56
CA LEU B 36 -21.76 28.20 13.34
C LEU B 36 -21.13 29.56 13.08
N GLU B 37 -19.85 29.67 13.41
CA GLU B 37 -19.12 30.90 13.16
C GLU B 37 -19.18 31.25 11.68
N GLU B 38 -19.42 32.53 11.37
CA GLU B 38 -19.61 32.94 9.98
C GLU B 38 -18.47 32.49 9.09
N GLU B 39 -17.26 32.41 9.62
CA GLU B 39 -16.13 31.91 8.85
C GLU B 39 -16.28 30.43 8.51
N ILE B 40 -16.83 29.63 9.43
CA ILE B 40 -17.02 28.20 9.17
C ILE B 40 -18.09 27.98 8.11
N LYS B 41 -19.19 28.75 8.19
CA LYS B 41 -20.28 28.64 7.22
C LYS B 41 -19.79 28.90 5.79
N GLU B 42 -18.90 29.88 5.61
CA GLU B 42 -18.38 30.11 4.27
C GLU B 42 -17.55 28.91 3.81
N HIS B 43 -16.81 28.28 4.70
CA HIS B 43 -16.08 27.07 4.32
C HIS B 43 -17.03 25.91 4.08
N ILE B 44 -18.11 25.83 4.84
CA ILE B 44 -19.05 24.74 4.68
C ILE B 44 -19.76 24.83 3.34
N SER B 45 -20.27 26.01 2.97
CA SER B 45 -21.02 26.08 1.73
C SER B 45 -20.11 25.92 0.52
N LYS B 46 -18.86 26.40 0.64
CA LYS B 46 -17.92 26.28 -0.46
C LYS B 46 -17.58 24.83 -0.75
N TYR B 47 -17.38 24.03 0.30
CA TYR B 47 -17.08 22.61 0.11
C TYR B 47 -18.29 21.87 -0.45
N TYR B 48 -19.47 22.09 0.12
CA TYR B 48 -20.63 21.30 -0.25
C TYR B 48 -21.20 21.72 -1.58
N LYS B 49 -20.99 22.96 -2.00
CA LYS B 49 -21.38 23.36 -3.34
C LYS B 49 -20.61 22.55 -4.38
N LEU B 50 -19.29 22.43 -4.18
CA LEU B 50 -18.50 21.62 -5.10
C LEU B 50 -18.88 20.14 -5.00
N LEU B 51 -19.28 19.66 -3.81
CA LEU B 51 -19.70 18.27 -3.69
C LEU B 51 -20.92 17.97 -4.54
N PHE B 52 -21.91 18.89 -4.54
CA PHE B 52 -23.11 18.66 -5.35
C PHE B 52 -22.86 18.86 -6.83
N ASP B 53 -22.14 19.91 -7.22
CA ASP B 53 -21.90 20.17 -8.65
C ASP B 53 -21.02 19.09 -9.26
N TYR B 54 -19.93 18.74 -8.57
CA TYR B 54 -18.98 17.79 -9.12
C TYR B 54 -19.63 16.44 -9.37
N ASN B 55 -20.56 16.05 -8.52
CA ASN B 55 -21.04 14.67 -8.55
C ASN B 55 -22.47 14.50 -9.06
N CYS B 56 -23.25 15.56 -9.20
CA CYS B 56 -24.58 15.42 -9.78
C CYS B 56 -24.64 15.82 -11.25
N LEU B 57 -23.77 16.72 -11.69
CA LEU B 57 -23.79 17.14 -13.07
C LEU B 57 -22.85 16.25 -13.89
N GLY B 58 -23.17 16.13 -15.18
CA GLY B 58 -22.41 15.29 -16.09
C GLY B 58 -23.02 13.94 -16.42
N GLY B 59 -24.18 13.60 -15.88
CA GLY B 59 -24.84 12.36 -16.25
C GLY B 59 -25.80 12.51 -17.44
N LYS B 60 -26.36 11.39 -17.85
CA LYS B 60 -27.39 11.45 -18.89
C LYS B 60 -28.72 11.92 -18.32
N ASN B 61 -28.89 11.88 -17.00
CA ASN B 61 -30.12 12.27 -16.32
C ASN B 61 -31.32 11.41 -16.75
N ASN B 62 -31.06 10.17 -17.15
CA ASN B 62 -32.16 9.32 -17.60
C ASN B 62 -33.18 9.08 -16.49
N ARG B 63 -32.71 8.88 -15.27
CA ARG B 63 -33.62 8.54 -14.19
C ARG B 63 -34.50 9.74 -13.81
N GLY B 64 -33.96 10.95 -13.90
CA GLY B 64 -34.75 12.15 -13.63
C GLY B 64 -35.70 12.48 -14.77
N ILE B 65 -35.20 12.47 -16.01
CA ILE B 65 -36.06 12.55 -17.18
C ILE B 65 -37.24 11.58 -17.04
N LEU B 66 -36.95 10.35 -16.59
CA LEU B 66 -38.01 9.37 -16.49
C LEU B 66 -39.15 9.84 -15.56
N VAL B 67 -38.81 10.53 -14.46
CA VAL B 67 -39.83 10.97 -13.51
C VAL B 67 -40.70 12.05 -14.14
N ILE B 68 -40.06 13.07 -14.72
CA ILE B 68 -40.77 14.17 -15.34
C ILE B 68 -41.73 13.66 -16.42
N LEU B 69 -41.30 12.66 -17.20
CA LEU B 69 -42.14 12.15 -18.27
C LEU B 69 -43.31 11.35 -17.73
N ILE B 70 -43.07 10.41 -16.81
CA ILE B 70 -44.19 9.65 -16.27
C ILE B 70 -45.18 10.60 -15.60
N TYR B 71 -44.68 11.64 -14.94
CA TYR B 71 -45.55 12.62 -14.31
C TYR B 71 -46.43 13.31 -15.34
N GLU B 72 -45.87 13.65 -16.51
CA GLU B 72 -46.68 14.36 -17.49
C GLU B 72 -47.67 13.44 -18.23
N TYR B 73 -47.35 12.16 -18.44
CA TYR B 73 -48.15 11.32 -19.33
C TYR B 73 -49.01 10.30 -18.60
N VAL B 74 -48.95 10.23 -17.27
CA VAL B 74 -50.14 9.83 -16.53
C VAL B 74 -51.17 10.96 -16.59
N LYS B 75 -50.74 12.15 -16.11
CA LYS B 75 -51.13 13.55 -16.45
C LYS B 75 -51.98 14.20 -15.33
N ASP B 78 -53.20 18.72 -17.33
CA ASP B 78 -53.08 20.13 -16.94
C ASP B 78 -52.33 20.36 -15.62
N ILE B 79 -51.13 20.95 -15.69
CA ILE B 79 -50.16 20.91 -14.59
C ILE B 79 -49.58 22.31 -14.44
N ASN B 80 -49.85 22.97 -13.30
CA ASN B 80 -49.40 24.35 -13.13
C ASN B 80 -47.94 24.39 -12.66
N SER B 81 -47.38 25.60 -12.61
CA SER B 81 -45.95 25.72 -12.36
C SER B 81 -45.59 25.36 -10.92
N SER B 82 -46.55 25.48 -10.00
CA SER B 82 -46.28 25.03 -8.65
C SER B 82 -46.11 23.51 -8.59
N GLU B 83 -46.82 22.78 -9.44
CA GLU B 83 -46.77 21.33 -9.37
C GLU B 83 -45.60 20.75 -10.14
N TRP B 84 -45.09 21.47 -11.14
CA TRP B 84 -43.84 21.09 -11.78
C TRP B 84 -42.63 21.30 -10.89
N GLU B 85 -42.72 22.20 -9.91
CA GLU B 85 -41.63 22.36 -8.96
C GLU B 85 -41.52 21.12 -8.08
N LYS B 86 -42.64 20.62 -7.56
CA LYS B 86 -42.61 19.41 -6.74
C LYS B 86 -42.03 18.22 -7.52
N ALA B 87 -42.35 18.10 -8.81
CA ALA B 87 -41.88 16.94 -9.56
C ALA B 87 -40.42 17.10 -9.97
N ALA B 88 -39.99 18.31 -10.29
CA ALA B 88 -38.57 18.49 -10.59
C ALA B 88 -37.72 18.21 -9.38
N CYS B 89 -38.30 18.33 -8.18
CA CYS B 89 -37.60 18.01 -6.96
C CYS B 89 -37.39 16.51 -6.84
N LEU B 90 -38.46 15.72 -7.05
CA LEU B 90 -38.30 14.27 -7.14
C LEU B 90 -37.28 13.88 -8.19
N ALA B 91 -37.26 14.60 -9.32
CA ALA B 91 -36.33 14.26 -10.38
C ALA B 91 -34.89 14.51 -9.95
N TRP B 92 -34.63 15.65 -9.34
CA TRP B 92 -33.26 15.86 -8.87
C TRP B 92 -32.91 14.98 -7.68
N CYS B 93 -33.90 14.63 -6.84
CA CYS B 93 -33.64 13.74 -5.74
C CYS B 93 -33.16 12.38 -6.22
N ILE B 94 -33.55 11.98 -7.43
CA ILE B 94 -33.06 10.69 -7.92
C ILE B 94 -31.68 10.86 -8.55
N GLU B 95 -31.38 12.03 -9.12
CA GLU B 95 -30.02 12.31 -9.58
C GLU B 95 -29.06 12.42 -8.39
N ILE B 96 -29.44 13.13 -7.33
CA ILE B 96 -28.65 13.11 -6.11
C ILE B 96 -28.44 11.68 -5.65
N LEU B 97 -29.51 10.89 -5.67
CA LEU B 97 -29.41 9.52 -5.19
C LEU B 97 -28.41 8.73 -6.01
N GLN B 98 -28.33 8.99 -7.31
CA GLN B 98 -27.34 8.25 -8.07
C GLN B 98 -25.94 8.80 -7.81
N ALA B 99 -25.81 10.11 -7.58
CA ALA B 99 -24.52 10.68 -7.19
C ALA B 99 -23.98 10.02 -5.92
N ALA B 100 -24.86 9.72 -4.96
CA ALA B 100 -24.41 9.07 -3.73
C ALA B 100 -24.03 7.61 -3.98
N PHE B 101 -24.73 6.94 -4.89
CA PHE B 101 -24.31 5.60 -5.30
C PHE B 101 -22.95 5.63 -6.02
N LEU B 102 -22.68 6.69 -6.80
CA LEU B 102 -21.43 6.72 -7.57
C LEU B 102 -20.23 6.89 -6.67
N VAL B 103 -20.30 7.83 -5.73
CA VAL B 103 -19.19 8.03 -4.84
C VAL B 103 -18.92 6.75 -4.06
N ALA B 104 -19.98 6.08 -3.60
CA ALA B 104 -19.80 4.85 -2.83
C ALA B 104 -19.18 3.76 -3.69
N ASP B 105 -19.76 3.54 -4.88
CA ASP B 105 -19.22 2.56 -5.81
C ASP B 105 -17.75 2.81 -6.12
N ASP B 106 -17.38 4.06 -6.33
CA ASP B 106 -16.00 4.31 -6.71
C ASP B 106 -15.05 4.04 -5.55
N ILE B 107 -15.46 4.31 -4.31
CA ILE B 107 -14.69 3.83 -3.15
C ILE B 107 -14.64 2.32 -3.13
N MET B 108 -15.82 1.70 -3.21
CA MET B 108 -15.94 0.26 -3.06
C MET B 108 -15.18 -0.50 -4.14
N ASP B 109 -15.27 -0.05 -5.39
CA ASP B 109 -14.65 -0.77 -6.49
C ASP B 109 -13.29 -0.23 -6.88
N LYS B 110 -12.62 0.48 -5.96
CA LYS B 110 -11.33 1.13 -6.21
C LYS B 110 -11.30 1.75 -7.60
N GLY B 111 -12.27 2.62 -7.85
CA GLY B 111 -12.41 3.23 -9.15
C GLY B 111 -11.45 4.37 -9.39
N GLU B 112 -11.40 4.81 -10.64
CA GLU B 112 -10.40 5.78 -11.05
C GLU B 112 -11.02 6.98 -11.78
N MET B 113 -11.92 6.73 -12.72
CA MET B 113 -12.49 7.77 -13.56
C MET B 113 -14.00 7.61 -13.53
N ARG B 114 -14.73 8.72 -13.42
CA ARG B 114 -16.19 8.70 -13.44
C ARG B 114 -16.70 9.96 -14.12
N ARG B 115 -17.56 9.79 -15.14
CA ARG B 115 -18.00 10.88 -16.00
C ARG B 115 -16.82 11.69 -16.56
N ASN B 116 -15.73 11.00 -16.86
CA ASN B 116 -14.52 11.59 -17.45
C ASN B 116 -13.81 12.55 -16.51
N LYS B 117 -13.98 12.39 -15.21
CA LYS B 117 -13.19 13.11 -14.22
C LYS B 117 -12.64 12.13 -13.23
N TYR B 118 -11.66 12.57 -12.46
CA TYR B 118 -11.23 11.77 -11.32
C TYR B 118 -12.41 11.48 -10.41
N CYS B 119 -12.49 10.26 -9.91
CA CYS B 119 -13.49 9.95 -8.89
C CYS B 119 -13.29 10.83 -7.67
N TRP B 120 -14.40 11.14 -7.02
CA TRP B 120 -14.36 12.08 -5.90
C TRP B 120 -13.37 11.64 -4.82
N TYR B 121 -13.41 10.37 -4.39
CA TYR B 121 -12.54 9.96 -3.28
C TYR B 121 -11.04 10.02 -3.62
N LEU B 122 -10.66 10.06 -4.91
CA LEU B 122 -9.25 10.14 -5.25
C LEU B 122 -8.65 11.52 -5.07
N LEU B 123 -9.47 12.56 -5.09
CA LEU B 123 -8.96 13.90 -4.86
C LEU B 123 -8.34 14.00 -3.47
N LYS B 124 -7.08 14.41 -3.42
CA LYS B 124 -6.37 14.42 -2.15
C LYS B 124 -6.91 15.47 -1.18
N ASP B 125 -7.65 16.46 -1.67
CA ASP B 125 -8.37 17.36 -0.78
C ASP B 125 -9.61 16.74 -0.14
N VAL B 126 -10.08 15.57 -0.61
CA VAL B 126 -11.21 14.89 0.03
C VAL B 126 -10.81 13.54 0.58
N GLU B 127 -10.19 12.68 -0.25
CA GLU B 127 -9.78 11.32 0.12
C GLU B 127 -10.95 10.48 0.61
N THR B 128 -10.66 9.23 1.02
CA THR B 128 -11.73 8.32 1.42
C THR B 128 -12.50 8.87 2.61
N LYS B 129 -11.79 9.36 3.64
CA LYS B 129 -12.44 9.78 4.88
C LYS B 129 -13.56 10.77 4.61
N ASN B 130 -13.30 11.76 3.75
CA ASN B 130 -14.35 12.69 3.39
C ASN B 130 -15.39 12.02 2.50
N ALA B 131 -14.97 11.15 1.59
CA ALA B 131 -15.92 10.60 0.64
C ALA B 131 -16.99 9.79 1.35
N VAL B 132 -16.58 8.95 2.30
CA VAL B 132 -17.51 8.15 3.09
C VAL B 132 -18.52 9.04 3.78
N ASN B 133 -18.05 10.14 4.35
CA ASN B 133 -18.95 11.10 5.00
C ASN B 133 -19.84 11.79 3.98
N ASP B 134 -19.32 12.06 2.77
CA ASP B 134 -20.12 12.73 1.74
C ASP B 134 -21.22 11.85 1.14
N VAL B 135 -21.08 10.52 1.09
CA VAL B 135 -22.21 9.79 0.51
C VAL B 135 -23.40 9.84 1.45
N LEU B 136 -23.17 9.97 2.74
CA LEU B 136 -24.28 10.06 3.68
C LEU B 136 -24.90 11.44 3.74
N LEU B 137 -24.08 12.48 3.55
CA LEU B 137 -24.67 13.78 3.38
C LEU B 137 -25.56 13.81 2.14
N LEU B 138 -25.03 13.40 0.98
CA LEU B 138 -25.84 13.40 -0.22
C LEU B 138 -27.11 12.58 0.00
N TYR B 139 -26.97 11.38 0.56
CA TYR B 139 -28.13 10.54 0.76
C TYR B 139 -29.20 11.28 1.57
N ASN B 140 -28.83 11.87 2.71
CA ASN B 140 -29.82 12.54 3.57
C ASN B 140 -30.34 13.84 2.96
N SER B 141 -29.55 14.53 2.14
CA SER B 141 -30.06 15.72 1.48
C SER B 141 -31.32 15.43 0.65
N ILE B 142 -31.45 14.20 0.15
CA ILE B 142 -32.65 13.85 -0.59
C ILE B 142 -33.88 14.06 0.27
N TYR B 143 -33.90 13.47 1.45
CA TYR B 143 -35.11 13.53 2.24
C TYR B 143 -35.38 14.95 2.73
N LYS B 144 -34.33 15.76 2.89
CA LYS B 144 -34.55 17.15 3.26
C LYS B 144 -35.22 17.90 2.13
N LEU B 145 -34.75 17.72 0.90
CA LEU B 145 -35.43 18.31 -0.24
C LEU B 145 -36.87 17.84 -0.34
N ILE B 146 -37.13 16.58 0.01
CA ILE B 146 -38.48 16.05 -0.11
C ILE B 146 -39.40 16.71 0.91
N GLU B 147 -38.92 16.87 2.14
CA GLU B 147 -39.65 17.63 3.14
C GLU B 147 -39.88 19.07 2.71
N ILE B 148 -38.85 19.72 2.15
CA ILE B 148 -38.97 21.15 1.87
C ILE B 148 -40.05 21.41 0.83
N TYR B 149 -40.30 20.45 -0.07
CA TYR B 149 -41.20 20.69 -1.19
C TYR B 149 -42.46 19.85 -1.18
N LEU B 150 -42.51 18.75 -0.43
CA LEU B 150 -43.67 17.87 -0.47
C LEU B 150 -44.26 17.55 0.89
N ARG B 151 -43.84 18.22 1.96
CA ARG B 151 -44.29 17.84 3.30
C ARG B 151 -45.81 17.86 3.40
N ASN B 152 -46.49 18.70 2.62
CA ASN B 152 -47.93 18.87 2.75
C ASN B 152 -48.73 18.16 1.67
N GLU B 153 -48.11 17.29 0.90
CA GLU B 153 -48.84 16.50 -0.07
C GLU B 153 -49.40 15.25 0.59
N SER B 154 -50.42 14.66 -0.02
CA SER B 154 -50.91 13.39 0.50
C SER B 154 -49.91 12.26 0.28
N CYS B 155 -49.12 12.33 -0.77
CA CYS B 155 -48.21 11.22 -1.09
C CYS B 155 -46.88 11.28 -0.33
N TYR B 156 -46.70 12.24 0.59
CA TYR B 156 -45.39 12.48 1.21
C TYR B 156 -44.81 11.24 1.88
N VAL B 157 -45.62 10.54 2.68
CA VAL B 157 -45.11 9.37 3.40
C VAL B 157 -44.75 8.24 2.43
N ASP B 158 -45.54 8.06 1.37
CA ASP B 158 -45.28 7.00 0.41
C ASP B 158 -44.10 7.29 -0.49
N VAL B 159 -43.90 8.55 -0.86
CA VAL B 159 -42.70 8.91 -1.60
C VAL B 159 -41.44 8.54 -0.79
N ILE B 160 -41.36 8.96 0.47
CA ILE B 160 -40.13 8.69 1.21
C ILE B 160 -40.00 7.21 1.53
N ALA B 161 -41.11 6.47 1.56
CA ALA B 161 -41.05 5.03 1.74
C ALA B 161 -40.60 4.30 0.48
N THR B 162 -40.84 4.89 -0.67
CA THR B 162 -40.34 4.32 -1.91
C THR B 162 -38.85 4.57 -2.06
N PHE B 163 -38.36 5.75 -1.65
CA PHE B 163 -36.92 5.98 -1.65
C PHE B 163 -36.23 5.02 -0.68
N ARG B 164 -36.73 4.94 0.55
CA ARG B 164 -36.12 4.09 1.57
C ARG B 164 -36.03 2.63 1.10
N ASP B 165 -37.10 2.11 0.50
CA ASP B 165 -37.17 0.70 0.14
C ASP B 165 -36.36 0.41 -1.12
N ALA B 166 -36.42 1.29 -2.13
CA ALA B 166 -35.56 1.14 -3.29
C ALA B 166 -34.09 1.15 -2.87
N THR B 167 -33.72 2.04 -1.94
CA THR B 167 -32.35 2.11 -1.48
C THR B 167 -31.91 0.82 -0.81
N LEU B 168 -32.73 0.30 0.13
CA LEU B 168 -32.45 -0.98 0.77
C LEU B 168 -32.17 -2.08 -0.24
N LYS B 169 -32.98 -2.15 -1.30
CA LYS B 169 -32.79 -3.20 -2.28
C LYS B 169 -31.46 -3.06 -3.00
N THR B 170 -31.03 -1.84 -3.32
CA THR B 170 -29.79 -1.76 -4.08
C THR B 170 -28.58 -1.90 -3.18
N ILE B 171 -28.72 -1.58 -1.89
CA ILE B 171 -27.68 -1.96 -0.93
C ILE B 171 -27.48 -3.47 -0.90
N ILE B 172 -28.58 -4.23 -0.80
CA ILE B 172 -28.49 -5.69 -0.84
C ILE B 172 -27.89 -6.16 -2.17
N GLY B 173 -28.28 -5.51 -3.26
CA GLY B 173 -27.71 -5.87 -4.55
C GLY B 173 -26.24 -5.55 -4.65
N GLN B 174 -25.82 -4.45 -4.04
CA GLN B 174 -24.39 -4.12 -3.99
C GLN B 174 -23.60 -5.12 -3.14
N HIS B 175 -24.18 -5.56 -2.02
CA HIS B 175 -23.54 -6.59 -1.19
C HIS B 175 -23.31 -7.87 -2.00
N LEU B 176 -24.34 -8.35 -2.70
CA LEU B 176 -24.20 -9.58 -3.46
C LEU B 176 -23.18 -9.42 -4.58
N ASP B 177 -23.21 -8.27 -5.26
CA ASP B 177 -22.27 -8.05 -6.34
C ASP B 177 -20.83 -8.13 -5.85
N THR B 178 -20.59 -7.67 -4.62
CA THR B 178 -19.24 -7.58 -4.09
C THR B 178 -18.76 -8.90 -3.49
N ASN B 179 -19.66 -9.73 -2.96
CA ASN B 179 -19.28 -10.91 -2.19
C ASN B 179 -19.71 -12.25 -2.82
N ILE B 180 -20.22 -12.24 -4.05
CA ILE B 180 -20.78 -13.46 -4.62
C ILE B 180 -19.72 -14.54 -4.72
N PHE B 181 -18.45 -14.17 -4.87
CA PHE B 181 -17.36 -15.10 -5.09
C PHE B 181 -16.47 -15.32 -3.87
N SER B 182 -16.74 -14.64 -2.76
CA SER B 182 -15.81 -14.58 -1.64
C SER B 182 -15.87 -15.84 -0.78
N ASP B 183 -14.81 -16.04 0.01
CA ASP B 183 -14.72 -17.21 0.90
C ASP B 183 -15.96 -17.40 1.77
N LYS B 184 -16.52 -16.33 2.30
CA LYS B 184 -17.64 -16.50 3.22
C LYS B 184 -18.90 -17.00 2.55
N TYR B 185 -18.95 -17.11 1.22
CA TYR B 185 -20.09 -17.73 0.55
C TYR B 185 -19.74 -19.10 -0.02
N SER B 186 -18.54 -19.61 0.26
CA SER B 186 -18.13 -20.97 -0.09
C SER B 186 -17.78 -21.84 1.15
N ARG B 190 -18.89 -22.83 7.24
CA ARG B 190 -17.82 -22.02 7.83
C ARG B 190 -18.35 -20.65 8.24
N GLU B 191 -17.47 -19.77 8.69
CA GLU B 191 -17.91 -18.70 9.59
C GLU B 191 -16.96 -17.52 9.54
N ILE B 192 -17.53 -16.30 9.58
CA ILE B 192 -16.70 -15.11 9.48
C ILE B 192 -15.79 -15.04 10.69
N ASP B 193 -14.48 -14.94 10.44
CA ASP B 193 -13.46 -14.95 11.50
C ASP B 193 -13.23 -13.52 11.95
N VAL B 194 -13.84 -13.15 13.07
CA VAL B 194 -13.75 -11.78 13.58
C VAL B 194 -12.41 -11.58 14.30
N ASN B 195 -11.47 -12.49 14.08
CA ASN B 195 -10.13 -12.30 14.63
C ASN B 195 -9.05 -12.23 13.55
N ASN B 196 -9.43 -12.26 12.28
CA ASN B 196 -8.49 -12.17 11.17
C ASN B 196 -8.57 -10.78 10.56
N ILE B 197 -7.55 -9.95 10.82
CA ILE B 197 -7.41 -8.64 10.19
C ILE B 197 -6.16 -8.59 9.33
N ASN B 198 -5.60 -9.75 9.00
CA ASN B 198 -4.20 -9.86 8.66
C ASN B 198 -3.90 -10.87 7.56
N VAL B 199 -4.75 -11.87 7.34
CA VAL B 199 -4.65 -12.77 6.19
C VAL B 199 -5.63 -12.30 5.12
N PRO B 200 -5.21 -11.49 4.14
CA PRO B 200 -6.17 -10.96 3.15
C PRO B 200 -6.55 -12.01 2.13
N GLU B 201 -7.84 -12.36 2.12
CA GLU B 201 -8.42 -13.31 1.20
C GLU B 201 -7.88 -13.16 -0.23
N GLN B 202 -7.58 -14.29 -0.86
CA GLN B 202 -7.09 -14.30 -2.24
C GLN B 202 -8.29 -14.50 -3.17
N PRO B 203 -8.65 -13.49 -3.98
CA PRO B 203 -9.94 -13.57 -4.69
C PRO B 203 -9.90 -14.69 -5.70
N VAL B 204 -11.00 -15.41 -5.81
CA VAL B 204 -11.06 -16.55 -6.71
C VAL B 204 -12.52 -16.75 -7.09
N ILE B 205 -12.75 -17.23 -8.31
CA ILE B 205 -14.11 -17.48 -8.77
C ILE B 205 -14.69 -18.70 -8.07
N ASP B 206 -16.02 -18.76 -8.01
CA ASP B 206 -16.75 -19.93 -7.55
C ASP B 206 -17.64 -20.40 -8.70
N ILE B 207 -17.19 -21.44 -9.42
CA ILE B 207 -17.92 -21.98 -10.57
C ILE B 207 -19.38 -22.29 -10.24
N ASN B 208 -19.67 -22.65 -9.00
CA ASN B 208 -21.05 -22.94 -8.58
C ASN B 208 -21.97 -21.72 -8.63
N MET B 209 -21.42 -20.51 -8.73
CA MET B 209 -22.20 -19.28 -8.77
C MET B 209 -22.31 -18.68 -10.17
N ILE B 210 -21.64 -19.25 -11.15
CA ILE B 210 -21.67 -18.71 -12.50
C ILE B 210 -22.92 -19.23 -13.19
N ASN B 211 -24.03 -18.51 -13.05
CA ASN B 211 -25.22 -18.81 -13.86
C ASN B 211 -26.18 -17.63 -13.80
N PHE B 212 -27.12 -17.63 -14.75
CA PHE B 212 -28.01 -16.51 -14.92
C PHE B 212 -29.03 -16.36 -13.81
N GLY B 213 -29.39 -17.46 -13.14
CA GLY B 213 -30.27 -17.35 -11.99
C GLY B 213 -29.69 -16.44 -10.94
N VAL B 214 -28.38 -16.53 -10.72
CA VAL B 214 -27.73 -15.73 -9.69
C VAL B 214 -27.42 -14.35 -10.22
N TYR B 215 -27.18 -14.24 -11.52
CA TYR B 215 -26.96 -12.93 -12.13
C TYR B 215 -28.21 -12.07 -12.03
N LYS B 216 -29.37 -12.62 -12.34
CA LYS B 216 -30.57 -11.81 -12.32
C LYS B 216 -30.88 -11.35 -10.90
N ASN B 217 -30.71 -12.24 -9.91
CA ASN B 217 -30.86 -11.86 -8.51
C ASN B 217 -30.04 -10.61 -8.18
N ILE B 218 -28.74 -10.64 -8.47
CA ILE B 218 -27.86 -9.51 -8.20
C ILE B 218 -28.32 -8.25 -8.94
N VAL B 219 -28.56 -8.36 -10.25
CA VAL B 219 -28.71 -7.13 -11.04
C VAL B 219 -30.08 -6.52 -10.90
N ILE B 220 -31.12 -7.33 -10.69
CA ILE B 220 -32.44 -6.77 -10.39
C ILE B 220 -32.36 -5.85 -9.18
N HIS B 221 -31.68 -6.31 -8.13
CA HIS B 221 -31.58 -5.53 -6.89
C HIS B 221 -30.58 -4.39 -7.02
N LYS B 222 -29.47 -4.60 -7.71
CA LYS B 222 -28.44 -3.58 -7.83
C LYS B 222 -28.82 -2.45 -8.78
N THR B 223 -29.71 -2.71 -9.75
CA THR B 223 -29.99 -1.72 -10.80
C THR B 223 -31.45 -1.38 -10.97
N ALA B 224 -32.33 -2.39 -10.99
CA ALA B 224 -33.66 -2.21 -11.55
C ALA B 224 -34.58 -1.37 -10.65
N TYR B 225 -34.46 -1.50 -9.34
CA TYR B 225 -35.40 -0.82 -8.45
C TYR B 225 -35.17 0.69 -8.41
N TYR B 226 -33.93 1.15 -8.40
CA TYR B 226 -33.73 2.60 -8.30
C TYR B 226 -33.59 3.27 -9.65
N SER B 227 -33.20 2.55 -10.69
CA SER B 227 -33.13 3.19 -11.99
C SER B 227 -34.46 3.16 -12.74
N PHE B 228 -35.41 2.31 -12.33
CA PHE B 228 -36.65 2.22 -13.09
C PHE B 228 -37.88 2.12 -12.22
N PHE B 229 -37.90 1.27 -11.21
CA PHE B 229 -39.12 1.20 -10.40
C PHE B 229 -39.34 2.51 -9.66
N LEU B 230 -38.30 3.05 -9.07
CA LEU B 230 -38.43 4.19 -8.18
C LEU B 230 -38.79 5.45 -8.95
N PRO B 231 -38.13 5.78 -10.06
CA PRO B 231 -38.54 7.00 -10.78
C PRO B 231 -39.94 6.92 -11.37
N ILE B 232 -40.41 5.74 -11.78
CA ILE B 232 -41.78 5.62 -12.26
C ILE B 232 -42.75 5.77 -11.09
N VAL B 233 -42.61 4.92 -10.08
CA VAL B 233 -43.51 4.96 -8.92
C VAL B 233 -43.54 6.35 -8.31
N CYS B 234 -42.41 7.05 -8.29
CA CYS B 234 -42.41 8.43 -7.79
C CYS B 234 -43.28 9.32 -8.65
N GLY B 235 -43.03 9.31 -9.98
CA GLY B 235 -43.85 10.09 -10.90
C GLY B 235 -45.35 9.82 -10.78
N MET B 236 -45.74 8.60 -10.35
CA MET B 236 -47.15 8.24 -10.28
C MET B 236 -47.77 8.53 -8.91
N LEU B 237 -47.00 8.39 -7.82
CA LEU B 237 -47.50 8.79 -6.51
C LEU B 237 -47.76 10.28 -6.46
N LEU B 238 -46.94 11.06 -7.16
CA LEU B 238 -47.11 12.50 -7.16
C LEU B 238 -48.27 12.94 -8.04
N ALA B 239 -48.69 12.12 -9.01
CA ALA B 239 -49.79 12.50 -9.88
C ALA B 239 -51.14 12.14 -9.30
N GLY B 240 -51.23 11.03 -8.57
CA GLY B 240 -52.49 10.60 -8.01
C GLY B 240 -52.92 9.21 -8.44
N ILE B 241 -52.28 8.17 -7.88
CA ILE B 241 -52.66 6.77 -8.03
C ILE B 241 -52.30 6.01 -6.74
N ASP B 244 -51.09 0.41 -4.17
CA ASP B 244 -52.43 0.96 -4.42
C ASP B 244 -53.16 0.16 -5.51
N ASN B 245 -53.01 0.59 -6.76
CA ASN B 245 -53.63 -0.01 -7.94
C ASN B 245 -52.80 -1.20 -8.44
N LEU B 246 -53.49 -2.18 -9.05
CA LEU B 246 -52.85 -3.40 -9.53
C LEU B 246 -51.96 -3.19 -10.76
N ILE B 247 -51.86 -1.96 -11.29
CA ILE B 247 -50.96 -1.68 -12.40
C ILE B 247 -49.52 -1.64 -11.94
N TYR B 248 -49.28 -1.30 -10.66
CA TYR B 248 -47.91 -1.15 -10.18
C TYR B 248 -47.14 -2.45 -10.32
N LYS B 249 -47.77 -3.58 -10.03
CA LYS B 249 -47.06 -4.84 -10.15
C LYS B 249 -46.66 -5.14 -11.59
N LYS B 250 -47.42 -4.62 -12.56
CA LYS B 250 -47.01 -4.81 -13.94
C LYS B 250 -45.82 -3.91 -14.28
N ILE B 251 -45.83 -2.68 -13.76
CA ILE B 251 -44.69 -1.77 -13.90
C ILE B 251 -43.43 -2.41 -13.30
N GLU B 252 -43.59 -3.07 -12.16
CA GLU B 252 -42.44 -3.67 -11.49
C GLU B 252 -41.81 -4.79 -12.30
N ASP B 253 -42.61 -5.55 -13.07
CA ASP B 253 -42.03 -6.63 -13.86
C ASP B 253 -41.27 -6.07 -15.06
N ILE B 254 -41.82 -5.06 -15.73
CA ILE B 254 -41.06 -4.35 -16.77
C ILE B 254 -39.75 -3.80 -16.20
N SER B 255 -39.81 -3.21 -15.00
CA SER B 255 -38.63 -2.66 -14.35
C SER B 255 -37.53 -3.70 -14.24
N MET B 256 -37.88 -4.89 -13.77
CA MET B 256 -36.89 -5.95 -13.64
C MET B 256 -36.26 -6.29 -14.99
N LEU B 257 -37.07 -6.25 -16.06
CA LEU B 257 -36.57 -6.48 -17.41
C LEU B 257 -35.65 -5.36 -17.88
N MET B 258 -36.06 -4.10 -17.68
CA MET B 258 -35.17 -3.01 -18.08
C MET B 258 -33.90 -2.96 -17.24
N GLY B 259 -33.97 -3.38 -15.97
CA GLY B 259 -32.76 -3.38 -15.14
C GLY B 259 -31.75 -4.43 -15.56
N GLU B 260 -32.24 -5.65 -15.83
CA GLU B 260 -31.38 -6.67 -16.41
C GLU B 260 -30.80 -6.22 -17.74
N TYR B 261 -31.62 -5.58 -18.58
CA TYR B 261 -31.19 -5.16 -19.91
C TYR B 261 -30.15 -4.05 -19.83
N PHE B 262 -30.30 -3.18 -18.83
CA PHE B 262 -29.37 -2.06 -18.68
C PHE B 262 -28.04 -2.51 -18.10
N GLN B 263 -28.08 -3.44 -17.14
CA GLN B 263 -26.86 -3.91 -16.49
C GLN B 263 -26.02 -4.78 -17.41
N ILE B 264 -26.68 -5.60 -18.23
CA ILE B 264 -25.92 -6.37 -19.20
C ILE B 264 -25.23 -5.45 -20.19
N HIS B 265 -25.93 -4.45 -20.69
CA HIS B 265 -25.25 -3.46 -21.53
C HIS B 265 -24.07 -2.82 -20.79
N ASP B 266 -24.23 -2.55 -19.49
CA ASP B 266 -23.14 -1.94 -18.72
C ASP B 266 -21.97 -2.90 -18.60
N ASP B 267 -22.22 -4.19 -18.39
CA ASP B 267 -21.13 -5.16 -18.37
C ASP B 267 -20.40 -5.16 -19.70
N TYR B 268 -21.14 -5.11 -20.80
CA TYR B 268 -20.53 -5.06 -22.13
C TYR B 268 -19.61 -3.86 -22.24
N LEU B 269 -20.06 -2.70 -21.78
CA LEU B 269 -19.20 -1.53 -21.93
C LEU B 269 -17.92 -1.63 -21.13
N ASP B 270 -17.97 -2.24 -19.93
CA ASP B 270 -16.79 -2.33 -19.08
C ASP B 270 -15.57 -2.82 -19.86
N ILE B 271 -15.72 -3.93 -20.58
CA ILE B 271 -14.60 -4.44 -21.36
C ILE B 271 -14.51 -3.83 -22.77
N PHE B 272 -15.64 -3.47 -23.39
CA PHE B 272 -15.62 -2.79 -24.70
C PHE B 272 -16.24 -1.38 -24.65
N ASP B 274 -14.89 1.65 -24.31
CA ASP B 274 -14.02 2.79 -24.62
C ASP B 274 -14.19 3.94 -23.61
N SER B 275 -13.14 4.18 -22.81
CA SER B 275 -13.26 5.05 -21.64
C SER B 275 -13.60 6.49 -22.02
N THR B 276 -13.19 6.95 -23.21
CA THR B 276 -13.53 8.31 -23.63
C THR B 276 -15.04 8.49 -23.79
N LYS B 277 -15.73 7.43 -24.25
CA LYS B 277 -17.17 7.46 -24.47
C LYS B 277 -17.97 7.11 -23.21
N THR B 278 -17.52 6.11 -22.44
CA THR B 278 -18.21 5.71 -21.22
C THR B 278 -17.87 6.61 -20.04
N GLY B 279 -16.69 7.20 -20.03
CA GLY B 279 -16.27 8.00 -18.89
C GLY B 279 -15.70 7.23 -17.72
N LYS B 280 -15.63 5.88 -17.76
CA LYS B 280 -15.02 5.05 -16.73
C LYS B 280 -13.89 4.19 -17.31
N VAL B 281 -13.19 3.47 -16.44
CA VAL B 281 -12.21 2.48 -16.88
C VAL B 281 -12.80 1.06 -16.82
N SER B 283 -12.86 -2.54 -15.25
CA SER B 283 -12.44 -2.98 -13.93
C SER B 283 -13.09 -4.28 -13.41
N ASP B 284 -14.09 -4.82 -14.12
CA ASP B 284 -14.86 -5.94 -13.57
C ASP B 284 -14.04 -7.23 -13.45
N ILE B 285 -13.12 -7.48 -14.39
CA ILE B 285 -12.26 -8.66 -14.26
C ILE B 285 -11.36 -8.53 -13.04
N GLN B 286 -10.65 -7.39 -12.93
CA GLN B 286 -9.75 -7.16 -11.80
C GLN B 286 -10.47 -7.32 -10.48
N ASN B 287 -11.72 -6.87 -10.39
CA ASN B 287 -12.48 -6.81 -9.16
C ASN B 287 -13.25 -8.09 -8.87
N ASN B 288 -13.13 -9.11 -9.71
CA ASN B 288 -13.70 -10.41 -9.42
C ASN B 288 -15.22 -10.35 -9.35
N LYS B 289 -15.82 -9.73 -10.36
CA LYS B 289 -17.26 -9.60 -10.43
C LYS B 289 -17.88 -10.66 -11.32
N LEU B 290 -19.11 -11.03 -11.00
CA LEU B 290 -19.91 -11.93 -11.82
C LEU B 290 -20.60 -11.12 -12.92
N THR B 291 -20.17 -11.29 -14.16
CA THR B 291 -20.66 -10.47 -15.26
C THR B 291 -21.24 -11.32 -16.39
N TRP B 292 -22.02 -10.66 -17.23
CA TRP B 292 -22.60 -11.33 -18.39
C TRP B 292 -21.52 -11.92 -19.30
N PRO B 293 -20.50 -11.16 -19.76
CA PRO B 293 -19.39 -11.80 -20.51
C PRO B 293 -18.82 -13.04 -19.85
N LEU B 294 -18.78 -13.07 -18.51
CA LEU B 294 -18.23 -14.22 -17.82
C LEU B 294 -19.17 -15.42 -17.88
N ILE B 295 -20.45 -15.23 -17.57
CA ILE B 295 -21.36 -16.36 -17.63
C ILE B 295 -21.52 -16.84 -19.07
N LYS B 296 -21.41 -15.94 -20.04
CA LYS B 296 -21.47 -16.37 -21.43
C LYS B 296 -20.28 -17.26 -21.77
N THR B 297 -19.05 -16.76 -21.54
CA THR B 297 -17.86 -17.55 -21.84
C THR B 297 -17.90 -18.90 -21.15
N PHE B 298 -18.40 -18.94 -19.90
CA PHE B 298 -18.27 -20.16 -19.12
C PHE B 298 -19.17 -21.29 -19.63
N GLU B 299 -20.29 -20.98 -20.30
CA GLU B 299 -21.16 -22.04 -20.79
C GLU B 299 -20.67 -22.62 -22.11
N LEU B 300 -20.00 -21.81 -22.94
CA LEU B 300 -19.57 -22.21 -24.27
C LEU B 300 -18.13 -22.70 -24.34
N CYS B 301 -17.27 -22.35 -23.39
CA CYS B 301 -15.86 -22.66 -23.58
C CYS B 301 -15.59 -24.12 -23.23
N SER B 302 -14.37 -24.56 -23.53
CA SER B 302 -13.91 -25.92 -23.31
C SER B 302 -13.45 -26.12 -21.86
N GLU B 303 -13.20 -27.37 -21.50
CA GLU B 303 -12.76 -27.66 -20.15
C GLU B 303 -11.37 -27.07 -19.88
N PRO B 304 -10.43 -27.07 -20.83
CA PRO B 304 -9.22 -26.26 -20.62
C PRO B 304 -9.51 -24.80 -20.40
N ASP B 305 -10.48 -24.22 -21.11
CA ASP B 305 -10.71 -22.78 -20.99
C ASP B 305 -11.32 -22.40 -19.65
N LYS B 306 -12.11 -23.28 -19.04
CA LYS B 306 -12.57 -23.03 -17.68
C LYS B 306 -11.40 -22.96 -16.69
N ILE B 307 -10.36 -23.77 -16.91
CA ILE B 307 -9.24 -23.77 -15.96
C ILE B 307 -8.50 -22.44 -16.02
N LYS B 308 -8.33 -21.88 -17.23
CA LYS B 308 -7.69 -20.58 -17.36
C LYS B 308 -8.52 -19.47 -16.75
N ILE B 309 -9.85 -19.55 -16.89
CA ILE B 309 -10.70 -18.51 -16.31
C ILE B 309 -10.51 -18.50 -14.79
N VAL B 310 -10.59 -19.67 -14.15
CA VAL B 310 -10.39 -19.79 -12.72
C VAL B 310 -9.03 -19.21 -12.32
N LYS B 311 -7.99 -19.56 -13.08
CA LYS B 311 -6.63 -19.17 -12.72
C LYS B 311 -6.38 -17.68 -12.80
N ASN B 312 -7.05 -16.97 -13.73
CA ASN B 312 -6.70 -15.58 -14.04
C ASN B 312 -7.75 -14.55 -13.65
N TYR B 313 -8.96 -14.97 -13.33
CA TYR B 313 -10.03 -14.02 -13.07
C TYR B 313 -9.91 -13.48 -11.66
N GLY B 314 -9.98 -12.16 -11.51
CA GLY B 314 -9.91 -11.52 -10.21
C GLY B 314 -8.51 -11.22 -9.71
N LYS B 315 -7.61 -10.85 -10.60
CA LYS B 315 -6.26 -10.43 -10.23
C LYS B 315 -6.02 -9.02 -10.75
N ASN B 316 -4.92 -8.42 -10.31
CA ASN B 316 -4.55 -7.10 -10.81
C ASN B 316 -3.47 -7.15 -11.88
N ASN B 317 -2.86 -8.30 -12.12
CA ASN B 317 -1.98 -8.47 -13.26
C ASN B 317 -2.70 -8.04 -14.53
N LEU B 318 -2.07 -7.14 -15.29
CA LEU B 318 -2.53 -6.97 -16.66
C LEU B 318 -2.43 -8.27 -17.42
N ALA B 319 -1.46 -9.12 -17.08
CA ALA B 319 -1.37 -10.39 -17.78
C ALA B 319 -2.61 -11.25 -17.52
N CYS B 320 -3.11 -11.23 -16.28
CA CYS B 320 -4.31 -12.00 -15.98
C CYS B 320 -5.55 -11.38 -16.61
N VAL B 321 -5.68 -10.04 -16.56
CA VAL B 321 -6.77 -9.40 -17.28
C VAL B 321 -6.69 -9.73 -18.77
N LYS B 322 -5.51 -9.54 -19.38
CA LYS B 322 -5.32 -9.80 -20.81
C LYS B 322 -5.76 -11.20 -21.20
N VAL B 323 -5.43 -12.21 -20.39
CA VAL B 323 -5.88 -13.58 -20.66
C VAL B 323 -7.41 -13.61 -20.76
N ILE B 324 -8.09 -12.98 -19.80
CA ILE B 324 -9.54 -13.02 -19.77
C ILE B 324 -10.12 -12.27 -20.96
N ASP B 325 -9.58 -11.08 -21.26
CA ASP B 325 -10.02 -10.36 -22.44
C ASP B 325 -9.78 -11.17 -23.71
N SER B 326 -8.62 -11.82 -23.84
CA SER B 326 -8.35 -12.55 -25.08
C SER B 326 -9.35 -13.69 -25.25
N LEU B 327 -9.75 -14.34 -24.16
CA LEU B 327 -10.80 -15.34 -24.24
C LEU B 327 -12.13 -14.73 -24.70
N TYR B 328 -12.43 -13.49 -24.28
CA TYR B 328 -13.69 -12.86 -24.69
C TYR B 328 -13.73 -12.58 -26.18
N GLU B 329 -12.57 -12.31 -26.79
CA GLU B 329 -12.51 -12.18 -28.24
C GLU B 329 -12.60 -13.54 -28.93
N GLN B 330 -11.79 -14.51 -28.47
CA GLN B 330 -11.81 -15.86 -29.03
C GLN B 330 -13.23 -16.38 -29.19
N TYR B 331 -14.06 -16.18 -28.19
CA TYR B 331 -15.43 -16.65 -28.19
C TYR B 331 -16.41 -15.57 -28.65
N LYS B 332 -15.89 -14.44 -29.14
CA LYS B 332 -16.67 -13.40 -29.82
C LYS B 332 -17.94 -13.04 -29.02
N ILE B 333 -17.70 -12.41 -27.87
CA ILE B 333 -18.80 -12.19 -26.95
C ILE B 333 -19.66 -11.01 -27.37
N ARG B 334 -19.08 -10.04 -28.09
CA ARG B 334 -19.86 -9.05 -28.83
C ARG B 334 -21.02 -9.67 -29.60
N LYS B 335 -20.73 -10.60 -30.50
CA LYS B 335 -21.78 -11.22 -31.29
C LYS B 335 -22.87 -11.76 -30.39
N HIS B 336 -22.49 -12.38 -29.28
CA HIS B 336 -23.50 -12.88 -28.36
C HIS B 336 -24.28 -11.73 -27.74
N TYR B 337 -23.63 -10.59 -27.51
CA TYR B 337 -24.31 -9.48 -26.87
C TYR B 337 -25.48 -9.01 -27.73
N GLU B 338 -25.20 -8.62 -28.97
CA GLU B 338 -26.27 -8.20 -29.87
C GLU B 338 -27.39 -9.24 -29.93
N SER B 339 -27.05 -10.52 -29.98
CA SER B 339 -28.11 -11.54 -29.92
C SER B 339 -28.97 -11.33 -28.68
N TYR B 340 -28.33 -11.11 -27.53
CA TYR B 340 -29.10 -10.89 -26.30
C TYR B 340 -29.89 -9.59 -26.36
N GLU B 341 -29.23 -8.51 -26.80
CA GLU B 341 -29.85 -7.19 -26.82
C GLU B 341 -31.14 -7.19 -27.62
N LYS B 342 -31.10 -7.75 -28.84
CA LYS B 342 -32.29 -7.79 -29.70
C LYS B 342 -33.39 -8.63 -29.07
N ALA B 343 -33.07 -9.83 -28.59
CA ALA B 343 -34.10 -10.69 -28.01
C ALA B 343 -34.72 -10.07 -26.78
N GLN B 344 -33.95 -9.29 -26.02
CA GLN B 344 -34.43 -8.70 -24.78
C GLN B 344 -35.24 -7.43 -25.03
N LYS B 345 -34.70 -6.56 -25.89
CA LYS B 345 -35.48 -5.42 -26.38
C LYS B 345 -36.89 -5.86 -26.77
N ALA B 346 -36.99 -6.96 -27.51
CA ALA B 346 -38.29 -7.50 -27.90
C ALA B 346 -39.10 -7.98 -26.70
N LYS B 347 -38.46 -8.63 -25.72
CA LYS B 347 -39.22 -9.08 -24.57
C LYS B 347 -39.75 -7.91 -23.74
N ILE B 348 -39.06 -6.76 -23.74
CA ILE B 348 -39.54 -5.61 -22.99
C ILE B 348 -40.73 -4.97 -23.70
N LEU B 349 -40.56 -4.66 -25.00
CA LEU B 349 -41.68 -4.16 -25.79
C LEU B 349 -42.93 -5.02 -25.67
N SER B 350 -42.75 -6.33 -25.78
CA SER B 350 -43.86 -7.25 -25.51
C SER B 350 -44.44 -7.07 -24.12
N ALA B 351 -43.62 -6.70 -23.12
CA ALA B 351 -44.16 -6.58 -21.77
C ALA B 351 -44.83 -5.22 -21.58
N ILE B 352 -44.33 -4.20 -22.25
CA ILE B 352 -44.94 -2.88 -22.21
C ILE B 352 -46.34 -2.93 -22.81
N ASN B 353 -46.52 -3.64 -23.93
CA ASN B 353 -47.81 -3.60 -24.62
C ASN B 353 -48.91 -4.32 -23.87
N GLU B 354 -48.57 -5.25 -22.99
CA GLU B 354 -49.56 -5.90 -22.14
C GLU B 354 -49.91 -5.08 -20.90
N LEU B 355 -49.64 -3.77 -20.90
CA LEU B 355 -49.84 -2.91 -19.74
C LEU B 355 -51.14 -2.12 -19.77
N HIS B 356 -51.68 -1.82 -20.96
CA HIS B 356 -53.03 -1.26 -21.14
C HIS B 356 -53.12 0.18 -20.66
N HIS B 357 -52.14 1.01 -21.06
CA HIS B 357 -52.09 2.40 -20.58
C HIS B 357 -51.22 3.21 -21.56
N GLU B 358 -51.87 3.91 -22.48
CA GLU B 358 -51.16 4.48 -23.63
C GLU B 358 -50.09 5.47 -23.18
N GLY B 359 -50.38 6.24 -22.13
CA GLY B 359 -49.46 7.28 -21.71
C GLY B 359 -48.17 6.73 -21.16
N ILE B 360 -48.26 5.85 -20.17
CA ILE B 360 -47.06 5.24 -19.58
C ILE B 360 -46.32 4.40 -20.60
N GLU B 361 -47.06 3.66 -21.45
CA GLU B 361 -46.45 2.91 -22.54
C GLU B 361 -45.68 3.83 -23.49
N TYR B 362 -46.10 5.08 -23.63
CA TYR B 362 -45.35 5.99 -24.49
C TYR B 362 -44.02 6.40 -23.85
N VAL B 363 -44.00 6.53 -22.52
CA VAL B 363 -42.77 6.94 -21.85
C VAL B 363 -41.76 5.80 -21.87
N LEU B 364 -42.20 4.58 -21.60
CA LEU B 364 -41.28 3.44 -21.53
C LEU B 364 -40.68 3.11 -22.89
N LYS B 365 -41.48 3.16 -23.97
CA LYS B 365 -40.93 2.96 -25.31
C LYS B 365 -39.91 4.02 -25.64
N TYR B 366 -40.23 5.28 -25.34
CA TYR B 366 -39.27 6.35 -25.62
C TYR B 366 -38.00 6.14 -24.84
N LEU B 367 -38.14 5.78 -23.56
CA LEU B 367 -36.99 5.52 -22.72
C LEU B 367 -36.17 4.37 -23.28
N LEU B 368 -36.84 3.29 -23.64
CA LEU B 368 -36.16 2.13 -24.18
C LEU B 368 -35.27 2.50 -25.36
N GLU B 369 -35.68 3.48 -26.16
CA GLU B 369 -34.88 3.94 -27.28
C GLU B 369 -33.69 4.79 -26.84
N ILE B 370 -33.88 5.63 -25.81
CA ILE B 370 -32.90 6.63 -25.42
C ILE B 370 -32.03 6.18 -24.24
N LEU B 371 -32.14 4.91 -23.85
CA LEU B 371 -31.49 4.42 -22.63
C LEU B 371 -29.97 4.60 -22.66
N PHE B 372 -29.32 4.32 -23.78
CA PHE B 372 -27.85 4.32 -23.81
C PHE B 372 -27.25 5.62 -24.34
N THR B 373 -28.07 6.60 -24.73
CA THR B 373 -27.52 7.82 -25.32
C THR B 373 -27.48 8.97 -24.33
N LEU C 13 32.35 -32.46 -22.01
CA LEU C 13 31.88 -31.13 -22.39
C LEU C 13 30.63 -30.71 -21.59
N ALA C 14 29.44 -31.14 -22.04
CA ALA C 14 28.16 -30.73 -21.49
C ALA C 14 27.75 -31.53 -20.22
N PHE C 15 28.71 -32.14 -19.51
CA PHE C 15 28.40 -32.73 -18.20
C PHE C 15 27.87 -31.65 -17.25
N PHE C 16 28.50 -30.48 -17.28
CA PHE C 16 28.10 -29.20 -16.70
C PHE C 16 26.85 -29.20 -15.82
N ARG C 17 25.75 -29.79 -16.29
CA ARG C 17 24.56 -29.82 -15.46
C ARG C 17 24.68 -30.79 -14.29
N ASN C 18 25.62 -31.71 -14.32
CA ASN C 18 25.83 -32.59 -13.19
C ASN C 18 26.74 -31.97 -12.13
N MET C 19 27.72 -31.19 -12.55
CA MET C 19 28.64 -30.59 -11.60
C MET C 19 28.00 -29.51 -10.74
N TYR C 20 26.74 -29.14 -10.98
CA TYR C 20 26.13 -28.03 -10.25
C TYR C 20 26.21 -28.24 -8.74
N ASP C 21 25.71 -29.37 -8.23
CA ASP C 21 25.61 -29.55 -6.79
C ASP C 21 26.97 -29.50 -6.11
N LYS C 22 28.02 -29.93 -6.80
CA LYS C 22 29.37 -29.81 -6.26
C LYS C 22 29.73 -28.36 -6.02
N TYR C 23 29.42 -27.48 -6.98
CA TYR C 23 29.75 -26.06 -6.83
C TYR C 23 28.83 -25.39 -5.82
N ARG C 24 27.57 -25.80 -5.77
CA ARG C 24 26.70 -25.28 -4.73
C ARG C 24 27.16 -25.73 -3.35
N ASP C 25 27.41 -27.04 -3.18
CA ASP C 25 27.80 -27.54 -1.88
C ASP C 25 29.15 -26.98 -1.41
N ALA C 26 30.08 -26.71 -2.32
CA ALA C 26 31.35 -26.07 -1.95
C ALA C 26 31.11 -24.72 -1.29
N PHE C 27 30.20 -23.91 -1.86
CA PHE C 27 29.92 -22.64 -1.20
C PHE C 27 29.08 -22.84 0.07
N LEU C 28 28.12 -23.76 0.04
CA LEU C 28 27.27 -23.93 1.22
C LEU C 28 28.06 -24.42 2.42
N SER C 29 29.14 -25.16 2.20
CA SER C 29 29.91 -25.67 3.33
C SER C 29 30.97 -24.67 3.81
N HIS C 30 31.08 -23.52 3.17
CA HIS C 30 31.83 -22.41 3.73
C HIS C 30 30.99 -21.65 4.75
N LEU C 31 29.69 -21.49 4.49
CA LEU C 31 28.80 -20.95 5.52
C LEU C 31 28.84 -21.84 6.75
N ASN C 32 28.65 -23.14 6.54
CA ASN C 32 28.66 -24.13 7.61
C ASN C 32 29.93 -24.09 8.47
N GLU C 33 31.03 -23.55 7.99
CA GLU C 33 32.19 -23.35 8.84
C GLU C 33 32.08 -22.11 9.71
N TYR C 34 30.96 -21.40 9.71
CA TYR C 34 30.85 -20.20 10.53
C TYR C 34 30.65 -20.58 11.99
N SER C 35 31.17 -19.73 12.88
CA SER C 35 31.01 -19.93 14.31
C SER C 35 29.58 -19.57 14.74
N LEU C 36 28.66 -20.53 14.64
CA LEU C 36 27.27 -20.34 15.05
C LEU C 36 26.71 -21.61 15.67
N GLU C 37 25.68 -21.44 16.50
CA GLU C 37 25.01 -22.57 17.14
C GLU C 37 24.44 -23.49 16.08
N GLU C 38 24.51 -24.81 16.29
CA GLU C 38 24.21 -25.70 15.16
C GLU C 38 22.74 -25.69 14.78
N GLU C 39 21.81 -25.49 15.73
CA GLU C 39 20.41 -25.37 15.32
C GLU C 39 20.25 -24.27 14.27
N ILE C 40 21.03 -23.20 14.39
CA ILE C 40 21.01 -22.11 13.42
C ILE C 40 21.74 -22.48 12.13
N LYS C 41 22.80 -23.28 12.21
CA LYS C 41 23.53 -23.68 11.01
C LYS C 41 22.65 -24.48 10.07
N GLU C 42 21.75 -25.31 10.61
CA GLU C 42 20.84 -26.10 9.77
C GLU C 42 19.82 -25.20 9.07
N HIS C 43 19.19 -24.30 9.82
CA HIS C 43 18.25 -23.34 9.25
C HIS C 43 18.87 -22.58 8.08
N ILE C 44 20.10 -22.08 8.29
CA ILE C 44 20.75 -21.28 7.24
C ILE C 44 20.93 -22.11 5.98
N SER C 45 21.58 -23.28 6.10
CA SER C 45 21.86 -24.04 4.90
C SER C 45 20.58 -24.59 4.27
N LYS C 46 19.54 -24.79 5.06
CA LYS C 46 18.22 -25.03 4.48
C LYS C 46 17.78 -23.83 3.63
N TYR C 47 17.90 -22.61 4.16
CA TYR C 47 17.48 -21.45 3.38
C TYR C 47 18.31 -21.33 2.10
N TYR C 48 19.64 -21.36 2.22
CA TYR C 48 20.46 -20.99 1.08
C TYR C 48 20.48 -22.08 0.02
N LYS C 49 20.32 -23.34 0.40
CA LYS C 49 20.19 -24.38 -0.61
C LYS C 49 19.00 -24.10 -1.53
N LEU C 50 17.90 -23.64 -0.94
CA LEU C 50 16.73 -23.31 -1.75
C LEU C 50 16.97 -22.04 -2.55
N LEU C 51 17.76 -21.09 -2.03
CA LEU C 51 18.03 -19.86 -2.77
C LEU C 51 18.72 -20.15 -4.09
N PHE C 52 19.76 -21.01 -4.06
CA PHE C 52 20.52 -21.35 -5.26
C PHE C 52 19.70 -22.24 -6.20
N ASP C 53 19.09 -23.30 -5.67
CA ASP C 53 18.35 -24.21 -6.53
C ASP C 53 17.22 -23.47 -7.24
N TYR C 54 16.56 -22.56 -6.53
CA TYR C 54 15.37 -21.93 -7.07
C TYR C 54 15.71 -20.91 -8.15
N ASN C 55 16.85 -20.22 -8.02
CA ASN C 55 17.19 -19.16 -8.95
C ASN C 55 18.39 -19.45 -9.84
N CYS C 56 19.15 -20.52 -9.60
CA CYS C 56 20.22 -20.86 -10.53
C CYS C 56 19.83 -21.93 -11.54
N LEU C 57 18.75 -22.67 -11.29
CA LEU C 57 18.32 -23.77 -12.15
C LEU C 57 17.12 -23.35 -12.99
N GLY C 58 16.98 -23.98 -14.15
CA GLY C 58 15.80 -23.81 -14.96
C GLY C 58 15.91 -22.85 -16.13
N GLY C 59 17.13 -22.45 -16.51
CA GLY C 59 17.34 -21.62 -17.66
C GLY C 59 18.04 -22.40 -18.76
N LYS C 60 18.34 -21.69 -19.86
CA LYS C 60 19.00 -22.34 -21.00
C LYS C 60 20.49 -22.58 -20.76
N ASN C 61 21.09 -21.93 -19.76
CA ASN C 61 22.50 -22.10 -19.43
C ASN C 61 23.42 -21.74 -20.59
N ASN C 62 22.97 -20.88 -21.51
CA ASN C 62 23.76 -20.56 -22.69
C ASN C 62 25.06 -19.86 -22.30
N ARG C 63 24.97 -18.82 -21.45
CA ARG C 63 26.19 -18.17 -20.99
C ARG C 63 27.09 -19.18 -20.29
N GLY C 64 26.52 -20.22 -19.70
CA GLY C 64 27.30 -21.25 -19.06
C GLY C 64 27.95 -22.20 -20.04
N ILE C 65 27.13 -22.73 -20.96
CA ILE C 65 27.66 -23.58 -22.02
C ILE C 65 28.79 -22.88 -22.75
N LEU C 66 28.60 -21.59 -23.04
CA LEU C 66 29.54 -20.81 -23.85
C LEU C 66 30.98 -20.85 -23.31
N VAL C 67 31.16 -20.71 -21.99
CA VAL C 67 32.52 -20.74 -21.44
C VAL C 67 33.12 -22.13 -21.58
N ILE C 68 32.30 -23.16 -21.41
CA ILE C 68 32.81 -24.52 -21.55
C ILE C 68 33.30 -24.75 -22.99
N LEU C 69 32.46 -24.41 -23.96
CA LEU C 69 32.82 -24.56 -25.37
C LEU C 69 34.10 -23.78 -25.72
N ILE C 70 34.09 -22.46 -25.50
CA ILE C 70 35.24 -21.63 -25.87
C ILE C 70 36.53 -22.24 -25.33
N TYR C 71 36.54 -22.60 -24.05
CA TYR C 71 37.72 -23.22 -23.46
C TYR C 71 38.09 -24.52 -24.20
N GLU C 72 37.09 -25.35 -24.50
CA GLU C 72 37.38 -26.62 -25.19
C GLU C 72 38.00 -26.41 -26.56
N TYR C 73 37.70 -25.31 -27.24
CA TYR C 73 38.21 -25.10 -28.58
C TYR C 73 39.33 -24.07 -28.66
N VAL C 74 39.67 -23.39 -27.56
CA VAL C 74 41.00 -22.76 -27.48
C VAL C 74 42.01 -23.74 -26.92
N LYS C 75 41.56 -24.91 -26.46
CA LYS C 75 42.39 -26.06 -26.10
C LYS C 75 43.52 -25.73 -25.13
N ASP C 78 42.21 -32.02 -25.50
CA ASP C 78 43.48 -32.12 -24.77
C ASP C 78 43.28 -31.83 -23.25
N ILE C 79 42.06 -32.00 -22.76
CA ILE C 79 41.64 -31.44 -21.48
C ILE C 79 41.28 -32.55 -20.51
N ASN C 80 41.93 -32.54 -19.34
CA ASN C 80 41.76 -33.58 -18.34
C ASN C 80 40.66 -33.20 -17.34
N SER C 81 40.27 -34.17 -16.51
CA SER C 81 39.21 -33.97 -15.54
C SER C 81 39.50 -32.79 -14.61
N SER C 82 40.75 -32.66 -14.14
CA SER C 82 41.10 -31.54 -13.25
C SER C 82 40.89 -30.19 -13.91
N GLU C 83 41.00 -30.12 -15.24
CA GLU C 83 40.82 -28.84 -15.91
C GLU C 83 39.34 -28.55 -16.13
N TRP C 84 38.55 -29.58 -16.47
CA TRP C 84 37.11 -29.40 -16.52
C TRP C 84 36.54 -28.96 -15.19
N GLU C 85 37.24 -29.23 -14.10
CA GLU C 85 36.78 -28.76 -12.81
C GLU C 85 36.81 -27.24 -12.74
N LYS C 86 37.89 -26.62 -13.25
CA LYS C 86 38.04 -25.17 -13.15
C LYS C 86 37.14 -24.45 -14.15
N ALA C 87 37.08 -24.94 -15.37
CA ALA C 87 36.22 -24.31 -16.36
C ALA C 87 34.75 -24.42 -15.94
N ALA C 88 34.33 -25.58 -15.42
CA ALA C 88 32.96 -25.74 -14.95
C ALA C 88 32.62 -24.80 -13.80
N CYS C 89 33.63 -24.33 -13.07
CA CYS C 89 33.38 -23.39 -11.98
C CYS C 89 33.04 -22.02 -12.53
N LEU C 90 33.91 -21.48 -13.40
CA LEU C 90 33.60 -20.24 -14.10
C LEU C 90 32.26 -20.33 -14.83
N ALA C 91 31.89 -21.52 -15.30
CA ALA C 91 30.62 -21.71 -15.99
C ALA C 91 29.43 -21.53 -15.04
N TRP C 92 29.48 -22.16 -13.87
CA TRP C 92 28.39 -22.00 -12.92
C TRP C 92 28.44 -20.63 -12.26
N CYS C 93 29.63 -20.05 -12.09
CA CYS C 93 29.70 -18.68 -11.60
C CYS C 93 28.89 -17.72 -12.48
N ILE C 94 29.00 -17.88 -13.80
CA ILE C 94 28.24 -16.99 -14.67
C ILE C 94 26.75 -17.28 -14.61
N GLU C 95 26.37 -18.55 -14.35
CA GLU C 95 24.96 -18.81 -14.12
C GLU C 95 24.53 -18.26 -12.77
N ILE C 96 25.43 -18.26 -11.79
CA ILE C 96 25.13 -17.61 -10.52
C ILE C 96 24.99 -16.10 -10.73
N LEU C 97 25.90 -15.50 -11.50
CA LEU C 97 25.80 -14.05 -11.75
C LEU C 97 24.48 -13.71 -12.43
N GLN C 98 24.02 -14.60 -13.30
CA GLN C 98 22.72 -14.46 -13.92
C GLN C 98 21.60 -14.57 -12.88
N ALA C 99 21.72 -15.51 -11.95
CA ALA C 99 20.72 -15.66 -10.90
C ALA C 99 20.58 -14.38 -10.09
N ALA C 100 21.70 -13.77 -9.72
CA ALA C 100 21.68 -12.52 -8.97
C ALA C 100 21.00 -11.40 -9.76
N PHE C 101 21.29 -11.30 -11.06
CA PHE C 101 20.67 -10.27 -11.89
C PHE C 101 19.15 -10.46 -11.99
N LEU C 102 18.67 -11.71 -12.10
CA LEU C 102 17.22 -11.90 -12.21
C LEU C 102 16.52 -11.43 -10.97
N VAL C 103 16.99 -11.91 -9.81
CA VAL C 103 16.32 -11.57 -8.56
C VAL C 103 16.23 -10.07 -8.43
N ALA C 104 17.31 -9.36 -8.74
CA ALA C 104 17.28 -7.92 -8.61
C ALA C 104 16.47 -7.26 -9.72
N ASP C 105 16.51 -7.82 -10.92
CA ASP C 105 15.67 -7.27 -11.98
C ASP C 105 14.21 -7.39 -11.61
N ASP C 106 13.81 -8.53 -11.03
CA ASP C 106 12.41 -8.74 -10.72
C ASP C 106 11.94 -7.86 -9.59
N ILE C 107 12.83 -7.51 -8.66
CA ILE C 107 12.48 -6.49 -7.65
C ILE C 107 12.30 -5.14 -8.31
N MET C 108 13.33 -4.70 -9.06
CA MET C 108 13.31 -3.36 -9.61
C MET C 108 12.13 -3.16 -10.56
N ASP C 109 11.86 -4.14 -11.43
CA ASP C 109 10.80 -4.00 -12.42
C ASP C 109 9.50 -4.66 -12.00
N LYS C 110 9.34 -4.99 -10.72
CA LYS C 110 8.12 -5.60 -10.19
C LYS C 110 7.66 -6.79 -11.02
N GLY C 111 8.62 -7.57 -11.52
CA GLY C 111 8.29 -8.78 -12.26
C GLY C 111 7.40 -9.72 -11.47
N GLU C 112 6.74 -10.66 -12.14
CA GLU C 112 5.81 -11.55 -11.44
C GLU C 112 6.11 -13.03 -11.63
N MET C 113 6.51 -13.43 -12.83
CA MET C 113 6.89 -14.80 -13.15
C MET C 113 8.23 -14.79 -13.86
N ARG C 114 9.09 -15.73 -13.47
CA ARG C 114 10.45 -15.86 -14.00
C ARG C 114 10.74 -17.35 -14.14
N ARG C 115 11.00 -17.79 -15.36
CA ARG C 115 11.24 -19.20 -15.68
C ARG C 115 10.05 -20.08 -15.26
N ASN C 116 8.84 -19.55 -15.45
CA ASN C 116 7.58 -20.25 -15.22
C ASN C 116 7.33 -20.51 -13.74
N LYS C 117 7.97 -19.73 -12.89
CA LYS C 117 7.83 -19.79 -11.45
C LYS C 117 7.50 -18.41 -10.91
N TYR C 118 6.97 -18.37 -9.70
CA TYR C 118 6.90 -17.10 -8.99
C TYR C 118 8.29 -16.54 -8.78
N CYS C 119 8.46 -15.25 -9.03
CA CYS C 119 9.66 -14.54 -8.64
C CYS C 119 10.01 -14.80 -7.18
N TRP C 120 11.31 -14.79 -6.90
CA TRP C 120 11.80 -15.02 -5.55
C TRP C 120 11.24 -14.01 -4.56
N TYR C 121 11.31 -12.72 -4.89
CA TYR C 121 10.92 -11.69 -3.93
C TYR C 121 9.45 -11.73 -3.58
N LEU C 122 8.63 -12.43 -4.36
CA LEU C 122 7.19 -12.48 -4.13
C LEU C 122 6.76 -13.54 -3.11
N LEU C 123 7.55 -14.59 -2.93
CA LEU C 123 7.25 -15.58 -1.92
C LEU C 123 7.18 -14.92 -0.55
N LYS C 124 6.16 -15.28 0.24
CA LYS C 124 5.97 -14.58 1.51
C LYS C 124 6.96 -15.04 2.58
N ASP C 125 7.56 -16.22 2.41
CA ASP C 125 8.70 -16.58 3.24
C ASP C 125 9.95 -15.76 2.96
N VAL C 126 10.00 -14.89 1.95
CA VAL C 126 11.23 -14.13 1.68
C VAL C 126 10.95 -12.63 1.53
N GLU C 127 9.98 -12.25 0.69
CA GLU C 127 9.65 -10.84 0.43
C GLU C 127 10.84 -10.03 -0.07
N THR C 128 10.71 -8.70 -0.06
CA THR C 128 11.77 -7.85 -0.60
C THR C 128 13.00 -7.80 0.32
N LYS C 129 12.79 -7.76 1.64
CA LYS C 129 13.92 -7.64 2.56
C LYS C 129 14.95 -8.75 2.32
N ASN C 130 14.49 -10.00 2.29
CA ASN C 130 15.41 -11.10 2.02
C ASN C 130 15.93 -11.06 0.59
N ALA C 131 15.09 -10.70 -0.36
CA ALA C 131 15.51 -10.75 -1.75
C ALA C 131 16.69 -9.82 -2.00
N VAL C 132 16.62 -8.59 -1.50
CA VAL C 132 17.74 -7.66 -1.64
C VAL C 132 19.00 -8.25 -1.02
N ASN C 133 18.88 -8.76 0.20
CA ASN C 133 20.02 -9.38 0.85
C ASN C 133 20.56 -10.56 0.03
N ASP C 134 19.67 -11.32 -0.61
CA ASP C 134 20.10 -12.50 -1.34
C ASP C 134 20.73 -12.16 -2.68
N VAL C 135 20.40 -11.01 -3.28
CA VAL C 135 21.16 -10.53 -4.43
C VAL C 135 22.65 -10.48 -4.07
N LEU C 136 22.98 -9.82 -2.98
CA LEU C 136 24.39 -9.64 -2.64
C LEU C 136 25.03 -10.95 -2.21
N LEU C 137 24.27 -11.86 -1.59
CA LEU C 137 24.88 -13.13 -1.26
C LEU C 137 25.26 -13.90 -2.51
N LEU C 138 24.27 -14.15 -3.39
CA LEU C 138 24.53 -14.80 -4.67
C LEU C 138 25.70 -14.14 -5.39
N TYR C 139 25.75 -12.81 -5.35
CA TYR C 139 26.80 -12.11 -6.08
C TYR C 139 28.17 -12.36 -5.47
N ASN C 140 28.26 -12.30 -4.13
CA ASN C 140 29.53 -12.54 -3.46
C ASN C 140 29.96 -14.00 -3.51
N SER C 141 29.01 -14.94 -3.50
CA SER C 141 29.39 -16.36 -3.60
C SER C 141 30.26 -16.63 -4.81
N ILE C 142 30.07 -15.87 -5.89
CA ILE C 142 30.86 -16.06 -7.10
C ILE C 142 32.35 -15.93 -6.81
N TYR C 143 32.72 -14.92 -6.03
CA TYR C 143 34.13 -14.72 -5.77
C TYR C 143 34.67 -15.69 -4.75
N LYS C 144 33.80 -16.28 -3.93
CA LYS C 144 34.22 -17.40 -3.11
C LYS C 144 34.57 -18.60 -3.96
N LEU C 145 33.65 -19.00 -4.85
CA LEU C 145 33.89 -20.15 -5.71
C LEU C 145 35.13 -19.93 -6.58
N ILE C 146 35.33 -18.73 -7.11
CA ILE C 146 36.51 -18.50 -7.93
C ILE C 146 37.77 -18.59 -7.09
N GLU C 147 37.70 -18.24 -5.80
CA GLU C 147 38.84 -18.45 -4.93
C GLU C 147 39.05 -19.93 -4.63
N ILE C 148 37.95 -20.67 -4.44
CA ILE C 148 38.08 -22.07 -4.03
C ILE C 148 38.74 -22.91 -5.10
N TYR C 149 38.45 -22.64 -6.38
CA TYR C 149 38.93 -23.50 -7.44
C TYR C 149 40.06 -22.91 -8.27
N LEU C 150 40.35 -21.59 -8.17
CA LEU C 150 41.34 -20.98 -9.05
C LEU C 150 42.32 -20.05 -8.32
N ARG C 151 42.36 -20.07 -6.98
CA ARG C 151 43.31 -19.25 -6.23
C ARG C 151 44.74 -19.41 -6.73
N ASN C 152 45.09 -20.60 -7.22
CA ASN C 152 46.46 -20.91 -7.58
C ASN C 152 46.71 -20.89 -9.08
N GLU C 153 45.72 -20.51 -9.89
CA GLU C 153 45.94 -20.32 -11.31
C GLU C 153 46.56 -18.94 -11.56
N SER C 154 47.15 -18.78 -12.75
CA SER C 154 47.82 -17.52 -13.04
C SER C 154 46.86 -16.46 -13.56
N CYS C 155 45.72 -16.86 -14.12
CA CYS C 155 44.68 -15.93 -14.57
C CYS C 155 43.75 -15.48 -13.43
N TYR C 156 44.04 -15.83 -12.18
CA TYR C 156 43.12 -15.53 -11.08
C TYR C 156 42.77 -14.05 -11.00
N VAL C 157 43.78 -13.20 -10.82
CA VAL C 157 43.55 -11.78 -10.61
C VAL C 157 42.87 -11.15 -11.81
N ASP C 158 43.05 -11.73 -12.99
CA ASP C 158 42.42 -11.18 -14.18
C ASP C 158 41.02 -11.74 -14.44
N VAL C 159 40.70 -12.93 -13.92
CA VAL C 159 39.36 -13.45 -14.11
C VAL C 159 38.38 -12.72 -13.21
N ILE C 160 38.75 -12.47 -11.94
CA ILE C 160 37.82 -11.76 -11.08
C ILE C 160 37.76 -10.29 -11.46
N ALA C 161 38.77 -9.77 -12.16
CA ALA C 161 38.66 -8.43 -12.73
C ALA C 161 37.62 -8.40 -13.86
N THR C 162 37.51 -9.45 -14.64
CA THR C 162 36.51 -9.50 -15.70
C THR C 162 35.11 -9.64 -15.12
N PHE C 163 34.95 -10.39 -14.04
CA PHE C 163 33.64 -10.44 -13.38
C PHE C 163 33.26 -9.06 -12.86
N ARG C 164 34.19 -8.39 -12.17
CA ARG C 164 33.89 -7.09 -11.58
C ARG C 164 33.64 -6.02 -12.65
N ASP C 165 34.44 -6.00 -13.70
CA ASP C 165 34.23 -4.97 -14.73
C ASP C 165 32.97 -5.20 -15.56
N ALA C 166 32.56 -6.46 -15.75
CA ALA C 166 31.32 -6.70 -16.49
C ALA C 166 30.10 -6.37 -15.64
N THR C 167 30.15 -6.66 -14.34
CA THR C 167 29.03 -6.32 -13.47
C THR C 167 28.84 -4.81 -13.38
N LEU C 168 29.92 -4.05 -13.27
CA LEU C 168 29.79 -2.58 -13.25
C LEU C 168 29.10 -2.08 -14.51
N LYS C 169 29.48 -2.63 -15.65
CA LYS C 169 28.88 -2.19 -16.90
C LYS C 169 27.39 -2.48 -16.93
N THR C 170 26.97 -3.70 -16.58
CA THR C 170 25.54 -3.94 -16.68
C THR C 170 24.78 -3.26 -15.56
N ILE C 171 25.42 -2.97 -14.44
CA ILE C 171 24.83 -2.05 -13.46
C ILE C 171 24.54 -0.69 -14.11
N ILE C 172 25.52 -0.13 -14.84
CA ILE C 172 25.31 1.16 -15.50
C ILE C 172 24.28 1.05 -16.60
N GLY C 173 24.29 -0.06 -17.34
CA GLY C 173 23.23 -0.27 -18.33
C GLY C 173 21.88 -0.45 -17.69
N GLN C 174 21.83 -1.02 -16.49
CA GLN C 174 20.56 -1.19 -15.81
C GLN C 174 20.02 0.16 -15.35
N HIS C 175 20.89 1.01 -14.87
CA HIS C 175 20.50 2.36 -14.46
C HIS C 175 19.96 3.16 -15.63
N LEU C 176 20.48 2.94 -16.83
CA LEU C 176 19.90 3.62 -17.98
C LEU C 176 18.57 3.00 -18.41
N ASP C 177 18.46 1.68 -18.41
CA ASP C 177 17.19 1.08 -18.79
C ASP C 177 16.08 1.46 -17.81
N THR C 178 16.43 1.99 -16.64
CA THR C 178 15.48 2.31 -15.59
C THR C 178 15.06 3.76 -15.56
N ASN C 179 15.93 4.69 -15.94
CA ASN C 179 15.61 6.11 -15.86
C ASN C 179 15.74 6.85 -17.18
N ILE C 180 15.74 6.14 -18.32
CA ILE C 180 15.98 6.82 -19.58
C ILE C 180 14.86 7.81 -19.89
N PHE C 181 13.67 7.58 -19.33
CA PHE C 181 12.53 8.44 -19.54
C PHE C 181 12.26 9.33 -18.35
N SER C 182 12.87 9.05 -17.21
CA SER C 182 12.59 9.81 -16.00
C SER C 182 13.11 11.23 -16.13
N ASP C 183 12.52 12.13 -15.35
CA ASP C 183 12.73 13.57 -15.55
C ASP C 183 14.19 13.97 -15.41
N LYS C 184 14.93 13.33 -14.51
CA LYS C 184 16.34 13.68 -14.33
C LYS C 184 17.20 13.31 -15.54
N TYR C 185 16.58 13.05 -16.70
CA TYR C 185 17.34 12.74 -17.91
C TYR C 185 16.87 13.58 -19.09
N SER C 186 16.28 14.75 -18.82
CA SER C 186 15.69 15.59 -19.84
C SER C 186 16.47 16.87 -20.03
N ARG C 190 17.52 18.42 -15.63
CA ARG C 190 16.93 18.59 -14.29
C ARG C 190 17.87 18.15 -13.15
N GLU C 191 17.32 18.04 -11.93
CA GLU C 191 18.10 17.73 -10.74
C GLU C 191 17.32 16.80 -9.82
N ILE C 192 18.04 16.13 -8.93
CA ILE C 192 17.43 15.23 -7.96
C ILE C 192 16.98 16.03 -6.74
N ASP C 193 15.69 15.92 -6.39
CA ASP C 193 15.14 16.65 -5.26
C ASP C 193 15.29 15.79 -4.01
N VAL C 194 16.32 16.09 -3.24
CA VAL C 194 16.58 15.37 -2.00
C VAL C 194 15.53 15.71 -0.96
N ASN C 195 14.52 16.49 -1.34
CA ASN C 195 13.50 16.94 -0.41
C ASN C 195 12.11 16.37 -0.68
N ASN C 196 11.93 15.57 -1.75
CA ASN C 196 10.62 15.06 -2.14
C ASN C 196 10.52 13.55 -1.87
N ILE C 197 9.87 13.18 -0.77
CA ILE C 197 9.49 11.79 -0.57
C ILE C 197 7.97 11.62 -0.74
N ASN C 198 7.30 12.59 -1.37
CA ASN C 198 5.84 12.71 -1.34
C ASN C 198 5.21 12.67 -2.72
N VAL C 199 5.51 13.63 -3.60
CA VAL C 199 4.85 13.79 -4.90
C VAL C 199 5.47 12.85 -5.93
N PRO C 200 4.92 11.66 -6.17
CA PRO C 200 5.62 10.68 -6.99
C PRO C 200 5.57 11.05 -8.47
N GLU C 201 6.69 10.77 -9.14
CA GLU C 201 6.80 10.94 -10.58
C GLU C 201 5.80 10.03 -11.29
N GLN C 202 5.31 10.50 -12.44
CA GLN C 202 4.39 9.72 -13.27
C GLN C 202 5.07 9.34 -14.58
N PRO C 203 4.90 8.10 -15.04
CA PRO C 203 5.68 7.61 -16.20
C PRO C 203 5.25 8.30 -17.48
N VAL C 204 6.20 8.99 -18.14
CA VAL C 204 5.96 9.62 -19.42
C VAL C 204 7.09 9.26 -20.39
N ILE C 205 6.72 9.02 -21.65
CA ILE C 205 7.69 8.89 -22.71
C ILE C 205 8.45 10.21 -22.90
N ASP C 206 9.72 10.10 -23.28
CA ASP C 206 10.62 11.25 -23.52
C ASP C 206 11.09 11.15 -24.97
N ILE C 207 10.39 11.86 -25.88
CA ILE C 207 10.53 11.61 -27.31
C ILE C 207 11.96 11.82 -27.81
N ASN C 208 12.75 12.64 -27.14
CA ASN C 208 14.13 12.82 -27.58
C ASN C 208 14.95 11.54 -27.44
N MET C 209 14.68 10.71 -26.43
CA MET C 209 15.46 9.49 -26.21
C MET C 209 14.97 8.30 -27.02
N ILE C 210 13.96 8.46 -27.87
CA ILE C 210 13.47 7.34 -28.68
C ILE C 210 14.28 7.36 -29.98
N ASN C 211 15.48 6.79 -29.90
CA ASN C 211 16.31 6.60 -31.09
C ASN C 211 17.33 5.49 -30.80
N PHE C 212 17.74 4.78 -31.85
CA PHE C 212 18.61 3.63 -31.68
C PHE C 212 19.99 3.99 -31.15
N GLY C 213 20.39 5.26 -31.20
CA GLY C 213 21.65 5.63 -30.57
C GLY C 213 21.62 5.40 -29.08
N VAL C 214 20.57 5.91 -28.40
CA VAL C 214 20.42 5.71 -26.96
C VAL C 214 20.24 4.23 -26.64
N TYR C 215 19.39 3.54 -27.41
CA TYR C 215 19.05 2.16 -27.08
C TYR C 215 20.26 1.26 -27.20
N LYS C 216 21.10 1.47 -28.21
CA LYS C 216 22.32 0.68 -28.35
C LYS C 216 23.28 0.94 -27.20
N ASN C 217 23.35 2.18 -26.72
CA ASN C 217 24.12 2.43 -25.50
C ASN C 217 23.61 1.58 -24.35
N ILE C 218 22.30 1.44 -24.24
CA ILE C 218 21.71 0.80 -23.07
C ILE C 218 21.90 -0.72 -23.10
N VAL C 219 21.60 -1.37 -24.23
CA VAL C 219 21.67 -2.81 -24.28
C VAL C 219 23.10 -3.33 -24.37
N ILE C 220 24.00 -2.57 -24.98
CA ILE C 220 25.42 -2.91 -24.92
C ILE C 220 25.85 -3.09 -23.48
N HIS C 221 25.45 -2.15 -22.62
CA HIS C 221 25.85 -2.21 -21.23
C HIS C 221 24.99 -3.19 -20.44
N LYS C 222 23.68 -3.17 -20.64
CA LYS C 222 22.78 -4.05 -19.92
C LYS C 222 22.96 -5.53 -20.28
N THR C 223 23.44 -5.85 -21.49
CA THR C 223 23.42 -7.26 -21.87
C THR C 223 24.72 -7.79 -22.46
N ALA C 224 25.44 -6.98 -23.23
CA ALA C 224 26.53 -7.55 -24.03
C ALA C 224 27.71 -7.98 -23.17
N TYR C 225 28.03 -7.22 -22.13
CA TYR C 225 29.27 -7.50 -21.40
C TYR C 225 29.16 -8.76 -20.55
N TYR C 226 28.04 -8.99 -19.90
CA TYR C 226 27.96 -10.20 -19.07
C TYR C 226 27.38 -11.39 -19.81
N SER C 227 26.88 -11.23 -21.04
CA SER C 227 26.24 -12.37 -21.67
C SER C 227 27.10 -13.01 -22.73
N PHE C 228 28.15 -12.33 -23.19
CA PHE C 228 28.96 -12.83 -24.28
C PHE C 228 30.43 -12.52 -24.05
N PHE C 229 30.73 -11.28 -23.65
CA PHE C 229 32.14 -10.93 -23.49
C PHE C 229 32.75 -11.56 -22.26
N LEU C 230 32.04 -11.53 -21.13
CA LEU C 230 32.56 -12.19 -19.93
C LEU C 230 32.73 -13.69 -20.09
N PRO C 231 31.73 -14.47 -20.57
CA PRO C 231 31.94 -15.91 -20.68
C PRO C 231 32.97 -16.31 -21.72
N ILE C 232 33.15 -15.55 -22.79
CA ILE C 232 34.19 -15.88 -23.76
C ILE C 232 35.57 -15.56 -23.19
N VAL C 233 35.72 -14.38 -22.59
CA VAL C 233 36.99 -14.01 -21.96
C VAL C 233 37.40 -15.05 -20.93
N CYS C 234 36.44 -15.57 -20.17
CA CYS C 234 36.75 -16.58 -19.15
C CYS C 234 37.38 -17.83 -19.78
N GLY C 235 36.67 -18.43 -20.74
CA GLY C 235 37.28 -19.49 -21.54
C GLY C 235 38.66 -19.13 -22.06
N MET C 236 38.79 -17.93 -22.64
CA MET C 236 40.05 -17.52 -23.27
C MET C 236 41.16 -17.33 -22.25
N LEU C 237 40.84 -16.77 -21.08
CA LEU C 237 41.86 -16.54 -20.06
C LEU C 237 42.33 -17.84 -19.44
N LEU C 238 41.39 -18.73 -19.13
CA LEU C 238 41.76 -20.00 -18.51
C LEU C 238 42.67 -20.82 -19.43
N ALA C 239 42.50 -20.66 -20.74
CA ALA C 239 43.29 -21.39 -21.72
C ALA C 239 44.67 -20.77 -21.98
N GLY C 240 44.98 -19.61 -21.42
CA GLY C 240 46.30 -19.02 -21.57
C GLY C 240 46.51 -18.04 -22.72
N ILE C 241 45.62 -17.05 -22.85
CA ILE C 241 45.81 -15.96 -23.80
C ILE C 241 45.87 -14.65 -23.02
N ASP C 244 45.74 -8.17 -23.32
CA ASP C 244 46.90 -8.96 -23.66
C ASP C 244 47.06 -9.04 -25.18
N ASN C 245 46.52 -10.14 -25.71
CA ASN C 245 46.51 -10.40 -27.14
C ASN C 245 45.46 -9.54 -27.83
N LEU C 246 45.76 -9.09 -29.06
CA LEU C 246 44.87 -8.14 -29.77
C LEU C 246 43.56 -8.77 -30.23
N ILE C 247 43.29 -10.02 -29.86
CA ILE C 247 42.01 -10.65 -30.18
C ILE C 247 40.93 -10.29 -29.17
N TYR C 248 41.30 -9.85 -27.95
CA TYR C 248 40.28 -9.48 -26.97
C TYR C 248 39.47 -8.27 -27.43
N LYS C 249 40.13 -7.24 -27.97
CA LYS C 249 39.39 -6.09 -28.50
C LYS C 249 38.51 -6.49 -29.66
N LYS C 250 38.91 -7.49 -30.45
CA LYS C 250 38.02 -7.98 -31.50
C LYS C 250 36.86 -8.79 -30.90
N ILE C 251 37.10 -9.49 -29.79
CA ILE C 251 36.03 -10.28 -29.16
C ILE C 251 35.01 -9.36 -28.50
N GLU C 252 35.48 -8.24 -27.94
CA GLU C 252 34.54 -7.29 -27.35
C GLU C 252 33.68 -6.63 -28.44
N ASP C 253 34.22 -6.43 -29.64
CA ASP C 253 33.41 -5.87 -30.72
C ASP C 253 32.31 -6.81 -31.14
N ILE C 254 32.64 -8.10 -31.34
CA ILE C 254 31.61 -9.08 -31.67
C ILE C 254 30.59 -9.21 -30.54
N SER C 255 31.04 -9.07 -29.28
CA SER C 255 30.12 -9.21 -28.17
C SER C 255 29.06 -8.12 -28.19
N MET C 256 29.42 -6.91 -28.61
CA MET C 256 28.47 -5.81 -28.65
C MET C 256 27.39 -6.04 -29.70
N LEU C 257 27.76 -6.56 -30.88
CA LEU C 257 26.76 -6.90 -31.89
C LEU C 257 25.88 -8.05 -31.46
N MET C 258 26.40 -8.93 -30.59
CA MET C 258 25.59 -10.06 -30.16
C MET C 258 24.64 -9.66 -29.03
N GLY C 259 25.10 -8.80 -28.13
CA GLY C 259 24.18 -8.25 -27.14
C GLY C 259 23.00 -7.55 -27.78
N GLU C 260 23.29 -6.63 -28.69
CA GLU C 260 22.24 -5.96 -29.46
C GLU C 260 21.29 -6.97 -30.10
N TYR C 261 21.84 -7.93 -30.85
CA TYR C 261 21.03 -8.97 -31.47
C TYR C 261 20.20 -9.73 -30.45
N PHE C 262 20.79 -10.09 -29.32
CA PHE C 262 20.08 -10.87 -28.31
C PHE C 262 18.98 -10.04 -27.65
N GLN C 263 19.20 -8.75 -27.45
CA GLN C 263 18.22 -7.93 -26.73
C GLN C 263 17.05 -7.51 -27.62
N ILE C 264 17.31 -7.15 -28.87
CA ILE C 264 16.22 -6.87 -29.81
C ILE C 264 15.31 -8.09 -29.96
N HIS C 265 15.88 -9.29 -29.85
CA HIS C 265 15.08 -10.51 -29.88
C HIS C 265 14.26 -10.66 -28.61
N ASP C 266 14.84 -10.32 -27.45
CA ASP C 266 14.09 -10.43 -26.20
C ASP C 266 12.90 -9.47 -26.21
N ASP C 267 13.10 -8.26 -26.74
CA ASP C 267 12.01 -7.29 -26.82
C ASP C 267 10.92 -7.80 -27.75
N TYR C 268 11.32 -8.49 -28.81
CA TYR C 268 10.33 -9.00 -29.76
C TYR C 268 9.44 -10.06 -29.13
N LEU C 269 10.02 -10.99 -28.38
CA LEU C 269 9.21 -12.01 -27.72
C LEU C 269 8.36 -11.41 -26.60
N ASP C 270 8.80 -10.28 -26.02
CA ASP C 270 8.00 -9.62 -25.00
C ASP C 270 6.56 -9.39 -25.49
N ILE C 271 6.40 -8.75 -26.65
CA ILE C 271 5.06 -8.55 -27.18
C ILE C 271 4.50 -9.84 -27.75
N PHE C 272 5.27 -10.56 -28.57
CA PHE C 272 4.86 -11.86 -29.10
C PHE C 272 5.51 -13.00 -28.32
N ASP C 274 4.55 -15.05 -25.52
CA ASP C 274 4.18 -16.42 -25.16
C ASP C 274 4.85 -16.83 -23.85
N SER C 275 4.18 -16.55 -22.72
CA SER C 275 4.82 -16.71 -21.42
C SER C 275 5.16 -18.16 -21.10
N THR C 276 4.62 -19.11 -21.87
CA THR C 276 5.04 -20.51 -21.74
C THR C 276 6.48 -20.69 -22.21
N LYS C 277 6.80 -20.23 -23.42
CA LYS C 277 8.14 -20.43 -23.95
C LYS C 277 9.17 -19.64 -23.15
N THR C 278 8.89 -18.35 -22.89
CA THR C 278 9.88 -17.46 -22.28
C THR C 278 9.94 -17.57 -20.77
N GLY C 279 8.83 -17.91 -20.12
CA GLY C 279 8.77 -17.97 -18.68
C GLY C 279 8.61 -16.65 -17.96
N LYS C 280 8.32 -15.56 -18.67
CA LYS C 280 8.16 -14.22 -18.10
C LYS C 280 6.82 -13.64 -18.56
N VAL C 281 6.47 -12.49 -17.98
CA VAL C 281 5.31 -11.73 -18.45
C VAL C 281 5.82 -10.46 -19.14
N SER C 283 5.39 -7.55 -20.23
CA SER C 283 5.03 -6.30 -19.55
C SER C 283 5.92 -5.05 -19.82
N ASP C 284 6.70 -5.03 -20.91
CA ASP C 284 7.53 -3.85 -21.22
C ASP C 284 6.71 -2.60 -21.55
N ILE C 285 5.54 -2.77 -22.16
CA ILE C 285 4.69 -1.63 -22.50
C ILE C 285 4.16 -0.96 -21.24
N GLN C 286 3.64 -1.74 -20.28
CA GLN C 286 3.14 -1.09 -19.07
C GLN C 286 4.25 -0.53 -18.20
N ASN C 287 5.47 -1.04 -18.30
CA ASN C 287 6.57 -0.58 -17.45
C ASN C 287 7.42 0.50 -18.09
N ASN C 288 6.97 1.10 -19.21
CA ASN C 288 7.60 2.31 -19.76
C ASN C 288 9.04 2.07 -20.21
N LYS C 289 9.30 0.94 -20.84
CA LYS C 289 10.66 0.59 -21.22
C LYS C 289 10.94 1.10 -22.62
N LEU C 290 12.18 1.54 -22.83
CA LEU C 290 12.68 1.87 -24.15
C LEU C 290 13.02 0.58 -24.87
N THR C 291 12.21 0.17 -25.83
CA THR C 291 12.40 -1.09 -26.53
C THR C 291 12.61 -0.88 -28.02
N TRP C 292 13.01 -1.95 -28.70
CA TRP C 292 13.20 -1.86 -30.15
C TRP C 292 11.85 -1.69 -30.86
N PRO C 293 10.82 -2.52 -30.60
CA PRO C 293 9.51 -2.27 -31.24
C PRO C 293 8.99 -0.85 -31.08
N LEU C 294 9.17 -0.23 -29.90
CA LEU C 294 8.75 1.16 -29.74
C LEU C 294 9.52 2.09 -30.65
N ILE C 295 10.85 1.90 -30.76
CA ILE C 295 11.65 2.82 -31.56
C ILE C 295 11.34 2.65 -33.04
N LYS C 296 11.14 1.39 -33.47
CA LYS C 296 10.69 1.16 -34.85
C LYS C 296 9.37 1.86 -35.11
N THR C 297 8.34 1.53 -34.32
CA THR C 297 7.00 2.06 -34.55
C THR C 297 6.98 3.57 -34.57
N PHE C 298 7.74 4.20 -33.68
CA PHE C 298 7.65 5.65 -33.53
C PHE C 298 8.05 6.38 -34.81
N GLU C 299 9.18 6.00 -35.40
CA GLU C 299 9.63 6.69 -36.60
C GLU C 299 8.86 6.29 -37.85
N LEU C 300 8.20 5.14 -37.84
CA LEU C 300 7.45 4.65 -38.99
C LEU C 300 6.02 5.16 -39.08
N CYS C 301 5.57 6.01 -38.17
CA CYS C 301 4.13 6.23 -38.04
C CYS C 301 3.76 7.70 -38.20
N SER C 302 2.48 7.91 -38.51
CA SER C 302 1.90 9.23 -38.67
C SER C 302 2.00 10.02 -37.37
N GLU C 303 1.97 11.35 -37.49
CA GLU C 303 2.01 12.19 -36.30
C GLU C 303 0.77 12.04 -35.42
N PRO C 304 -0.40 11.66 -35.95
CA PRO C 304 -1.46 11.17 -35.04
C PRO C 304 -1.06 9.96 -34.22
N ASP C 305 -0.55 8.90 -34.87
CA ASP C 305 -0.13 7.71 -34.13
C ASP C 305 1.05 7.99 -33.22
N LYS C 306 1.91 8.97 -33.58
CA LYS C 306 2.94 9.41 -32.65
C LYS C 306 2.35 9.96 -31.36
N ILE C 307 1.08 10.36 -31.36
CA ILE C 307 0.44 10.96 -30.20
C ILE C 307 -0.43 9.92 -29.51
N LYS C 308 -0.92 8.95 -30.27
CA LYS C 308 -1.47 7.76 -29.65
C LYS C 308 -0.44 7.12 -28.72
N ILE C 309 0.81 6.99 -29.19
CA ILE C 309 1.82 6.27 -28.42
C ILE C 309 2.11 7.00 -27.12
N VAL C 310 2.35 8.31 -27.21
CA VAL C 310 2.66 9.15 -26.06
C VAL C 310 1.55 9.11 -25.02
N LYS C 311 0.29 8.98 -25.46
CA LYS C 311 -0.83 9.02 -24.54
C LYS C 311 -1.09 7.68 -23.88
N ASN C 312 -0.75 6.57 -24.55
CA ASN C 312 -1.10 5.24 -24.08
C ASN C 312 0.07 4.41 -23.57
N TYR C 313 1.30 4.86 -23.74
CA TYR C 313 2.44 4.02 -23.41
C TYR C 313 2.86 4.25 -21.97
N GLY C 314 3.19 3.16 -21.27
CA GLY C 314 3.63 3.24 -19.90
C GLY C 314 2.51 3.41 -18.89
N LYS C 315 1.32 2.88 -19.17
CA LYS C 315 0.19 2.98 -18.28
C LYS C 315 -0.24 1.58 -17.85
N ASN C 316 -0.45 1.41 -16.56
CA ASN C 316 -0.92 0.14 -16.02
C ASN C 316 -2.41 -0.02 -16.33
N ASN C 317 -2.79 0.20 -17.58
CA ASN C 317 -4.18 0.14 -18.01
C ASN C 317 -4.32 -0.80 -19.20
N LEU C 318 -5.23 -1.77 -19.07
CA LEU C 318 -5.48 -2.74 -20.13
C LEU C 318 -5.72 -2.08 -21.49
N ALA C 319 -6.63 -1.10 -21.54
CA ALA C 319 -6.95 -0.46 -22.81
C ALA C 319 -5.74 0.26 -23.41
N CYS C 320 -4.95 0.94 -22.58
CA CYS C 320 -3.78 1.65 -23.11
C CYS C 320 -2.79 0.68 -23.72
N VAL C 321 -2.60 -0.47 -23.07
CA VAL C 321 -1.70 -1.51 -23.59
C VAL C 321 -2.24 -2.05 -24.91
N LYS C 322 -3.50 -2.50 -24.91
CA LYS C 322 -4.12 -2.98 -26.14
C LYS C 322 -3.93 -2.01 -27.31
N VAL C 323 -3.83 -0.71 -27.02
CA VAL C 323 -3.67 0.27 -28.08
C VAL C 323 -2.24 0.26 -28.63
N ILE C 324 -1.23 0.10 -27.77
CA ILE C 324 0.15 -0.01 -28.27
C ILE C 324 0.36 -1.33 -29.03
N ASP C 325 -0.33 -2.41 -28.64
CA ASP C 325 -0.20 -3.69 -29.33
C ASP C 325 -0.71 -3.60 -30.76
N SER C 326 -1.82 -2.90 -30.97
CA SER C 326 -2.39 -2.78 -32.30
C SER C 326 -1.52 -1.92 -33.20
N LEU C 327 -0.84 -0.91 -32.64
CA LEU C 327 0.14 -0.17 -33.43
C LEU C 327 1.29 -1.06 -33.87
N TYR C 328 1.80 -1.89 -32.96
CA TYR C 328 2.86 -2.82 -33.35
C TYR C 328 2.41 -3.73 -34.48
N GLU C 329 1.13 -4.14 -34.45
CA GLU C 329 0.59 -5.00 -35.49
C GLU C 329 0.37 -4.23 -36.78
N GLN C 330 -0.35 -3.11 -36.69
CA GLN C 330 -0.65 -2.30 -37.87
C GLN C 330 0.63 -1.95 -38.62
N TYR C 331 1.66 -1.51 -37.89
CA TYR C 331 2.94 -1.18 -38.50
C TYR C 331 3.85 -2.39 -38.71
N LYS C 332 3.28 -3.61 -38.67
CA LYS C 332 3.92 -4.80 -39.24
C LYS C 332 5.30 -5.05 -38.64
N ILE C 333 5.38 -4.95 -37.32
CA ILE C 333 6.68 -4.91 -36.64
C ILE C 333 7.36 -6.28 -36.69
N ARG C 334 6.59 -7.38 -36.69
CA ARG C 334 7.21 -8.68 -36.89
C ARG C 334 7.98 -8.73 -38.20
N LYS C 335 7.40 -8.20 -39.28
CA LYS C 335 8.10 -8.14 -40.56
C LYS C 335 9.37 -7.31 -40.46
N HIS C 336 9.27 -6.07 -39.97
CA HIS C 336 10.47 -5.24 -39.86
C HIS C 336 11.56 -5.90 -39.05
N TYR C 337 11.17 -6.87 -38.22
CA TYR C 337 12.06 -7.49 -37.26
C TYR C 337 12.80 -8.66 -37.90
N GLU C 338 12.12 -9.47 -38.71
CA GLU C 338 12.80 -10.45 -39.56
C GLU C 338 13.85 -9.80 -40.44
N SER C 339 13.55 -8.60 -40.97
CA SER C 339 14.53 -7.90 -41.78
C SER C 339 15.77 -7.55 -40.97
N TYR C 340 15.60 -7.27 -39.68
CA TYR C 340 16.72 -6.81 -38.89
C TYR C 340 17.66 -7.96 -38.55
N GLU C 341 17.10 -9.13 -38.19
CA GLU C 341 17.93 -10.28 -37.79
C GLU C 341 18.82 -10.78 -38.91
N LYS C 342 18.26 -11.08 -40.09
CA LYS C 342 19.10 -11.44 -41.24
C LYS C 342 20.26 -10.46 -41.41
N ALA C 343 19.97 -9.17 -41.29
CA ALA C 343 21.02 -8.17 -41.51
C ALA C 343 22.07 -8.20 -40.41
N GLN C 344 21.64 -8.29 -39.15
CA GLN C 344 22.59 -8.28 -38.03
C GLN C 344 23.33 -9.61 -37.93
N LYS C 345 22.61 -10.72 -38.10
CA LYS C 345 23.28 -12.02 -38.20
C LYS C 345 24.38 -12.02 -39.24
N ALA C 346 24.19 -11.29 -40.33
CA ALA C 346 25.23 -11.22 -41.35
C ALA C 346 26.37 -10.30 -40.96
N LYS C 347 26.10 -9.28 -40.13
CA LYS C 347 27.20 -8.42 -39.69
C LYS C 347 28.06 -9.11 -38.63
N ILE C 348 27.47 -10.03 -37.84
CA ILE C 348 28.25 -10.77 -36.85
C ILE C 348 29.10 -11.83 -37.54
N LEU C 349 28.47 -12.70 -38.35
CA LEU C 349 29.19 -13.71 -39.10
C LEU C 349 30.35 -13.10 -39.89
N SER C 350 30.22 -11.84 -40.27
CA SER C 350 31.29 -11.17 -40.97
C SER C 350 32.37 -10.68 -40.01
N ALA C 351 31.99 -10.25 -38.81
CA ALA C 351 32.99 -9.88 -37.82
C ALA C 351 33.69 -11.10 -37.25
N ILE C 352 32.98 -12.24 -37.18
CA ILE C 352 33.57 -13.48 -36.70
C ILE C 352 34.72 -13.90 -37.61
N ASN C 353 34.58 -13.71 -38.91
CA ASN C 353 35.58 -14.21 -39.83
C ASN C 353 36.82 -13.32 -39.94
N GLU C 354 36.89 -12.26 -39.13
CA GLU C 354 38.10 -11.45 -38.98
C GLU C 354 38.78 -11.71 -37.63
N LEU C 355 38.45 -12.81 -36.96
CA LEU C 355 39.12 -13.18 -35.71
C LEU C 355 40.41 -13.96 -35.92
N HIS C 356 40.54 -14.67 -37.05
CA HIS C 356 41.74 -15.47 -37.34
C HIS C 356 42.00 -16.49 -36.24
N HIS C 357 40.99 -17.32 -35.97
CA HIS C 357 41.11 -18.36 -34.95
C HIS C 357 40.01 -19.37 -35.20
N GLU C 358 40.35 -20.47 -35.89
CA GLU C 358 39.35 -21.45 -36.29
C GLU C 358 38.51 -21.94 -35.12
N GLY C 359 39.15 -22.18 -33.96
CA GLY C 359 38.43 -22.81 -32.87
C GLY C 359 37.35 -21.93 -32.28
N ILE C 360 37.66 -20.64 -32.10
CA ILE C 360 36.70 -19.71 -31.50
C ILE C 360 35.58 -19.41 -32.49
N GLU C 361 35.95 -19.10 -33.74
CA GLU C 361 34.98 -18.83 -34.80
C GLU C 361 33.95 -19.97 -34.92
N TYR C 362 34.38 -21.21 -34.69
CA TYR C 362 33.44 -22.32 -34.77
C TYR C 362 32.43 -22.26 -33.62
N VAL C 363 32.87 -21.88 -32.42
CA VAL C 363 31.96 -21.75 -31.29
C VAL C 363 30.97 -20.61 -31.52
N LEU C 364 31.47 -19.43 -31.93
CA LEU C 364 30.59 -18.27 -32.08
C LEU C 364 29.58 -18.49 -33.20
N LYS C 365 30.01 -19.09 -34.30
CA LYS C 365 29.03 -19.46 -35.33
C LYS C 365 28.04 -20.48 -34.79
N TYR C 366 28.44 -21.27 -33.80
CA TYR C 366 27.52 -22.24 -33.24
C TYR C 366 26.62 -21.63 -32.17
N LEU C 367 27.15 -20.76 -31.32
CA LEU C 367 26.29 -20.03 -30.39
C LEU C 367 25.28 -19.18 -31.15
N LEU C 368 25.71 -18.57 -32.25
CA LEU C 368 24.79 -17.79 -33.08
C LEU C 368 23.61 -18.65 -33.54
N GLU C 369 23.84 -19.92 -33.82
CA GLU C 369 22.74 -20.77 -34.26
C GLU C 369 21.85 -21.21 -33.10
N ILE C 370 22.37 -21.22 -31.88
CA ILE C 370 21.70 -21.83 -30.74
C ILE C 370 21.25 -20.79 -29.72
N LEU C 371 21.39 -19.49 -30.05
CA LEU C 371 21.19 -18.42 -29.08
C LEU C 371 19.76 -18.32 -28.58
N PHE C 372 18.79 -18.85 -29.34
CA PHE C 372 17.39 -18.78 -28.93
C PHE C 372 16.90 -20.07 -28.28
N THR C 373 17.57 -21.19 -28.50
CA THR C 373 17.04 -22.50 -28.19
C THR C 373 17.62 -23.14 -26.92
N LEU D 13 47.59 12.39 8.79
CA LEU D 13 46.73 11.70 9.74
C LEU D 13 45.24 11.72 9.33
N ALA D 14 44.43 12.56 10.00
CA ALA D 14 43.01 12.68 9.70
C ALA D 14 42.72 13.63 8.53
N PHE D 15 43.74 13.93 7.71
CA PHE D 15 43.53 14.70 6.48
C PHE D 15 42.50 14.05 5.57
N PHE D 16 42.35 12.73 5.65
CA PHE D 16 41.60 11.96 4.67
C PHE D 16 40.17 12.46 4.51
N ARG D 17 39.66 13.25 5.44
CA ARG D 17 38.47 14.05 5.17
C ARG D 17 38.60 14.76 3.84
N ASN D 18 39.77 15.33 3.57
CA ASN D 18 39.99 16.11 2.35
C ASN D 18 40.38 15.24 1.15
N MET D 19 40.70 13.98 1.37
CA MET D 19 41.04 13.11 0.25
C MET D 19 39.85 12.37 -0.35
N TYR D 20 38.64 12.59 0.18
CA TYR D 20 37.46 11.89 -0.32
C TYR D 20 37.24 12.16 -1.80
N ASP D 21 37.37 13.42 -2.23
CA ASP D 21 37.04 13.76 -3.61
C ASP D 21 37.99 13.12 -4.60
N LYS D 22 39.22 12.82 -4.17
CA LYS D 22 40.15 12.14 -5.07
C LYS D 22 39.59 10.80 -5.48
N TYR D 23 39.18 9.99 -4.50
CA TYR D 23 38.68 8.64 -4.80
C TYR D 23 37.33 8.67 -5.48
N ARG D 24 36.44 9.56 -5.03
CA ARG D 24 35.16 9.78 -5.71
C ARG D 24 35.39 10.04 -7.20
N ASP D 25 36.30 10.97 -7.51
CA ASP D 25 36.52 11.33 -8.90
C ASP D 25 37.27 10.24 -9.63
N ALA D 26 38.19 9.56 -8.95
CA ALA D 26 38.86 8.42 -9.57
C ALA D 26 37.84 7.39 -10.03
N PHE D 27 36.79 7.14 -9.23
CA PHE D 27 35.77 6.20 -9.72
C PHE D 27 34.89 6.84 -10.79
N LEU D 28 34.42 8.07 -10.55
CA LEU D 28 33.54 8.73 -11.51
C LEU D 28 34.22 8.88 -12.87
N SER D 29 35.50 9.21 -12.88
CA SER D 29 36.22 9.27 -14.15
C SER D 29 36.31 7.92 -14.84
N HIS D 30 36.22 6.81 -14.10
CA HIS D 30 36.22 5.50 -14.71
C HIS D 30 34.92 5.23 -15.46
N LEU D 31 33.77 5.60 -14.90
CA LEU D 31 32.50 5.51 -15.64
C LEU D 31 32.52 6.41 -16.86
N ASN D 32 33.20 7.55 -16.77
CA ASN D 32 33.23 8.53 -17.83
C ASN D 32 33.95 8.09 -19.08
N GLU D 33 34.75 7.01 -19.04
CA GLU D 33 35.36 6.51 -20.27
C GLU D 33 34.58 5.35 -20.89
N TYR D 34 33.33 5.14 -20.50
CA TYR D 34 32.49 4.15 -21.18
C TYR D 34 32.09 4.66 -22.58
N SER D 35 31.73 3.73 -23.46
CA SER D 35 31.22 4.12 -24.78
C SER D 35 29.75 4.49 -24.66
N LEU D 36 29.49 5.69 -24.13
CA LEU D 36 28.15 6.24 -24.03
C LEU D 36 28.11 7.57 -24.79
N GLU D 37 26.92 7.90 -25.32
CA GLU D 37 26.70 9.24 -25.85
C GLU D 37 26.98 10.28 -24.78
N GLU D 38 27.62 11.38 -25.18
CA GLU D 38 28.13 12.28 -24.16
C GLU D 38 27.05 13.09 -23.47
N GLU D 39 25.84 13.17 -24.04
CA GLU D 39 24.69 13.65 -23.27
C GLU D 39 24.39 12.72 -22.10
N ILE D 40 24.29 11.41 -22.38
CA ILE D 40 24.07 10.43 -21.33
C ILE D 40 25.21 10.44 -20.33
N LYS D 41 26.44 10.65 -20.81
CA LYS D 41 27.59 10.61 -19.91
C LYS D 41 27.49 11.67 -18.83
N GLU D 42 26.94 12.83 -19.16
CA GLU D 42 26.91 13.91 -18.19
C GLU D 42 25.79 13.75 -17.17
N HIS D 43 24.71 13.05 -17.55
CA HIS D 43 23.65 12.74 -16.60
C HIS D 43 24.08 11.64 -15.63
N ILE D 44 24.73 10.58 -16.14
CA ILE D 44 25.21 9.51 -15.26
C ILE D 44 26.13 10.09 -14.19
N SER D 45 27.07 10.96 -14.58
CA SER D 45 27.99 11.51 -13.61
C SER D 45 27.27 12.37 -12.58
N LYS D 46 26.31 13.19 -13.02
CA LYS D 46 25.51 13.98 -12.08
C LYS D 46 24.78 13.10 -11.08
N TYR D 47 24.36 11.91 -11.52
CA TYR D 47 23.62 11.02 -10.61
C TYR D 47 24.55 10.36 -9.60
N TYR D 48 25.61 9.69 -10.07
CA TYR D 48 26.47 8.97 -9.13
C TYR D 48 27.27 9.92 -8.25
N LYS D 49 27.52 11.13 -8.73
CA LYS D 49 28.10 12.14 -7.86
C LYS D 49 27.25 12.35 -6.61
N LEU D 50 25.93 12.45 -6.78
CA LEU D 50 25.07 12.63 -5.62
C LEU D 50 24.90 11.34 -4.82
N LEU D 51 24.71 10.21 -5.50
CA LEU D 51 24.70 8.90 -4.83
C LEU D 51 25.87 8.76 -3.87
N PHE D 52 27.08 9.08 -4.32
CA PHE D 52 28.24 8.99 -3.45
C PHE D 52 28.22 10.07 -2.37
N ASP D 53 27.78 11.29 -2.70
CA ASP D 53 27.88 12.39 -1.74
C ASP D 53 26.84 12.25 -0.65
N TYR D 54 25.63 11.89 -1.04
CA TYR D 54 24.54 11.75 -0.10
C TYR D 54 24.83 10.66 0.92
N ASN D 55 25.48 9.58 0.47
CA ASN D 55 25.46 8.33 1.21
C ASN D 55 26.76 8.00 1.91
N CYS D 56 27.87 8.65 1.55
CA CYS D 56 29.14 8.45 2.25
C CYS D 56 29.49 9.59 3.20
N LEU D 57 28.80 10.72 3.15
CA LEU D 57 29.14 11.88 3.95
C LEU D 57 28.05 12.12 4.98
N GLY D 58 28.46 12.50 6.20
CA GLY D 58 27.54 12.76 7.28
C GLY D 58 27.84 12.02 8.56
N GLY D 59 28.57 10.89 8.45
CA GLY D 59 28.81 10.02 9.57
C GLY D 59 30.14 10.31 10.26
N LYS D 60 30.37 9.59 11.35
CA LYS D 60 31.54 9.84 12.17
C LYS D 60 32.83 9.26 11.57
N ASN D 61 32.72 8.42 10.54
CA ASN D 61 33.86 7.85 9.83
C ASN D 61 34.76 7.01 10.74
N ASN D 62 34.19 6.45 11.80
CA ASN D 62 35.00 5.72 12.77
C ASN D 62 35.70 4.51 12.16
N ARG D 63 35.11 3.88 11.15
CA ARG D 63 35.74 2.71 10.56
C ARG D 63 36.90 3.10 9.66
N GLY D 64 36.74 4.15 8.85
CA GLY D 64 37.82 4.54 7.97
C GLY D 64 38.96 5.22 8.70
N ILE D 65 38.66 5.96 9.76
CA ILE D 65 39.70 6.50 10.63
C ILE D 65 40.54 5.38 11.20
N LEU D 66 39.89 4.27 11.61
CA LEU D 66 40.59 3.13 12.20
C LEU D 66 41.54 2.47 11.21
N VAL D 67 41.32 2.64 9.90
CA VAL D 67 42.28 2.17 8.91
C VAL D 67 43.54 3.03 8.94
N ILE D 68 43.37 4.35 8.82
CA ILE D 68 44.51 5.25 8.80
C ILE D 68 45.31 5.12 10.08
N LEU D 69 44.63 4.96 11.22
CA LEU D 69 45.34 4.91 12.50
C LEU D 69 46.15 3.63 12.63
N ILE D 70 45.50 2.47 12.52
CA ILE D 70 46.22 1.21 12.71
C ILE D 70 47.38 1.12 11.72
N TYR D 71 47.17 1.65 10.51
CA TYR D 71 48.26 1.63 9.53
C TYR D 71 49.43 2.51 9.98
N GLU D 72 49.16 3.69 10.53
CA GLU D 72 50.25 4.56 10.94
C GLU D 72 50.99 4.00 12.15
N TYR D 73 50.27 3.50 13.15
CA TYR D 73 50.92 3.11 14.39
C TYR D 73 51.40 1.66 14.41
N VAL D 74 51.27 0.93 13.30
CA VAL D 74 52.11 -0.24 13.08
C VAL D 74 53.38 0.17 12.33
N LYS D 75 53.27 1.18 11.47
CA LYS D 75 54.33 1.88 10.69
C LYS D 75 54.52 1.23 9.30
N ASP D 78 57.12 6.69 9.63
CA ASP D 78 58.03 6.86 8.49
C ASP D 78 57.32 6.49 7.18
N ILE D 79 56.25 7.22 6.88
CA ILE D 79 55.33 6.92 5.79
C ILE D 79 55.28 8.11 4.84
N ASN D 80 55.48 7.86 3.56
CA ASN D 80 55.62 8.95 2.60
C ASN D 80 54.27 9.28 1.99
N SER D 81 54.29 9.95 0.83
CA SER D 81 53.07 10.43 0.21
C SER D 81 52.32 9.30 -0.48
N SER D 82 53.04 8.39 -1.14
CA SER D 82 52.39 7.33 -1.89
C SER D 82 51.75 6.30 -0.95
N GLU D 83 52.40 6.02 0.18
CA GLU D 83 51.84 5.08 1.13
C GLU D 83 50.60 5.66 1.83
N TRP D 84 50.51 6.99 1.95
CA TRP D 84 49.27 7.57 2.48
C TRP D 84 48.15 7.52 1.46
N GLU D 85 48.48 7.65 0.17
CA GLU D 85 47.47 7.59 -0.88
C GLU D 85 46.83 6.21 -0.96
N LYS D 86 47.57 5.16 -0.59
CA LYS D 86 47.00 3.82 -0.58
C LYS D 86 46.24 3.53 0.71
N ALA D 87 46.79 3.95 1.85
CA ALA D 87 46.09 3.73 3.12
C ALA D 87 44.72 4.39 3.11
N ALA D 88 44.63 5.61 2.58
CA ALA D 88 43.38 6.36 2.59
C ALA D 88 42.37 5.82 1.57
N CYS D 89 42.85 5.20 0.48
CA CYS D 89 41.92 4.54 -0.43
C CYS D 89 41.17 3.43 0.28
N LEU D 90 41.89 2.57 0.99
CA LEU D 90 41.24 1.58 1.82
C LEU D 90 40.30 2.23 2.82
N ALA D 91 40.69 3.40 3.33
CA ALA D 91 39.90 4.06 4.36
C ALA D 91 38.54 4.49 3.82
N TRP D 92 38.52 5.03 2.61
CA TRP D 92 37.25 5.39 2.02
C TRP D 92 36.49 4.18 1.53
N CYS D 93 37.21 3.13 1.09
CA CYS D 93 36.54 1.91 0.66
C CYS D 93 35.67 1.33 1.78
N ILE D 94 36.15 1.37 3.02
CA ILE D 94 35.31 0.84 4.08
C ILE D 94 34.12 1.73 4.32
N GLU D 95 34.27 3.03 4.06
CA GLU D 95 33.18 3.98 4.16
C GLU D 95 32.21 3.85 2.99
N ILE D 96 32.70 3.48 1.81
CA ILE D 96 31.76 3.19 0.74
C ILE D 96 31.00 1.92 1.04
N LEU D 97 31.71 0.89 1.50
CA LEU D 97 31.06 -0.33 1.97
C LEU D 97 29.97 -0.01 2.98
N GLN D 98 30.31 0.82 3.97
CA GLN D 98 29.34 1.22 4.97
C GLN D 98 28.17 1.94 4.31
N ALA D 99 28.44 2.72 3.27
CA ALA D 99 27.37 3.38 2.53
C ALA D 99 26.43 2.35 1.94
N ALA D 100 26.99 1.32 1.29
CA ALA D 100 26.15 0.30 0.67
C ALA D 100 25.34 -0.46 1.70
N PHE D 101 25.95 -0.78 2.83
CA PHE D 101 25.20 -1.41 3.90
C PHE D 101 24.04 -0.54 4.37
N LEU D 102 24.25 0.79 4.45
CA LEU D 102 23.20 1.65 5.02
C LEU D 102 22.03 1.83 4.05
N VAL D 103 22.31 1.91 2.75
CA VAL D 103 21.23 2.02 1.78
C VAL D 103 20.42 0.73 1.74
N ALA D 104 21.10 -0.40 1.84
CA ALA D 104 20.37 -1.66 1.80
C ALA D 104 19.57 -1.85 3.08
N ASP D 105 20.17 -1.53 4.23
CA ASP D 105 19.49 -1.73 5.50
C ASP D 105 18.21 -0.89 5.60
N ASP D 106 18.20 0.29 4.98
CA ASP D 106 16.97 1.08 5.03
C ASP D 106 15.89 0.57 4.07
N ILE D 107 16.28 0.03 2.90
CA ILE D 107 15.30 -0.65 2.05
C ILE D 107 14.69 -1.83 2.79
N MET D 108 15.48 -2.50 3.62
CA MET D 108 15.03 -3.74 4.23
C MET D 108 14.11 -3.48 5.42
N ASP D 109 14.53 -2.60 6.32
CA ASP D 109 13.80 -2.33 7.55
C ASP D 109 12.82 -1.17 7.44
N LYS D 110 12.48 -0.75 6.22
CA LYS D 110 11.54 0.36 6.02
C LYS D 110 11.91 1.57 6.88
N GLY D 111 13.13 2.10 6.64
CA GLY D 111 13.63 3.22 7.40
C GLY D 111 13.18 4.54 6.82
N GLU D 112 13.17 5.57 7.67
CA GLU D 112 12.72 6.90 7.27
C GLU D 112 13.86 7.91 7.18
N MET D 113 14.64 8.02 8.24
CA MET D 113 15.75 8.97 8.32
C MET D 113 17.04 8.21 8.56
N ARG D 114 18.10 8.66 7.90
CA ARG D 114 19.43 8.17 8.22
C ARG D 114 20.39 9.34 8.10
N ARG D 115 21.16 9.56 9.16
CA ARG D 115 22.10 10.68 9.25
C ARG D 115 21.37 12.01 9.04
N ASN D 116 20.18 12.13 9.65
CA ASN D 116 19.34 13.33 9.64
C ASN D 116 18.89 13.77 8.26
N LYS D 117 18.97 12.90 7.26
CA LYS D 117 18.36 13.15 5.96
C LYS D 117 17.37 12.03 5.69
N TYR D 118 16.55 12.22 4.66
CA TYR D 118 15.69 11.14 4.18
C TYR D 118 16.55 9.97 3.70
N CYS D 119 16.05 8.75 3.87
CA CYS D 119 16.75 7.59 3.30
C CYS D 119 16.68 7.63 1.79
N TRP D 120 17.81 7.34 1.16
CA TRP D 120 17.97 7.33 -0.29
C TRP D 120 16.75 6.73 -1.01
N TYR D 121 16.35 5.52 -0.62
CA TYR D 121 15.28 4.82 -1.33
C TYR D 121 13.95 5.56 -1.25
N LEU D 122 13.77 6.45 -0.26
CA LEU D 122 12.53 7.19 -0.13
C LEU D 122 12.41 8.35 -1.10
N LEU D 123 13.52 8.81 -1.67
CA LEU D 123 13.42 9.91 -2.61
C LEU D 123 12.61 9.46 -3.82
N LYS D 124 11.61 10.26 -4.18
CA LYS D 124 10.77 9.92 -5.33
C LYS D 124 11.55 9.94 -6.62
N ASP D 125 12.72 10.56 -6.64
CA ASP D 125 13.58 10.56 -7.81
C ASP D 125 14.46 9.31 -7.90
N VAL D 126 14.45 8.44 -6.89
CA VAL D 126 15.24 7.21 -6.96
C VAL D 126 14.35 5.99 -6.72
N GLU D 127 13.58 5.96 -5.62
CA GLU D 127 12.72 4.83 -5.25
C GLU D 127 13.47 3.54 -4.93
N THR D 128 12.75 2.45 -4.70
CA THR D 128 13.43 1.20 -4.35
C THR D 128 14.21 0.64 -5.54
N LYS D 129 13.67 0.76 -6.75
CA LYS D 129 14.31 0.13 -7.90
C LYS D 129 15.71 0.68 -8.14
N ASN D 130 15.89 1.99 -8.00
CA ASN D 130 17.23 2.52 -8.14
C ASN D 130 18.10 2.18 -6.94
N ALA D 131 17.54 2.19 -5.74
CA ALA D 131 18.34 1.94 -4.56
C ALA D 131 18.96 0.56 -4.60
N VAL D 132 18.20 -0.44 -5.06
CA VAL D 132 18.72 -1.80 -5.18
C VAL D 132 19.91 -1.83 -6.13
N ASN D 133 19.74 -1.25 -7.33
CA ASN D 133 20.85 -1.14 -8.26
C ASN D 133 22.00 -0.35 -7.65
N ASP D 134 21.68 0.63 -6.79
CA ASP D 134 22.71 1.53 -6.28
C ASP D 134 23.61 0.86 -5.26
N VAL D 135 23.11 -0.09 -4.45
CA VAL D 135 24.02 -0.71 -3.49
C VAL D 135 25.05 -1.55 -4.23
N LEU D 136 24.65 -2.23 -5.30
CA LEU D 136 25.61 -3.01 -6.07
C LEU D 136 26.66 -2.11 -6.72
N LEU D 137 26.24 -0.95 -7.22
CA LEU D 137 27.23 -0.01 -7.72
C LEU D 137 28.21 0.39 -6.61
N LEU D 138 27.68 0.80 -5.46
CA LEU D 138 28.55 1.19 -4.37
C LEU D 138 29.49 0.05 -4.01
N TYR D 139 28.92 -1.15 -3.85
CA TYR D 139 29.69 -2.30 -3.44
C TYR D 139 30.79 -2.62 -4.46
N ASN D 140 30.47 -2.51 -5.75
CA ASN D 140 31.49 -2.82 -6.75
C ASN D 140 32.51 -1.71 -6.94
N SER D 141 32.17 -0.45 -6.64
CA SER D 141 33.15 0.61 -6.83
C SER D 141 34.34 0.42 -5.89
N ILE D 142 34.08 -0.10 -4.70
CA ILE D 142 35.10 -0.51 -3.74
C ILE D 142 36.24 -1.27 -4.41
N TYR D 143 35.90 -2.19 -5.31
CA TYR D 143 36.91 -3.06 -5.88
C TYR D 143 37.64 -2.38 -7.03
N LYS D 144 36.94 -1.56 -7.83
CA LYS D 144 37.63 -0.79 -8.85
C LYS D 144 38.64 0.15 -8.22
N LEU D 145 38.27 0.81 -7.12
CA LEU D 145 39.17 1.76 -6.47
C LEU D 145 40.37 1.06 -5.87
N ILE D 146 40.15 -0.09 -5.22
CA ILE D 146 41.24 -0.87 -4.65
C ILE D 146 42.22 -1.28 -5.72
N GLU D 147 41.72 -1.58 -6.91
CA GLU D 147 42.62 -1.93 -8.01
C GLU D 147 43.33 -0.69 -8.57
N ILE D 148 42.66 0.45 -8.61
CA ILE D 148 43.32 1.66 -9.13
C ILE D 148 44.53 2.02 -8.29
N TYR D 149 44.55 1.65 -7.00
CA TYR D 149 45.58 2.12 -6.08
C TYR D 149 46.40 1.02 -5.41
N LEU D 150 46.05 -0.25 -5.58
CA LEU D 150 46.82 -1.30 -4.91
C LEU D 150 47.17 -2.47 -5.83
N ARG D 151 46.87 -2.38 -7.13
CA ARG D 151 47.04 -3.53 -8.02
C ARG D 151 48.48 -4.01 -8.08
N ASN D 152 49.43 -3.17 -7.73
CA ASN D 152 50.84 -3.53 -7.79
C ASN D 152 51.44 -3.82 -6.42
N GLU D 153 50.62 -3.86 -5.37
CA GLU D 153 51.08 -4.18 -4.02
C GLU D 153 50.87 -5.66 -3.73
N SER D 154 51.76 -6.23 -2.92
CA SER D 154 51.73 -7.66 -2.69
C SER D 154 50.50 -8.08 -1.90
N CYS D 155 49.97 -7.20 -1.06
CA CYS D 155 48.78 -7.52 -0.27
C CYS D 155 47.51 -7.55 -1.10
N TYR D 156 47.58 -7.16 -2.38
CA TYR D 156 46.37 -6.95 -3.19
C TYR D 156 45.36 -8.07 -3.02
N VAL D 157 45.74 -9.29 -3.38
CA VAL D 157 44.80 -10.41 -3.35
C VAL D 157 44.22 -10.62 -1.96
N ASP D 158 45.01 -10.35 -0.92
CA ASP D 158 44.54 -10.55 0.46
C ASP D 158 43.67 -9.41 0.95
N VAL D 159 43.82 -8.21 0.40
CA VAL D 159 42.91 -7.12 0.72
C VAL D 159 41.50 -7.46 0.22
N ILE D 160 41.35 -7.65 -1.08
CA ILE D 160 40.03 -7.88 -1.64
C ILE D 160 39.43 -9.17 -1.10
N ALA D 161 40.26 -10.10 -0.65
CA ALA D 161 39.69 -11.29 -0.05
C ALA D 161 39.20 -11.02 1.37
N THR D 162 39.80 -10.06 2.07
CA THR D 162 39.28 -9.66 3.37
C THR D 162 38.00 -8.85 3.25
N PHE D 163 37.88 -8.04 2.19
CA PHE D 163 36.62 -7.36 1.93
C PHE D 163 35.52 -8.35 1.61
N ARG D 164 35.82 -9.33 0.75
CA ARG D 164 34.81 -10.29 0.33
C ARG D 164 34.31 -11.12 1.49
N ASP D 165 35.21 -11.56 2.36
CA ASP D 165 34.77 -12.42 3.45
C ASP D 165 34.10 -11.63 4.56
N ALA D 166 34.56 -10.42 4.84
CA ALA D 166 33.84 -9.59 5.79
C ALA D 166 32.41 -9.33 5.29
N THR D 167 32.23 -9.17 3.99
CA THR D 167 30.90 -8.88 3.46
C THR D 167 29.99 -10.09 3.56
N LEU D 168 30.51 -11.30 3.28
CA LEU D 168 29.76 -12.55 3.44
C LEU D 168 29.25 -12.71 4.86
N LYS D 169 30.15 -12.59 5.85
CA LYS D 169 29.74 -12.60 7.25
C LYS D 169 28.57 -11.66 7.49
N THR D 170 28.70 -10.41 7.04
CA THR D 170 27.67 -9.41 7.30
C THR D 170 26.35 -9.79 6.64
N ILE D 171 26.40 -10.37 5.45
CA ILE D 171 25.18 -10.82 4.78
C ILE D 171 24.48 -11.89 5.62
N ILE D 172 25.24 -12.88 6.12
CA ILE D 172 24.63 -13.87 7.00
C ILE D 172 24.08 -13.21 8.26
N GLY D 173 24.85 -12.28 8.85
CA GLY D 173 24.40 -11.61 10.07
C GLY D 173 23.08 -10.90 9.88
N GLN D 174 22.92 -10.16 8.78
CA GLN D 174 21.66 -9.48 8.59
C GLN D 174 20.57 -10.44 8.10
N HIS D 175 20.91 -11.55 7.47
CA HIS D 175 19.89 -12.57 7.23
C HIS D 175 19.27 -13.04 8.56
N LEU D 176 20.11 -13.30 9.56
CA LEU D 176 19.62 -13.79 10.85
C LEU D 176 18.81 -12.74 11.58
N ASP D 177 19.33 -11.52 11.66
CA ASP D 177 18.59 -10.41 12.25
C ASP D 177 17.19 -10.29 11.65
N THR D 178 17.05 -10.49 10.33
CA THR D 178 15.77 -10.30 9.68
C THR D 178 14.82 -11.46 9.94
N ASN D 179 15.34 -12.66 10.13
CA ASN D 179 14.52 -13.88 10.11
C ASN D 179 14.63 -14.71 11.38
N ILE D 180 15.27 -14.20 12.44
CA ILE D 180 15.44 -14.97 13.65
C ILE D 180 14.10 -15.32 14.31
N PHE D 181 13.04 -14.59 13.99
CA PHE D 181 11.72 -14.87 14.54
C PHE D 181 10.73 -15.44 13.54
N SER D 182 11.10 -15.57 12.27
CA SER D 182 10.16 -16.00 11.25
C SER D 182 9.79 -17.46 11.44
N ASP D 183 8.67 -17.85 10.83
CA ASP D 183 8.18 -19.21 11.00
C ASP D 183 9.17 -20.24 10.46
N LYS D 184 9.81 -19.93 9.33
CA LYS D 184 10.72 -20.90 8.72
C LYS D 184 11.79 -21.36 9.70
N TYR D 185 12.15 -20.53 10.68
CA TYR D 185 13.16 -20.85 11.68
C TYR D 185 12.55 -21.43 12.96
N SER D 186 11.37 -22.03 12.86
CA SER D 186 10.69 -22.60 14.01
C SER D 186 10.53 -24.12 13.87
N ARG D 190 10.30 -26.61 9.85
CA ARG D 190 9.33 -26.29 8.80
C ARG D 190 9.93 -26.40 7.40
N GLU D 191 9.38 -25.63 6.45
CA GLU D 191 9.91 -25.58 5.09
C GLU D 191 9.33 -24.38 4.34
N ILE D 192 10.07 -23.85 3.37
CA ILE D 192 9.71 -22.61 2.69
C ILE D 192 8.70 -22.94 1.60
N ASP D 193 7.52 -22.32 1.67
CA ASP D 193 6.46 -22.62 0.71
C ASP D 193 6.71 -21.85 -0.58
N VAL D 194 7.19 -22.57 -1.60
CA VAL D 194 7.44 -22.02 -2.92
C VAL D 194 6.17 -21.59 -3.62
N ASN D 195 5.00 -21.92 -3.09
CA ASN D 195 3.73 -21.60 -3.72
C ASN D 195 2.90 -20.58 -2.94
N ASN D 196 3.47 -19.93 -1.93
CA ASN D 196 2.77 -18.88 -1.18
C ASN D 196 3.36 -17.53 -1.54
N ILE D 197 2.67 -16.79 -2.40
CA ILE D 197 2.98 -15.39 -2.66
C ILE D 197 1.89 -14.47 -2.10
N ASN D 198 1.05 -15.02 -1.22
CA ASN D 198 -0.30 -14.52 -0.99
C ASN D 198 -0.57 -14.27 0.49
N VAL D 199 -0.41 -15.30 1.33
CA VAL D 199 -0.77 -15.24 2.74
C VAL D 199 0.37 -14.67 3.59
N PRO D 200 0.33 -13.38 3.95
CA PRO D 200 1.49 -12.77 4.60
C PRO D 200 1.74 -13.31 6.01
N GLU D 201 3.00 -13.24 6.42
CA GLU D 201 3.43 -13.73 7.71
C GLU D 201 3.24 -12.61 8.75
N GLN D 202 2.35 -12.85 9.73
CA GLN D 202 2.16 -11.90 10.82
C GLN D 202 3.32 -12.03 11.80
N PRO D 203 4.14 -10.99 11.99
CA PRO D 203 5.39 -11.14 12.75
C PRO D 203 5.12 -11.34 14.24
N VAL D 204 5.67 -12.42 14.78
CA VAL D 204 5.53 -12.79 16.19
C VAL D 204 6.90 -13.23 16.71
N ILE D 205 7.03 -13.18 18.03
CA ILE D 205 8.25 -13.49 18.76
C ILE D 205 8.28 -14.99 19.10
N ASP D 206 9.49 -15.57 19.05
CA ASP D 206 9.73 -16.97 19.41
C ASP D 206 10.65 -16.99 20.63
N ILE D 207 10.10 -17.37 21.79
CA ILE D 207 10.86 -17.24 23.04
C ILE D 207 12.15 -18.06 22.98
N ASN D 208 12.18 -19.12 22.16
CA ASN D 208 13.36 -19.98 22.11
C ASN D 208 14.59 -19.29 21.54
N MET D 209 14.41 -18.15 20.88
CA MET D 209 15.54 -17.39 20.36
C MET D 209 15.93 -16.20 21.25
N ILE D 210 15.30 -16.04 22.40
CA ILE D 210 15.54 -14.87 23.25
C ILE D 210 16.57 -15.30 24.30
N ASN D 211 17.83 -15.34 23.88
CA ASN D 211 18.94 -15.54 24.80
C ASN D 211 20.19 -14.96 24.19
N PHE D 212 21.22 -14.80 25.03
CA PHE D 212 22.41 -14.05 24.63
C PHE D 212 23.29 -14.83 23.68
N GLY D 213 23.22 -16.16 23.74
CA GLY D 213 24.01 -16.98 22.82
C GLY D 213 23.64 -16.72 21.38
N VAL D 214 22.34 -16.67 21.10
CA VAL D 214 21.89 -16.38 19.75
C VAL D 214 22.19 -14.94 19.38
N TYR D 215 21.84 -14.01 20.26
CA TYR D 215 22.11 -12.60 19.99
C TYR D 215 23.56 -12.37 19.58
N LYS D 216 24.51 -12.98 20.27
CA LYS D 216 25.92 -12.79 19.92
C LYS D 216 26.22 -13.39 18.55
N ASN D 217 25.66 -14.54 18.26
CA ASN D 217 25.78 -15.12 16.93
C ASN D 217 25.39 -14.11 15.87
N ILE D 218 24.22 -13.48 16.05
CA ILE D 218 23.76 -12.47 15.09
C ILE D 218 24.71 -11.28 15.07
N VAL D 219 24.96 -10.72 16.23
CA VAL D 219 25.64 -9.44 16.35
C VAL D 219 27.09 -9.54 15.86
N ILE D 220 27.79 -10.62 16.24
CA ILE D 220 29.17 -10.74 15.82
C ILE D 220 29.27 -10.78 14.31
N HIS D 221 28.25 -11.35 13.65
CA HIS D 221 28.27 -11.45 12.20
C HIS D 221 27.75 -10.21 11.51
N LYS D 222 26.84 -9.47 12.15
CA LYS D 222 26.27 -8.28 11.57
C LYS D 222 27.21 -7.07 11.64
N THR D 223 28.12 -7.02 12.63
CA THR D 223 28.86 -5.79 12.88
C THR D 223 30.37 -5.98 13.02
N ALA D 224 30.79 -6.99 13.78
CA ALA D 224 32.18 -7.05 14.23
C ALA D 224 33.15 -7.23 13.07
N TYR D 225 32.76 -7.95 12.04
CA TYR D 225 33.74 -8.22 10.99
C TYR D 225 33.96 -7.01 10.09
N TYR D 226 32.90 -6.37 9.60
CA TYR D 226 33.16 -5.25 8.71
C TYR D 226 33.51 -3.97 9.45
N SER D 227 33.24 -3.89 10.75
CA SER D 227 33.48 -2.66 11.51
C SER D 227 34.78 -2.67 12.29
N PHE D 228 35.31 -3.84 12.61
CA PHE D 228 36.54 -3.88 13.39
C PHE D 228 37.57 -4.81 12.76
N PHE D 229 37.17 -6.03 12.45
CA PHE D 229 38.14 -6.92 11.82
C PHE D 229 38.59 -6.36 10.48
N LEU D 230 37.64 -5.98 9.61
CA LEU D 230 38.01 -5.52 8.28
C LEU D 230 38.95 -4.32 8.30
N PRO D 231 38.64 -3.19 8.93
CA PRO D 231 39.58 -2.06 8.89
C PRO D 231 40.92 -2.29 9.56
N ILE D 232 40.95 -3.01 10.70
CA ILE D 232 42.24 -3.31 11.33
C ILE D 232 43.11 -4.14 10.40
N VAL D 233 42.56 -5.24 9.85
CA VAL D 233 43.35 -6.12 9.00
C VAL D 233 43.87 -5.37 7.78
N CYS D 234 43.01 -4.55 7.16
CA CYS D 234 43.48 -3.66 6.10
C CYS D 234 44.66 -2.81 6.55
N GLY D 235 44.59 -2.26 7.76
CA GLY D 235 45.70 -1.50 8.27
C GLY D 235 46.97 -2.33 8.39
N MET D 236 46.84 -3.57 8.84
CA MET D 236 48.03 -4.38 9.05
C MET D 236 48.55 -4.98 7.75
N LEU D 237 47.65 -5.42 6.86
CA LEU D 237 48.10 -5.96 5.58
C LEU D 237 48.91 -4.94 4.80
N LEU D 238 48.39 -3.72 4.69
CA LEU D 238 49.13 -2.65 4.01
C LEU D 238 50.48 -2.40 4.66
N ALA D 239 50.53 -2.46 5.99
CA ALA D 239 51.80 -2.30 6.68
C ALA D 239 52.72 -3.50 6.50
N GLY D 240 52.20 -4.63 5.99
CA GLY D 240 52.99 -5.82 5.75
C GLY D 240 53.08 -6.78 6.92
N ILE D 241 52.01 -7.52 7.21
CA ILE D 241 52.03 -8.56 8.25
C ILE D 241 51.30 -9.84 7.79
N ASP D 244 48.12 -15.00 8.72
CA ASP D 244 49.52 -14.87 8.36
C ASP D 244 50.40 -15.12 9.61
N ASN D 245 50.09 -14.37 10.67
CA ASN D 245 50.79 -14.35 11.96
C ASN D 245 49.76 -14.57 13.07
N LEU D 246 50.26 -14.90 14.27
CA LEU D 246 49.39 -15.26 15.39
C LEU D 246 48.59 -14.08 15.94
N ILE D 247 48.95 -12.85 15.55
CA ILE D 247 48.29 -11.69 16.12
C ILE D 247 46.94 -11.40 15.45
N TYR D 248 46.73 -11.89 14.22
CA TYR D 248 45.43 -11.69 13.57
C TYR D 248 44.33 -12.41 14.32
N LYS D 249 44.62 -13.59 14.86
CA LYS D 249 43.59 -14.31 15.60
C LYS D 249 43.31 -13.68 16.95
N LYS D 250 44.29 -12.97 17.52
CA LYS D 250 44.00 -12.21 18.74
C LYS D 250 43.19 -10.96 18.40
N ILE D 251 43.44 -10.36 17.23
CA ILE D 251 42.61 -9.26 16.76
C ILE D 251 41.20 -9.73 16.43
N GLU D 252 41.03 -10.95 15.91
CA GLU D 252 39.67 -11.41 15.64
C GLU D 252 38.87 -11.57 16.92
N ASP D 253 39.50 -12.01 18.01
CA ASP D 253 38.72 -12.16 19.25
C ASP D 253 38.43 -10.82 19.90
N ILE D 254 39.36 -9.87 19.84
CA ILE D 254 39.07 -8.52 20.34
C ILE D 254 37.99 -7.88 19.48
N SER D 255 38.10 -8.04 18.15
CA SER D 255 37.09 -7.50 17.23
C SER D 255 35.68 -7.98 17.57
N MET D 256 35.55 -9.19 18.09
CA MET D 256 34.22 -9.71 18.37
C MET D 256 33.65 -9.12 19.66
N LEU D 257 34.51 -8.88 20.65
CA LEU D 257 34.08 -8.16 21.85
C LEU D 257 33.64 -6.75 21.50
N MET D 258 34.44 -6.06 20.67
CA MET D 258 34.09 -4.71 20.26
C MET D 258 32.83 -4.69 19.41
N GLY D 259 32.54 -5.77 18.67
CA GLY D 259 31.31 -5.79 17.91
C GLY D 259 30.09 -5.92 18.80
N GLU D 260 30.13 -6.89 19.71
CA GLU D 260 29.07 -7.03 20.70
C GLU D 260 28.84 -5.72 21.44
N TYR D 261 29.91 -5.11 21.92
CA TYR D 261 29.82 -3.91 22.74
C TYR D 261 29.21 -2.74 21.97
N PHE D 262 29.62 -2.55 20.72
CA PHE D 262 29.15 -1.42 19.93
C PHE D 262 27.69 -1.61 19.49
N GLN D 263 27.29 -2.85 19.22
CA GLN D 263 25.94 -3.08 18.71
C GLN D 263 24.91 -2.96 19.82
N ILE D 264 25.27 -3.32 21.06
CA ILE D 264 24.34 -3.19 22.17
C ILE D 264 24.06 -1.72 22.45
N HIS D 265 25.10 -0.89 22.37
CA HIS D 265 24.91 0.55 22.42
C HIS D 265 24.01 1.06 21.29
N ASP D 266 24.05 0.42 20.12
CA ASP D 266 23.12 0.80 19.06
C ASP D 266 21.70 0.34 19.36
N ASP D 267 21.54 -0.81 20.04
CA ASP D 267 20.22 -1.19 20.51
C ASP D 267 19.72 -0.25 21.61
N TYR D 268 20.61 0.26 22.45
CA TYR D 268 20.20 1.24 23.43
C TYR D 268 19.75 2.52 22.76
N LEU D 269 20.46 2.96 21.74
CA LEU D 269 20.12 4.22 21.09
C LEU D 269 18.80 4.15 20.34
N ASP D 270 18.31 2.96 20.01
CA ASP D 270 17.04 2.86 19.29
C ASP D 270 15.83 3.17 20.15
N ILE D 271 15.93 3.05 21.47
CA ILE D 271 14.82 3.42 22.35
C ILE D 271 15.16 4.60 23.27
N PHE D 272 16.43 4.95 23.45
CA PHE D 272 16.81 6.21 24.14
C PHE D 272 17.89 7.03 23.39
N ASP D 274 16.99 9.10 20.70
CA ASP D 274 16.88 10.53 20.39
C ASP D 274 17.28 10.86 18.94
N SER D 275 16.27 11.15 18.10
CA SER D 275 16.46 11.25 16.66
C SER D 275 17.43 12.36 16.23
N THR D 276 17.68 13.34 17.10
CA THR D 276 18.62 14.40 16.78
C THR D 276 20.07 13.91 16.90
N LYS D 277 20.40 13.26 18.03
CA LYS D 277 21.76 12.80 18.26
C LYS D 277 22.15 11.64 17.35
N THR D 278 21.17 10.86 16.88
CA THR D 278 21.46 9.66 16.10
C THR D 278 21.19 9.82 14.61
N GLY D 279 20.17 10.56 14.22
CA GLY D 279 19.83 10.71 12.82
C GLY D 279 18.96 9.61 12.25
N LYS D 280 18.27 8.83 13.08
CA LYS D 280 17.34 7.78 12.66
C LYS D 280 16.23 7.69 13.70
N VAL D 281 15.10 7.08 13.32
CA VAL D 281 13.93 7.10 14.22
C VAL D 281 13.95 5.99 15.29
N SER D 283 12.82 2.66 16.00
CA SER D 283 12.00 1.85 15.09
C SER D 283 12.37 0.35 14.99
N ASP D 284 12.86 -0.24 16.08
CA ASP D 284 13.18 -1.68 16.13
C ASP D 284 12.06 -2.53 16.72
N ILE D 285 11.31 -1.99 17.68
CA ILE D 285 10.21 -2.76 18.23
C ILE D 285 9.20 -3.08 17.15
N GLN D 286 8.81 -2.08 16.36
CA GLN D 286 7.85 -2.31 15.30
C GLN D 286 8.40 -3.19 14.19
N ASN D 287 9.70 -3.47 14.18
CA ASN D 287 10.28 -4.33 13.16
C ASN D 287 10.60 -5.72 13.66
N ASN D 288 10.24 -6.04 14.91
CA ASN D 288 10.37 -7.40 15.45
C ASN D 288 11.83 -7.81 15.57
N LYS D 289 12.69 -6.87 15.96
CA LYS D 289 14.11 -7.16 16.07
C LYS D 289 14.42 -7.84 17.39
N LEU D 290 15.44 -8.67 17.36
CA LEU D 290 15.96 -9.28 18.57
C LEU D 290 17.01 -8.33 19.14
N THR D 291 16.67 -7.62 20.21
CA THR D 291 17.55 -6.64 20.77
C THR D 291 17.98 -7.03 22.18
N TRP D 292 18.91 -6.27 22.71
CA TRP D 292 19.49 -6.50 24.00
C TRP D 292 18.57 -6.02 25.13
N PRO D 293 17.87 -4.88 24.98
CA PRO D 293 16.77 -4.58 25.92
C PRO D 293 15.72 -5.68 25.99
N LEU D 294 15.30 -6.23 24.84
CA LEU D 294 14.33 -7.31 24.83
C LEU D 294 14.80 -8.51 25.64
N ILE D 295 16.09 -8.86 25.53
CA ILE D 295 16.61 -10.02 26.26
C ILE D 295 16.75 -9.68 27.75
N LYS D 296 17.26 -8.49 28.06
CA LYS D 296 17.41 -8.12 29.47
C LYS D 296 16.05 -8.06 30.17
N THR D 297 15.04 -7.48 29.49
CA THR D 297 13.69 -7.42 30.05
C THR D 297 13.14 -8.83 30.28
N PHE D 298 13.29 -9.72 29.30
CA PHE D 298 12.87 -11.11 29.42
C PHE D 298 13.65 -11.84 30.51
N GLU D 299 14.84 -11.37 30.86
CA GLU D 299 15.52 -11.94 32.01
C GLU D 299 14.84 -11.53 33.31
N LEU D 300 14.39 -10.28 33.39
CA LEU D 300 14.10 -9.63 34.66
C LEU D 300 12.61 -9.48 34.94
N CYS D 301 11.74 -10.17 34.22
CA CYS D 301 10.33 -9.85 34.31
C CYS D 301 9.51 -11.09 34.63
N SER D 302 8.23 -10.86 34.93
CA SER D 302 7.24 -11.87 35.26
C SER D 302 6.71 -12.55 34.00
N GLU D 303 6.13 -13.74 34.19
CA GLU D 303 5.49 -14.45 33.10
C GLU D 303 4.25 -13.71 32.59
N PRO D 304 3.51 -12.99 33.44
CA PRO D 304 2.44 -12.12 32.91
C PRO D 304 2.96 -10.88 32.19
N ASP D 305 4.15 -10.38 32.52
CA ASP D 305 4.74 -9.32 31.69
C ASP D 305 5.39 -9.89 30.42
N LYS D 306 5.76 -11.17 30.43
CA LYS D 306 6.20 -11.81 29.20
C LYS D 306 5.07 -11.88 28.17
N ILE D 307 3.83 -12.12 28.61
CA ILE D 307 2.75 -12.23 27.63
C ILE D 307 2.34 -10.84 27.14
N LYS D 308 2.52 -9.80 27.97
CA LYS D 308 2.41 -8.43 27.46
C LYS D 308 3.37 -8.22 26.28
N ILE D 309 4.64 -8.59 26.47
CA ILE D 309 5.63 -8.43 25.40
C ILE D 309 5.21 -9.22 24.16
N VAL D 310 4.92 -10.51 24.33
CA VAL D 310 4.54 -11.35 23.20
C VAL D 310 3.40 -10.74 22.41
N LYS D 311 2.43 -10.14 23.12
CA LYS D 311 1.22 -9.63 22.46
C LYS D 311 1.47 -8.31 21.74
N ASN D 312 2.47 -7.53 22.17
CA ASN D 312 2.66 -6.19 21.66
C ASN D 312 3.96 -5.97 20.90
N TYR D 313 4.90 -6.89 20.95
CA TYR D 313 6.17 -6.69 20.24
C TYR D 313 6.01 -7.05 18.77
N GLY D 314 6.62 -6.23 17.91
CA GLY D 314 6.62 -6.51 16.49
C GLY D 314 5.43 -5.99 15.72
N LYS D 315 4.81 -4.91 16.17
CA LYS D 315 3.65 -4.32 15.51
C LYS D 315 3.90 -2.85 15.24
N ASN D 316 3.15 -2.31 14.27
CA ASN D 316 3.28 -0.92 13.86
C ASN D 316 2.48 0.07 14.70
N ASN D 317 1.62 -0.40 15.60
CA ASN D 317 0.83 0.50 16.43
C ASN D 317 1.74 1.23 17.41
N LEU D 318 1.49 2.53 17.56
CA LEU D 318 2.21 3.25 18.61
C LEU D 318 1.73 2.82 19.99
N ALA D 319 0.46 2.46 20.13
CA ALA D 319 0.00 1.98 21.43
C ALA D 319 0.78 0.75 21.87
N CYS D 320 0.95 -0.23 20.96
CA CYS D 320 1.70 -1.43 21.29
C CYS D 320 3.17 -1.13 21.60
N VAL D 321 3.77 -0.21 20.83
CA VAL D 321 5.13 0.25 21.09
C VAL D 321 5.22 0.97 22.43
N LYS D 322 4.20 1.77 22.77
CA LYS D 322 4.17 2.40 24.09
C LYS D 322 4.25 1.36 25.19
N VAL D 323 3.60 0.20 25.01
CA VAL D 323 3.59 -0.84 26.02
C VAL D 323 5.00 -1.35 26.29
N ILE D 324 5.72 -1.68 25.22
CA ILE D 324 7.08 -2.20 25.33
C ILE D 324 8.01 -1.18 25.97
N ASP D 325 7.80 0.12 25.70
CA ASP D 325 8.67 1.16 26.26
C ASP D 325 8.47 1.32 27.75
N SER D 326 7.20 1.34 28.21
CA SER D 326 6.95 1.35 29.65
C SER D 326 7.66 0.19 30.31
N LEU D 327 7.53 -1.00 29.73
CA LEU D 327 8.17 -2.17 30.30
C LEU D 327 9.69 -1.96 30.45
N TYR D 328 10.30 -1.27 29.48
CA TYR D 328 11.73 -1.00 29.58
C TYR D 328 12.03 0.00 30.69
N GLU D 329 11.13 0.96 30.94
CA GLU D 329 11.31 1.87 32.06
C GLU D 329 10.99 1.21 33.39
N GLN D 330 9.96 0.35 33.41
CA GLN D 330 9.58 -0.38 34.61
C GLN D 330 10.73 -1.23 35.15
N TYR D 331 11.57 -1.76 34.27
CA TYR D 331 12.62 -2.66 34.72
C TYR D 331 13.99 -2.00 34.71
N LYS D 332 14.02 -0.67 34.62
CA LYS D 332 15.24 0.12 34.67
C LYS D 332 16.32 -0.51 33.77
N ILE D 333 16.05 -0.41 32.47
CA ILE D 333 16.89 -1.09 31.49
C ILE D 333 18.18 -0.34 31.28
N ARG D 334 18.15 0.99 31.32
CA ARG D 334 19.40 1.75 31.23
C ARG D 334 20.21 1.66 32.52
N LYS D 335 19.55 1.45 33.66
CA LYS D 335 20.32 1.10 34.86
C LYS D 335 21.02 -0.25 34.70
N HIS D 336 20.75 -0.96 33.61
CA HIS D 336 21.38 -2.24 33.33
C HIS D 336 22.33 -2.19 32.14
N TYR D 337 22.06 -1.36 31.14
CA TYR D 337 23.02 -1.19 30.05
C TYR D 337 24.37 -0.75 30.58
N GLU D 338 24.39 0.27 31.44
CA GLU D 338 25.64 0.78 31.99
C GLU D 338 26.35 -0.24 32.88
N SER D 339 25.61 -1.07 33.62
CA SER D 339 26.28 -2.17 34.32
C SER D 339 27.01 -3.08 33.34
N TYR D 340 26.36 -3.40 32.21
CA TYR D 340 27.00 -4.22 31.19
C TYR D 340 28.13 -3.48 30.48
N GLU D 341 27.94 -2.20 30.19
CA GLU D 341 28.94 -1.44 29.46
C GLU D 341 30.25 -1.37 30.24
N LYS D 342 30.18 -1.15 31.54
CA LYS D 342 31.39 -1.04 32.34
C LYS D 342 32.12 -2.38 32.41
N ALA D 343 31.39 -3.48 32.56
CA ALA D 343 32.03 -4.79 32.59
C ALA D 343 32.57 -5.19 31.22
N GLN D 344 31.80 -4.96 30.16
CA GLN D 344 32.25 -5.28 28.81
C GLN D 344 33.52 -4.50 28.47
N LYS D 345 33.48 -3.18 28.67
CA LYS D 345 34.63 -2.35 28.30
C LYS D 345 35.90 -2.78 29.03
N ALA D 346 35.77 -3.26 30.27
CA ALA D 346 36.92 -3.82 30.96
C ALA D 346 37.46 -5.04 30.23
N LYS D 347 36.59 -6.03 29.97
CA LYS D 347 37.04 -7.27 29.34
C LYS D 347 37.57 -7.06 27.92
N ILE D 348 37.35 -5.88 27.32
CA ILE D 348 38.03 -5.56 26.08
C ILE D 348 39.43 -5.01 26.37
N LEU D 349 39.53 -4.08 27.33
CA LEU D 349 40.83 -3.55 27.70
C LEU D 349 41.77 -4.67 28.15
N SER D 350 41.27 -5.58 28.99
CA SER D 350 42.06 -6.74 29.40
C SER D 350 42.59 -7.50 28.19
N ALA D 351 41.72 -7.78 27.22
CA ALA D 351 42.17 -8.49 26.02
C ALA D 351 43.06 -7.63 25.16
N ILE D 352 42.83 -6.32 25.08
CA ILE D 352 43.72 -5.47 24.29
C ILE D 352 45.15 -5.57 24.81
N ASN D 353 45.31 -5.71 26.12
CA ASN D 353 46.64 -5.68 26.71
C ASN D 353 47.34 -7.03 26.68
N GLU D 354 46.74 -8.05 26.05
CA GLU D 354 47.42 -9.32 25.78
C GLU D 354 48.01 -9.38 24.38
N LEU D 355 47.91 -8.30 23.60
CA LEU D 355 48.37 -8.27 22.22
C LEU D 355 49.89 -8.13 22.10
N HIS D 356 50.53 -7.47 23.06
CA HIS D 356 51.99 -7.28 23.06
C HIS D 356 52.44 -6.48 21.83
N HIS D 357 51.77 -5.35 21.60
CA HIS D 357 52.18 -4.41 20.55
C HIS D 357 51.68 -3.05 20.98
N GLU D 358 52.59 -2.11 21.26
CA GLU D 358 52.20 -0.88 21.94
C GLU D 358 51.54 0.12 21.02
N GLY D 359 51.71 0.00 19.70
CA GLY D 359 51.05 0.91 18.79
C GLY D 359 49.60 0.53 18.57
N ILE D 360 49.34 -0.78 18.39
CA ILE D 360 47.98 -1.26 18.24
C ILE D 360 47.20 -1.11 19.55
N GLU D 361 47.78 -1.58 20.67
CA GLU D 361 47.11 -1.43 21.97
C GLU D 361 46.68 0.01 22.21
N TYR D 362 47.46 0.98 21.76
CA TYR D 362 47.11 2.38 21.96
C TYR D 362 45.95 2.79 21.06
N VAL D 363 45.97 2.38 19.79
CA VAL D 363 44.89 2.76 18.88
C VAL D 363 43.57 2.10 19.28
N LEU D 364 43.61 0.83 19.68
CA LEU D 364 42.39 0.17 20.10
C LEU D 364 41.84 0.73 21.41
N LYS D 365 42.68 1.40 22.21
CA LYS D 365 42.19 2.04 23.43
C LYS D 365 41.57 3.39 23.11
N TYR D 366 42.22 4.16 22.23
CA TYR D 366 41.65 5.42 21.82
C TYR D 366 40.37 5.23 21.04
N LEU D 367 40.26 4.11 20.30
CA LEU D 367 39.06 3.84 19.51
C LEU D 367 37.87 3.50 20.40
N LEU D 368 38.13 2.85 21.54
CA LEU D 368 37.07 2.56 22.48
C LEU D 368 36.51 3.84 23.12
N GLU D 369 37.33 4.89 23.24
CA GLU D 369 36.86 6.12 23.85
C GLU D 369 36.09 7.00 22.89
N ILE D 370 36.42 6.93 21.60
CA ILE D 370 35.83 7.78 20.59
C ILE D 370 34.69 7.09 19.86
N LEU D 371 34.35 5.86 20.25
CA LEU D 371 33.47 5.04 19.43
C LEU D 371 32.04 5.59 19.35
N PHE D 372 31.62 6.35 20.35
CA PHE D 372 30.28 6.93 20.37
C PHE D 372 30.28 8.42 20.04
N THR D 373 31.44 9.00 19.71
CA THR D 373 31.55 10.43 19.43
C THR D 373 32.06 10.69 18.01
OAC 63D E . -19.61 4.05 19.67
CAZ 63D E . -18.95 5.11 19.86
OAF 63D E . -17.80 5.23 19.36
CBF 63D E . -19.28 5.84 20.96
CAM 63D E . -19.72 4.88 21.81
CBG 63D E . -20.07 5.03 23.08
SBH 63D E . -20.68 3.44 23.57
OAD 63D E . -19.62 2.41 23.19
OAE 63D E . -21.09 3.30 25.05
NAB 63D E . -21.93 3.11 22.69
CBD 63D E . -19.91 6.30 23.62
CL1 63D E . -20.36 6.58 25.20
CAL 63D E . -19.38 7.33 22.80
CBE 63D E . -18.94 7.09 21.47
OAY 63D E . -18.51 8.11 20.60
CAW 63D E . -18.40 7.92 19.12
CBB 63D E . -18.32 9.06 18.30
CAK 63D E . -18.94 9.15 17.05
CAI 63D E . -17.55 10.10 18.80
CBA 63D E . -17.41 11.29 18.09
OAG 63D E . -16.66 12.32 18.60
CAJ 63D E . -18.06 11.39 16.87
CBC 63D E . -18.87 10.38 16.36
OAX 63D E . -19.34 10.65 15.12
CAV 63D E . -19.96 9.70 14.28
CAU 63D E . -19.65 10.30 12.91
CAT 63D E . -20.13 9.50 11.72
CAS 63D E . -19.75 10.34 10.50
CAR 63D E . -20.13 9.64 9.20
CAQ 63D E . -21.61 9.40 9.28
CAP 63D E . -22.09 8.76 8.01
CAO 63D E . -23.59 8.50 8.23
CAN 63D E . -23.76 7.51 9.38
CAA 63D E . -25.25 7.23 9.58
OAC 63D F . -21.94 6.97 -13.00
CAZ 63D F . -22.38 5.79 -12.88
OAF 63D F . -21.66 4.98 -12.27
CBF 63D F . -23.57 5.47 -13.55
CAM 63D F . -23.88 6.57 -14.32
CBG 63D F . -24.89 6.65 -15.22
SBH 63D F . -24.98 8.28 -15.94
OAD 63D F . -23.59 8.75 -16.38
OAE 63D F . -26.00 8.43 -17.08
NAB 63D F . -25.40 9.19 -14.74
CBD 63D F . -25.74 5.55 -15.32
CL1 63D F . -27.06 5.59 -16.36
CAL 63D F . -25.46 4.40 -14.55
CBE 63D F . -24.36 4.28 -13.69
OAY 63D F . -24.25 3.13 -12.89
CAW 63D F . -23.33 2.96 -11.77
CBB 63D F . -23.50 1.83 -10.96
CAK 63D F . -23.86 1.89 -9.60
CAI 63D F . -23.21 0.60 -11.57
CBA 63D F . -23.33 -0.59 -10.86
OAG 63D F . -23.05 -1.77 -11.48
CAJ 63D F . -23.72 -0.53 -9.52
CBC 63D F . -24.05 0.69 -8.91
OAX 63D F . -24.34 0.55 -7.59
CAV 63D F . -24.47 1.63 -6.69
CAU 63D F . -24.28 0.91 -5.35
CAT 63D F . -24.22 1.82 -4.13
CAS 63D F . -24.11 0.87 -2.92
CAR 63D F . -23.95 1.63 -1.63
CAQ 63D F . -25.11 2.60 -1.54
CAP 63D F . -25.02 3.33 -0.23
CAO 63D F . -26.15 4.34 -0.17
CAN 63D F . -25.89 5.36 -1.27
CAA 63D F . -27.01 6.40 -1.28
OAC 63D G . 15.78 -14.98 -16.68
CAZ 63D G . 16.22 -13.89 -17.16
OAF 63D G . 15.98 -12.85 -16.54
CBF 63D G . 17.05 -14.02 -18.33
CAM 63D G . 17.23 -15.36 -18.52
CBG 63D G . 17.91 -16.04 -19.49
SBH 63D G . 17.80 -17.79 -19.21
OAD 63D G . 16.32 -18.16 -18.97
OAE 63D G . 18.42 -18.71 -20.29
NAB 63D G . 18.59 -18.01 -17.83
CBD 63D G . 18.61 -15.29 -20.44
CL1 63D G . 19.52 -16.02 -21.70
CAL 63D G . 18.47 -13.88 -20.30
CBE 63D G . 17.73 -13.23 -19.30
OAY 63D G . 17.76 -11.82 -19.26
CAW 63D G . 17.12 -11.02 -18.22
CBB 63D G . 17.61 -9.70 -18.10
CAK 63D G . 18.23 -9.15 -16.95
CAI 63D G . 17.41 -8.89 -19.22
CBA 63D G . 17.84 -7.57 -19.26
OAG 63D G . 17.62 -6.84 -20.39
CAJ 63D G . 18.47 -7.02 -18.15
CBC 63D G . 18.70 -7.80 -17.01
OAX 63D G . 19.31 -7.10 -15.99
CAV 63D G . 19.58 -7.60 -14.68
CAU 63D G . 19.87 -6.32 -13.89
CAT 63D G . 20.22 -6.49 -12.42
CAS 63D G . 20.48 -5.06 -12.02
CAR 63D G . 20.96 -4.86 -10.61
CAQ 63D G . 22.21 -5.72 -10.61
CAP 63D G . 22.99 -5.55 -9.34
CAO 63D G . 24.18 -6.51 -9.34
CAN 63D G . 23.60 -7.94 -9.30
CAA 63D G . 24.72 -8.96 -9.26
OAC 63D H . 24.65 4.20 8.03
CAZ 63D H . 24.64 3.14 8.69
OAF 63D H . 23.90 2.23 8.26
CBF 63D H . 25.51 3.08 9.84
CAM 63D H . 26.18 4.31 9.97
CBG 63D H . 27.09 4.64 10.98
SBH 63D H . 27.81 6.29 10.85
OAD 63D H . 26.71 7.33 10.72
OAE 63D H . 28.69 6.71 12.01
NAB 63D H . 28.65 6.30 9.58
CBD 63D H . 27.38 3.66 11.92
CL1 63D H . 28.49 3.92 13.17
CAL 63D H . 26.74 2.41 11.84
CBE 63D H . 25.80 2.09 10.84
OAY 63D H . 25.29 0.80 10.90
CAW 63D H . 24.37 0.21 9.95
CBB 63D H . 24.08 -1.10 10.20
CAK 63D H . 24.13 -2.04 9.17
CAI 63D H . 23.69 -1.47 11.49
CBA 63D H . 23.36 -2.79 11.77
OAG 63D H . 22.99 -3.13 13.04
CAJ 63D H . 23.45 -3.74 10.76
CBC 63D H . 23.89 -3.37 9.48
OAX 63D H . 23.87 -4.34 8.54
CAV 63D H . 24.10 -3.93 7.20
CAU 63D H . 23.49 -5.11 6.47
CAT 63D H . 23.52 -4.99 4.96
CAS 63D H . 22.92 -6.32 4.51
CAR 63D H . 22.90 -6.36 3.02
CAQ 63D H . 24.33 -6.11 2.56
CAP 63D H . 24.34 -6.21 1.06
CAO 63D H . 25.74 -5.88 0.54
CAN 63D H . 26.06 -4.42 0.86
CAA 63D H . 27.46 -4.09 0.34
#